data_8QXI
#
_entry.id   8QXI
#
_entity_poly.entity_id   1
_entity_poly.type   'polypeptide(L)'
_entity_poly.pdbx_seq_one_letter_code
;GAMDFAIGDRVRLAAQPPYLKSADPLPMLRPPDLLAVGEQGTITGLRPGGYWVVLFDRGSFLLDTQFLSKVESGASSSEG
;
_entity_poly.pdbx_strand_id   A
#
# COMPACT_ATOMS: atom_id res chain seq x y z
N MET A 3 17.51 8.12 7.21
CA MET A 3 16.17 8.04 6.65
C MET A 3 15.92 9.19 5.67
N ASP A 4 14.64 9.51 5.45
CA ASP A 4 14.28 10.59 4.55
C ASP A 4 12.77 10.82 4.57
N PHE A 5 12.00 9.75 4.37
CA PHE A 5 10.55 9.83 4.37
C PHE A 5 9.99 9.72 5.79
N ALA A 6 10.82 9.24 6.70
CA ALA A 6 10.41 9.07 8.09
C ALA A 6 9.25 8.09 8.21
N ILE A 7 9.56 6.81 8.21
CA ILE A 7 8.53 5.78 8.32
C ILE A 7 9.15 4.41 8.60
N GLY A 8 10.34 4.18 8.05
CA GLY A 8 11.02 2.92 8.26
C GLY A 8 10.37 1.78 7.50
N ASP A 9 9.25 2.06 6.84
CA ASP A 9 8.53 1.07 6.08
C ASP A 9 8.00 1.65 4.77
N ARG A 10 8.58 1.22 3.66
CA ARG A 10 8.16 1.71 2.35
C ARG A 10 7.19 0.73 1.68
N VAL A 11 6.13 1.27 1.08
CA VAL A 11 5.14 0.44 0.40
C VAL A 11 5.44 0.32 -1.08
N ARG A 12 5.27 -0.88 -1.62
CA ARG A 12 5.53 -1.13 -3.03
C ARG A 12 4.67 -2.29 -3.54
N LEU A 13 4.74 -2.54 -4.84
CA LEU A 13 3.97 -3.62 -5.46
C LEU A 13 4.51 -4.97 -5.03
N ALA A 14 3.68 -6.01 -5.19
CA ALA A 14 4.07 -7.36 -4.82
C ALA A 14 2.92 -8.34 -5.06
N ALA A 15 2.63 -8.60 -6.34
CA ALA A 15 1.57 -9.51 -6.71
C ALA A 15 0.20 -8.92 -6.41
N GLN A 16 -0.60 -8.73 -7.46
CA GLN A 16 -1.94 -8.17 -7.31
C GLN A 16 -2.57 -8.60 -5.98
N PRO A 17 -3.24 -7.66 -5.31
CA PRO A 17 -3.90 -7.92 -4.03
C PRO A 17 -5.12 -8.82 -4.18
N PRO A 18 -5.38 -9.65 -3.15
CA PRO A 18 -6.51 -10.57 -3.15
C PRO A 18 -7.85 -9.86 -3.03
N TYR A 19 -7.94 -8.93 -2.08
CA TYR A 19 -9.17 -8.17 -1.86
C TYR A 19 -8.86 -6.80 -1.29
N LEU A 20 -7.60 -6.38 -1.40
CA LEU A 20 -7.17 -5.08 -0.90
C LEU A 20 -7.96 -4.70 0.35
N LYS A 21 -9.01 -3.91 0.16
CA LYS A 21 -9.84 -3.47 1.28
C LYS A 21 -10.00 -4.58 2.31
N SER A 22 -10.00 -4.20 3.58
CA SER A 22 -10.14 -5.17 4.67
C SER A 22 -11.61 -5.48 4.94
N ALA A 23 -12.47 -4.49 4.74
CA ALA A 23 -13.90 -4.65 4.95
C ALA A 23 -14.69 -3.59 4.19
N ASP A 24 -14.85 -2.42 4.80
CA ASP A 24 -15.59 -1.33 4.19
C ASP A 24 -15.06 0.01 4.67
N PRO A 25 -13.73 0.15 4.71
CA PRO A 25 -13.08 1.39 5.15
C PRO A 25 -13.27 2.54 4.16
N LEU A 26 -12.34 2.67 3.23
CA LEU A 26 -12.41 3.72 2.22
C LEU A 26 -13.40 3.36 1.12
N PRO A 27 -13.90 4.39 0.41
CA PRO A 27 -14.87 4.20 -0.68
C PRO A 27 -14.24 3.53 -1.90
N MET A 28 -12.91 3.44 -1.91
CA MET A 28 -12.20 2.82 -3.01
C MET A 28 -12.17 1.30 -2.86
N LEU A 29 -13.18 0.64 -3.42
CA LEU A 29 -13.28 -0.81 -3.36
C LEU A 29 -12.83 -1.45 -4.67
N ARG A 30 -13.12 -0.77 -5.78
CA ARG A 30 -12.74 -1.27 -7.10
C ARG A 30 -13.16 -0.29 -8.19
N PRO A 31 -12.48 0.87 -8.23
CA PRO A 31 -12.76 1.92 -9.22
C PRO A 31 -12.35 1.51 -10.63
N PRO A 32 -12.77 2.30 -11.63
CA PRO A 32 -12.45 2.05 -13.04
C PRO A 32 -10.98 2.26 -13.34
N ASP A 33 -10.25 2.82 -12.39
CA ASP A 33 -8.82 3.09 -12.55
C ASP A 33 -8.11 3.12 -11.20
N LEU A 34 -7.55 1.98 -10.80
CA LEU A 34 -6.84 1.90 -9.53
C LEU A 34 -5.42 2.41 -9.66
N LEU A 35 -4.56 2.03 -8.71
CA LEU A 35 -3.17 2.47 -8.73
C LEU A 35 -2.47 2.00 -10.00
N ALA A 36 -1.99 0.77 -9.99
CA ALA A 36 -1.29 0.20 -11.14
C ALA A 36 -0.23 1.17 -11.67
N VAL A 37 0.54 1.74 -10.76
CA VAL A 37 1.60 2.68 -11.13
C VAL A 37 2.09 3.46 -9.92
N GLY A 38 1.25 3.54 -8.89
CA GLY A 38 1.61 4.27 -7.68
C GLY A 38 2.33 3.39 -6.68
N GLU A 39 2.84 2.26 -7.14
CA GLU A 39 3.56 1.33 -6.27
C GLU A 39 4.32 2.08 -5.18
N GLN A 40 5.57 2.41 -5.46
CA GLN A 40 6.41 3.12 -4.51
C GLN A 40 5.58 4.09 -3.67
N GLY A 41 5.64 3.94 -2.36
CA GLY A 41 4.89 4.80 -1.46
C GLY A 41 5.34 4.68 -0.02
N THR A 42 4.77 5.51 0.85
CA THR A 42 5.11 5.50 2.26
C THR A 42 3.99 4.89 3.10
N ILE A 43 4.37 4.17 4.14
CA ILE A 43 3.39 3.54 5.03
C ILE A 43 3.48 4.10 6.44
N THR A 44 2.34 4.50 7.00
CA THR A 44 2.29 5.05 8.34
C THR A 44 1.08 4.53 9.11
N GLY A 45 1.00 3.21 9.26
CA GLY A 45 -0.10 2.61 9.97
C GLY A 45 0.35 1.81 11.18
N LEU A 46 -0.62 1.30 11.95
CA LEU A 46 -0.31 0.51 13.14
C LEU A 46 0.22 1.40 14.25
N ARG A 47 1.38 2.01 14.03
CA ARG A 47 2.01 2.88 15.01
C ARG A 47 0.95 3.71 15.74
N PRO A 48 0.20 4.51 14.97
CA PRO A 48 -0.86 5.37 15.53
C PRO A 48 -2.05 4.57 16.03
N GLY A 49 -2.56 3.69 15.18
CA GLY A 49 -3.70 2.86 15.56
C GLY A 49 -3.46 1.39 15.30
N GLY A 50 -4.07 0.88 14.24
CA GLY A 50 -3.92 -0.53 13.91
C GLY A 50 -4.23 -0.82 12.45
N TYR A 51 -4.21 0.21 11.62
CA TYR A 51 -4.50 0.07 10.20
C TYR A 51 -3.24 0.29 9.37
N TRP A 52 -3.44 0.60 8.09
CA TRP A 52 -2.32 0.83 7.17
C TRP A 52 -2.69 1.87 6.12
N VAL A 53 -1.80 2.84 5.93
CA VAL A 53 -2.04 3.90 4.95
C VAL A 53 -0.86 4.02 3.98
N VAL A 54 -1.16 3.96 2.69
CA VAL A 54 -0.13 4.05 1.66
C VAL A 54 -0.32 5.31 0.81
N LEU A 55 0.64 6.22 0.92
CA LEU A 55 0.59 7.48 0.16
C LEU A 55 1.51 7.42 -1.04
N PHE A 56 0.92 7.30 -2.23
CA PHE A 56 1.70 7.25 -3.47
C PHE A 56 1.17 8.25 -4.49
N ASP A 57 1.84 8.33 -5.64
CA ASP A 57 1.44 9.24 -6.69
C ASP A 57 -0.08 9.37 -6.75
N ARG A 58 -0.76 8.26 -6.98
CA ARG A 58 -2.21 8.24 -7.06
C ARG A 58 -2.82 9.09 -5.95
N GLY A 59 -2.23 9.02 -4.76
CA GLY A 59 -2.73 9.78 -3.63
C GLY A 59 -2.53 9.06 -2.32
N SER A 60 -3.56 8.37 -1.85
CA SER A 60 -3.49 7.65 -0.59
C SER A 60 -4.77 6.84 -0.35
N PHE A 61 -4.61 5.55 -0.10
CA PHE A 61 -5.75 4.67 0.14
C PHE A 61 -5.44 3.68 1.26
N LEU A 62 -6.49 3.10 1.83
CA LEU A 62 -6.33 2.12 2.90
C LEU A 62 -5.95 0.75 2.35
N LEU A 63 -5.21 -0.02 3.12
CA LEU A 63 -4.78 -1.35 2.71
C LEU A 63 -4.36 -2.19 3.91
N ASP A 64 -4.04 -3.45 3.67
CA ASP A 64 -3.63 -4.36 4.72
C ASP A 64 -2.16 -4.78 4.54
N THR A 65 -1.64 -5.51 5.52
CA THR A 65 -0.26 -5.97 5.47
C THR A 65 -0.07 -7.02 4.37
N GLN A 66 -1.16 -7.36 3.70
CA GLN A 66 -1.11 -8.35 2.62
C GLN A 66 0.22 -8.28 1.88
N PHE A 67 0.26 -7.46 0.84
CA PHE A 67 1.47 -7.32 0.04
C PHE A 67 1.41 -6.04 -0.80
N LEU A 68 0.53 -6.04 -1.79
CA LEU A 68 0.37 -4.88 -2.67
C LEU A 68 0.45 -3.58 -1.88
N SER A 69 1.37 -2.71 -2.27
CA SER A 69 1.55 -1.43 -1.60
C SER A 69 1.90 -1.63 -0.13
N LYS A 70 3.02 -2.32 0.12
CA LYS A 70 3.47 -2.58 1.48
C LYS A 70 4.56 -3.65 1.49
N VAL A 71 5.80 -3.22 1.21
CA VAL A 71 6.93 -4.13 1.19
C VAL A 71 6.76 -5.24 2.23
N GLU A 72 7.18 -4.94 3.45
CA GLU A 72 7.09 -5.92 4.54
C GLU A 72 7.97 -7.13 4.28
N SER A 73 7.52 -7.99 3.36
CA SER A 73 8.25 -9.20 3.02
C SER A 73 9.76 -8.91 2.94
N GLY A 74 10.10 -7.65 2.68
CA GLY A 74 11.49 -7.27 2.59
C GLY A 74 12.08 -7.54 1.22
N ALA A 75 11.27 -8.09 0.33
CA ALA A 75 11.71 -8.41 -1.03
C ALA A 75 10.57 -8.97 -1.87
N SER A 76 9.67 -8.08 -2.28
CA SER A 76 8.52 -8.49 -3.09
C SER A 76 8.40 -7.62 -4.34
N SER A 77 9.26 -7.87 -5.32
CA SER A 77 9.24 -7.11 -6.56
C SER A 77 9.93 -7.89 -7.67
N SER A 78 9.85 -7.35 -8.89
CA SER A 78 10.45 -8.00 -10.05
C SER A 78 11.14 -6.97 -10.95
N GLU A 79 11.38 -5.79 -10.40
CA GLU A 79 12.03 -4.72 -11.16
C GLU A 79 11.20 -4.33 -12.38
N GLY A 80 11.71 -3.40 -13.17
CA GLY A 80 10.99 -2.96 -14.36
C GLY A 80 10.91 -4.04 -15.41
N MET A 3 16.85 6.92 8.84
CA MET A 3 16.66 5.52 8.49
C MET A 3 17.36 5.19 7.17
N ASP A 4 17.05 4.02 6.63
CA ASP A 4 17.64 3.59 5.36
C ASP A 4 17.52 4.67 4.30
N PHE A 5 16.29 5.10 4.04
CA PHE A 5 16.03 6.12 3.04
C PHE A 5 15.66 7.45 3.71
N ALA A 6 14.35 7.69 3.82
CA ALA A 6 13.85 8.91 4.45
C ALA A 6 12.73 8.61 5.43
N ILE A 7 12.66 7.36 5.88
CA ILE A 7 11.64 6.95 6.82
C ILE A 7 11.86 5.52 7.29
N GLY A 8 11.27 4.56 6.59
CA GLY A 8 11.42 3.16 6.94
C GLY A 8 10.33 2.29 6.37
N ASP A 9 9.11 2.83 6.31
CA ASP A 9 7.98 2.10 5.77
C ASP A 9 7.57 2.64 4.41
N ARG A 10 8.36 2.33 3.40
CA ARG A 10 8.09 2.80 2.04
C ARG A 10 7.18 1.81 1.30
N VAL A 11 5.99 2.29 0.92
CA VAL A 11 5.04 1.45 0.20
C VAL A 11 5.28 1.50 -1.30
N ARG A 12 4.91 0.43 -1.98
CA ARG A 12 5.08 0.33 -3.43
C ARG A 12 4.27 -0.81 -4.01
N LEU A 13 4.27 -0.92 -5.34
CA LEU A 13 3.54 -1.98 -6.02
C LEU A 13 3.87 -3.35 -5.42
N ALA A 14 2.85 -4.21 -5.33
CA ALA A 14 3.03 -5.54 -4.77
C ALA A 14 1.73 -6.34 -4.82
N ALA A 15 1.49 -7.01 -5.95
CA ALA A 15 0.29 -7.81 -6.11
C ALA A 15 -0.88 -6.95 -6.57
N GLN A 16 -2.08 -7.34 -6.17
CA GLN A 16 -3.29 -6.59 -6.54
C GLN A 16 -4.54 -7.34 -6.09
N PRO A 17 -4.91 -7.15 -4.82
CA PRO A 17 -6.09 -7.79 -4.24
C PRO A 17 -7.39 -7.23 -4.79
N PRO A 18 -8.41 -8.10 -4.94
CA PRO A 18 -9.71 -7.71 -5.46
C PRO A 18 -10.49 -6.83 -4.49
N TYR A 19 -10.60 -7.28 -3.25
CA TYR A 19 -11.32 -6.55 -2.22
C TYR A 19 -11.00 -7.09 -0.82
N LEU A 20 -9.82 -6.76 -0.31
CA LEU A 20 -9.40 -7.21 1.01
C LEU A 20 -9.78 -6.21 2.08
N LYS A 21 -8.84 -5.34 2.45
CA LYS A 21 -9.08 -4.33 3.46
C LYS A 21 -9.35 -4.97 4.82
N SER A 22 -9.81 -4.16 5.77
CA SER A 22 -10.09 -4.65 7.11
C SER A 22 -11.54 -5.13 7.21
N ALA A 23 -12.28 -4.98 6.13
CA ALA A 23 -13.67 -5.40 6.09
C ALA A 23 -14.34 -4.99 4.78
N ASP A 24 -14.64 -3.72 4.64
CA ASP A 24 -15.28 -3.21 3.43
C ASP A 24 -15.26 -1.68 3.40
N PRO A 25 -14.07 -1.10 3.65
CA PRO A 25 -13.90 0.36 3.66
C PRO A 25 -14.03 0.97 2.27
N LEU A 26 -12.91 1.09 1.57
CA LEU A 26 -12.88 1.65 0.22
C LEU A 26 -13.11 0.57 -0.83
N PRO A 27 -13.32 1.00 -2.08
CA PRO A 27 -13.54 0.08 -3.20
C PRO A 27 -12.28 -0.69 -3.58
N MET A 28 -11.16 -0.30 -3.00
CA MET A 28 -9.88 -0.95 -3.27
C MET A 28 -9.73 -1.23 -4.76
N LEU A 29 -9.01 -2.30 -5.08
CA LEU A 29 -8.78 -2.68 -6.48
C LEU A 29 -10.10 -3.04 -7.16
N ARG A 30 -10.53 -2.19 -8.08
CA ARG A 30 -11.77 -2.43 -8.81
C ARG A 30 -11.83 -1.56 -10.07
N PRO A 31 -11.92 -0.24 -9.87
CA PRO A 31 -11.99 0.73 -10.98
C PRO A 31 -10.67 0.83 -11.73
N PRO A 32 -10.73 1.43 -12.93
CA PRO A 32 -9.55 1.62 -13.78
C PRO A 32 -8.56 2.63 -13.20
N ASP A 33 -8.99 3.32 -12.15
CA ASP A 33 -8.13 4.31 -11.51
C ASP A 33 -7.72 3.84 -10.11
N LEU A 34 -6.49 3.38 -10.00
CA LEU A 34 -5.96 2.90 -8.72
C LEU A 34 -4.44 3.05 -8.66
N LEU A 35 -3.81 2.25 -7.82
CA LEU A 35 -2.36 2.29 -7.66
C LEU A 35 -1.68 1.32 -8.63
N ALA A 36 -1.45 1.78 -9.86
CA ALA A 36 -0.80 0.95 -10.87
C ALA A 36 0.29 1.73 -11.59
N VAL A 37 0.47 2.99 -11.21
CA VAL A 37 1.49 3.84 -11.81
C VAL A 37 2.84 3.67 -11.13
N GLY A 38 3.23 2.40 -10.94
CA GLY A 38 4.50 2.12 -10.30
C GLY A 38 4.42 2.20 -8.79
N GLU A 39 3.41 2.92 -8.29
CA GLU A 39 3.22 3.07 -6.86
C GLU A 39 4.44 3.73 -6.22
N GLN A 40 4.21 4.50 -5.16
CA GLN A 40 5.29 5.19 -4.46
C GLN A 40 4.73 6.10 -3.37
N GLY A 41 4.71 5.59 -2.14
CA GLY A 41 4.20 6.37 -1.03
C GLY A 41 4.67 5.84 0.31
N THR A 42 4.34 6.56 1.38
CA THR A 42 4.73 6.16 2.72
C THR A 42 3.52 5.80 3.57
N ILE A 43 3.60 4.68 4.28
CA ILE A 43 2.51 4.23 5.14
C ILE A 43 2.68 4.72 6.56
N THR A 44 1.64 5.32 7.11
CA THR A 44 1.68 5.84 8.48
C THR A 44 0.54 5.25 9.32
N GLY A 45 0.53 3.93 9.44
CA GLY A 45 -0.50 3.27 10.22
C GLY A 45 0.07 2.40 11.32
N LEU A 46 -0.80 1.83 12.14
CA LEU A 46 -0.38 0.97 13.25
C LEU A 46 0.22 1.80 14.37
N ARG A 47 1.13 2.70 14.03
CA ARG A 47 1.77 3.56 15.01
C ARG A 47 0.77 4.53 15.64
N PRO A 48 -0.01 5.20 14.79
CA PRO A 48 -1.02 6.16 15.24
C PRO A 48 -2.21 5.48 15.93
N GLY A 49 -2.73 4.45 15.30
CA GLY A 49 -3.85 3.72 15.87
C GLY A 49 -3.76 2.23 15.63
N GLY A 50 -4.71 1.68 14.88
CA GLY A 50 -4.72 0.26 14.60
C GLY A 50 -5.05 -0.05 13.15
N TYR A 51 -4.95 0.97 12.30
CA TYR A 51 -5.25 0.81 10.89
C TYR A 51 -4.01 1.06 10.04
N TRP A 52 -4.16 0.98 8.72
CA TRP A 52 -3.06 1.20 7.80
C TRP A 52 -3.38 2.32 6.82
N VAL A 53 -2.58 3.38 6.83
CA VAL A 53 -2.78 4.51 5.94
C VAL A 53 -1.60 4.67 4.97
N VAL A 54 -1.87 4.47 3.69
CA VAL A 54 -0.84 4.59 2.66
C VAL A 54 -1.05 5.84 1.81
N LEU A 55 -0.12 6.78 1.92
CA LEU A 55 -0.21 8.03 1.16
C LEU A 55 0.70 7.98 -0.07
N PHE A 56 0.09 7.77 -1.24
CA PHE A 56 0.85 7.70 -2.49
C PHE A 56 0.21 8.61 -3.55
N ASP A 57 0.84 8.67 -4.72
CA ASP A 57 0.35 9.50 -5.80
C ASP A 57 -1.17 9.47 -5.86
N ARG A 58 -1.73 8.26 -6.01
CA ARG A 58 -3.18 8.09 -6.08
C ARG A 58 -3.88 8.96 -5.04
N GLY A 59 -3.27 9.08 -3.86
CA GLY A 59 -3.85 9.89 -2.81
C GLY A 59 -3.59 9.30 -1.42
N SER A 60 -4.61 8.66 -0.86
CA SER A 60 -4.49 8.05 0.46
C SER A 60 -5.67 7.12 0.73
N PHE A 61 -5.36 5.84 0.93
CA PHE A 61 -6.39 4.84 1.21
C PHE A 61 -5.90 3.80 2.21
N LEU A 62 -6.83 3.05 2.78
CA LEU A 62 -6.49 2.01 3.75
C LEU A 62 -5.99 0.76 3.05
N LEU A 63 -5.10 0.01 3.72
CA LEU A 63 -4.56 -1.22 3.16
C LEU A 63 -3.97 -2.08 4.26
N ASP A 64 -4.59 -3.22 4.51
CA ASP A 64 -4.12 -4.16 5.54
C ASP A 64 -2.63 -4.42 5.39
N THR A 65 -2.06 -5.13 6.35
CA THR A 65 -0.63 -5.45 6.33
C THR A 65 -0.32 -6.47 5.23
N GLN A 66 -1.35 -6.87 4.50
CA GLN A 66 -1.19 -7.85 3.42
C GLN A 66 0.17 -7.69 2.76
N PHE A 67 0.23 -6.88 1.71
CA PHE A 67 1.48 -6.65 0.98
C PHE A 67 1.36 -5.44 0.08
N LEU A 68 0.55 -5.57 -0.98
CA LEU A 68 0.36 -4.48 -1.93
C LEU A 68 0.39 -3.13 -1.23
N SER A 69 1.18 -2.20 -1.77
CA SER A 69 1.31 -0.87 -1.19
C SER A 69 1.89 -0.95 0.22
N LYS A 70 3.10 -1.50 0.33
CA LYS A 70 3.77 -1.63 1.62
C LYS A 70 4.93 -2.61 1.52
N VAL A 71 6.06 -2.15 0.99
CA VAL A 71 7.25 -2.98 0.85
C VAL A 71 7.70 -3.52 2.20
N GLU A 72 7.99 -4.82 2.25
CA GLU A 72 8.44 -5.45 3.49
C GLU A 72 8.76 -6.92 3.25
N SER A 73 7.96 -7.57 2.42
CA SER A 73 8.15 -8.99 2.12
C SER A 73 9.58 -9.25 1.64
N GLY A 74 10.14 -8.27 0.94
CA GLY A 74 11.49 -8.41 0.44
C GLY A 74 11.76 -7.55 -0.78
N ALA A 75 11.19 -6.35 -0.78
CA ALA A 75 11.37 -5.42 -1.89
C ALA A 75 10.37 -5.72 -3.01
N SER A 76 9.79 -6.92 -2.98
CA SER A 76 8.84 -7.32 -4.00
C SER A 76 9.45 -7.26 -5.39
N SER A 77 8.78 -7.88 -6.36
CA SER A 77 9.26 -7.89 -7.74
C SER A 77 10.60 -8.61 -7.83
N SER A 78 10.87 -9.19 -9.00
CA SER A 78 12.11 -9.91 -9.21
C SER A 78 12.65 -9.65 -10.62
N GLU A 79 12.00 -8.74 -11.33
CA GLU A 79 12.42 -8.40 -12.69
C GLU A 79 11.73 -7.12 -13.16
N GLY A 80 10.49 -7.25 -13.61
CA GLY A 80 9.75 -6.10 -14.08
C GLY A 80 10.43 -5.40 -15.25
N MET A 3 17.17 7.82 10.37
CA MET A 3 16.54 6.55 10.01
C MET A 3 17.39 5.80 8.99
N ASP A 4 17.05 5.96 7.71
CA ASP A 4 17.79 5.28 6.64
C ASP A 4 17.20 5.64 5.28
N PHE A 5 15.95 5.24 5.06
CA PHE A 5 15.26 5.51 3.81
C PHE A 5 14.57 6.88 3.84
N ALA A 6 14.49 7.46 5.03
CA ALA A 6 13.86 8.76 5.19
C ALA A 6 12.36 8.69 4.88
N ILE A 7 11.63 7.95 5.69
CA ILE A 7 10.19 7.79 5.50
C ILE A 7 9.55 7.02 6.65
N GLY A 8 10.32 6.10 7.22
CA GLY A 8 9.82 5.30 8.33
C GLY A 8 9.12 4.04 7.86
N ASP A 9 8.78 3.98 6.58
CA ASP A 9 8.12 2.82 6.01
C ASP A 9 7.87 3.02 4.52
N ARG A 10 8.55 2.22 3.70
CA ARG A 10 8.41 2.30 2.26
C ARG A 10 7.29 1.39 1.76
N VAL A 11 6.40 1.94 0.95
CA VAL A 11 5.28 1.17 0.41
C VAL A 11 5.14 1.38 -1.09
N ARG A 12 5.17 0.28 -1.84
CA ARG A 12 5.05 0.34 -3.29
C ARG A 12 4.21 -0.83 -3.81
N LEU A 13 3.86 -0.76 -5.10
CA LEU A 13 3.06 -1.81 -5.72
C LEU A 13 3.47 -3.19 -5.20
N ALA A 14 2.55 -4.15 -5.31
CA ALA A 14 2.82 -5.51 -4.84
C ALA A 14 1.62 -6.41 -5.10
N ALA A 15 1.61 -7.08 -6.25
CA ALA A 15 0.53 -7.98 -6.61
C ALA A 15 -0.82 -7.33 -6.38
N GLN A 16 -1.41 -6.80 -7.45
CA GLN A 16 -2.70 -6.14 -7.38
C GLN A 16 -3.60 -6.82 -6.34
N PRO A 17 -4.32 -6.00 -5.55
CA PRO A 17 -5.22 -6.49 -4.51
C PRO A 17 -6.45 -7.18 -5.09
N PRO A 18 -6.67 -8.44 -4.67
CA PRO A 18 -7.81 -9.24 -5.13
C PRO A 18 -9.13 -8.72 -4.59
N TYR A 19 -9.20 -8.53 -3.28
CA TYR A 19 -10.42 -8.04 -2.63
C TYR A 19 -10.13 -7.61 -1.20
N LEU A 20 -8.91 -7.16 -0.95
CA LEU A 20 -8.51 -6.72 0.38
C LEU A 20 -9.56 -5.78 0.98
N LYS A 21 -10.39 -5.20 0.12
CA LYS A 21 -11.44 -4.29 0.56
C LYS A 21 -10.84 -3.11 1.33
N SER A 22 -10.97 -1.92 0.78
CA SER A 22 -10.45 -0.71 1.42
C SER A 22 -10.57 -0.82 2.94
N ALA A 23 -11.65 -1.42 3.41
CA ALA A 23 -11.88 -1.59 4.84
C ALA A 23 -13.34 -1.90 5.14
N ASP A 24 -14.24 -1.11 4.54
CA ASP A 24 -15.67 -1.30 4.74
C ASP A 24 -16.44 -0.05 4.32
N PRO A 25 -16.24 1.04 5.07
CA PRO A 25 -16.90 2.32 4.79
C PRO A 25 -16.40 2.97 3.51
N LEU A 26 -15.33 2.43 2.95
CA LEU A 26 -14.75 2.97 1.72
C LEU A 26 -15.39 2.31 0.50
N PRO A 27 -15.22 2.94 -0.66
CA PRO A 27 -15.76 2.45 -1.93
C PRO A 27 -15.04 1.19 -2.41
N MET A 28 -13.92 0.87 -1.78
CA MET A 28 -13.14 -0.31 -2.14
C MET A 28 -12.78 -0.29 -3.61
N LEU A 29 -11.82 -1.14 -4.00
CA LEU A 29 -11.38 -1.21 -5.39
C LEU A 29 -12.58 -1.38 -6.32
N ARG A 30 -12.29 -1.55 -7.61
CA ARG A 30 -13.33 -1.72 -8.61
C ARG A 30 -12.76 -2.30 -9.90
N PRO A 31 -11.91 -1.52 -10.58
CA PRO A 31 -11.29 -1.93 -11.84
C PRO A 31 -10.25 -3.04 -11.63
N PRO A 32 -9.82 -3.67 -12.73
CA PRO A 32 -8.83 -4.75 -12.69
C PRO A 32 -7.44 -4.24 -12.33
N ASP A 33 -7.28 -2.92 -12.29
CA ASP A 33 -6.00 -2.32 -11.95
C ASP A 33 -6.20 -0.91 -11.40
N LEU A 34 -5.77 -0.69 -10.16
CA LEU A 34 -5.89 0.61 -9.52
C LEU A 34 -4.77 0.84 -8.52
N LEU A 35 -4.12 2.00 -8.62
CA LEU A 35 -3.03 2.35 -7.72
C LEU A 35 -1.93 1.28 -7.77
N ALA A 36 -1.02 1.44 -8.74
CA ALA A 36 0.08 0.50 -8.89
C ALA A 36 0.88 0.80 -10.16
N VAL A 37 0.95 2.07 -10.52
CA VAL A 37 1.68 2.49 -11.72
C VAL A 37 3.08 2.96 -11.36
N GLY A 38 3.53 2.63 -10.16
CA GLY A 38 4.85 3.03 -9.71
C GLY A 38 4.84 4.37 -9.01
N GLU A 39 3.69 4.77 -8.49
CA GLU A 39 3.55 6.03 -7.79
C GLU A 39 4.26 5.99 -6.45
N GLN A 40 4.39 4.80 -5.89
CA GLN A 40 5.04 4.62 -4.60
C GLN A 40 4.47 5.58 -3.56
N GLY A 41 4.92 5.43 -2.31
CA GLY A 41 4.44 6.29 -1.24
C GLY A 41 4.91 5.84 0.12
N THR A 42 4.60 6.62 1.15
CA THR A 42 4.99 6.30 2.51
C THR A 42 3.80 5.92 3.36
N ILE A 43 3.90 4.79 4.07
CA ILE A 43 2.82 4.31 4.92
C ILE A 43 3.01 4.79 6.36
N THR A 44 1.93 5.30 6.95
CA THR A 44 1.97 5.79 8.32
C THR A 44 0.77 5.31 9.12
N GLY A 45 0.62 3.98 9.21
CA GLY A 45 -0.49 3.42 9.95
C GLY A 45 -0.03 2.52 11.08
N LEU A 46 -0.98 2.05 11.89
CA LEU A 46 -0.67 1.18 13.02
C LEU A 46 -0.01 1.96 14.14
N ARG A 47 1.16 2.53 13.85
CA ARG A 47 1.91 3.30 14.83
C ARG A 47 0.96 4.02 15.78
N PRO A 48 0.09 4.87 15.22
CA PRO A 48 -0.89 5.64 15.99
C PRO A 48 -1.98 4.76 16.58
N GLY A 49 -2.33 3.70 15.88
CA GLY A 49 -3.36 2.79 16.35
C GLY A 49 -3.30 1.43 15.68
N GLY A 50 -4.14 1.24 14.66
CA GLY A 50 -4.16 -0.03 13.95
C GLY A 50 -4.78 0.09 12.57
N TYR A 51 -4.45 1.17 11.86
CA TYR A 51 -4.99 1.40 10.53
C TYR A 51 -3.87 1.76 9.55
N TRP A 52 -3.62 0.86 8.60
CA TRP A 52 -2.58 1.07 7.60
C TRP A 52 -2.98 2.19 6.64
N VAL A 53 -2.17 3.25 6.61
CA VAL A 53 -2.43 4.39 5.74
C VAL A 53 -1.27 4.63 4.79
N VAL A 54 -1.52 4.47 3.50
CA VAL A 54 -0.49 4.67 2.49
C VAL A 54 -0.71 5.98 1.73
N LEU A 55 0.28 6.86 1.77
CA LEU A 55 0.19 8.15 1.08
C LEU A 55 1.05 8.15 -0.18
N PHE A 56 0.44 7.76 -1.29
CA PHE A 56 1.15 7.73 -2.58
C PHE A 56 0.60 8.77 -3.53
N ASP A 57 1.19 8.85 -4.72
CA ASP A 57 0.75 9.82 -5.73
C ASP A 57 -0.72 9.60 -6.08
N ARG A 58 -1.26 8.46 -5.68
CA ARG A 58 -2.66 8.13 -5.95
C ARG A 58 -3.56 8.66 -4.83
N GLY A 59 -2.95 9.15 -3.76
CA GLY A 59 -3.71 9.66 -2.64
C GLY A 59 -3.64 8.76 -1.43
N SER A 60 -4.51 9.01 -0.45
CA SER A 60 -4.54 8.22 0.77
C SER A 60 -5.54 7.07 0.64
N PHE A 61 -5.08 5.86 0.98
CA PHE A 61 -5.93 4.68 0.90
C PHE A 61 -5.44 3.59 1.85
N LEU A 62 -6.37 3.00 2.59
CA LEU A 62 -6.03 1.95 3.54
C LEU A 62 -5.46 0.73 2.83
N LEU A 63 -4.56 0.02 3.50
CA LEU A 63 -3.94 -1.16 2.94
C LEU A 63 -3.27 -2.01 4.02
N ASP A 64 -3.84 -3.17 4.30
CA ASP A 64 -3.30 -4.07 5.32
C ASP A 64 -1.88 -4.49 4.97
N THR A 65 -1.27 -5.28 5.84
CA THR A 65 0.09 -5.75 5.63
C THR A 65 0.14 -6.78 4.50
N GLN A 66 -1.03 -7.13 3.97
CA GLN A 66 -1.11 -8.11 2.89
C GLN A 66 0.17 -8.13 2.07
N PHE A 67 0.22 -7.32 1.02
CA PHE A 67 1.39 -7.24 0.16
C PHE A 67 1.57 -5.84 -0.40
N LEU A 68 0.58 -5.38 -1.16
CA LEU A 68 0.63 -4.05 -1.77
C LEU A 68 1.03 -3.00 -0.72
N SER A 69 1.87 -2.07 -1.15
CA SER A 69 2.33 -1.01 -0.25
C SER A 69 2.88 -1.59 1.05
N LYS A 70 4.08 -2.17 0.97
CA LYS A 70 4.71 -2.76 2.14
C LYS A 70 5.95 -3.56 1.74
N VAL A 71 6.94 -2.87 1.18
CA VAL A 71 8.18 -3.51 0.75
C VAL A 71 8.78 -4.34 1.87
N GLU A 72 8.49 -5.63 1.88
CA GLU A 72 9.01 -6.53 2.90
C GLU A 72 9.82 -7.66 2.28
N SER A 73 9.36 -8.15 1.12
CA SER A 73 10.03 -9.24 0.44
C SER A 73 11.46 -8.84 0.07
N GLY A 74 11.77 -7.55 0.22
CA GLY A 74 13.09 -7.06 -0.10
C GLY A 74 13.25 -6.73 -1.58
N ALA A 75 12.16 -6.84 -2.31
CA ALA A 75 12.18 -6.54 -3.75
C ALA A 75 10.96 -7.13 -4.45
N SER A 76 9.77 -6.67 -4.05
CA SER A 76 8.53 -7.16 -4.63
C SER A 76 8.71 -7.43 -6.12
N SER A 77 9.02 -6.39 -6.88
CA SER A 77 9.21 -6.52 -8.32
C SER A 77 10.56 -7.15 -8.63
N SER A 78 10.94 -7.11 -9.90
CA SER A 78 12.21 -7.68 -10.34
C SER A 78 12.21 -7.94 -11.85
N GLU A 79 11.01 -8.02 -12.42
CA GLU A 79 10.86 -8.26 -13.85
C GLU A 79 10.01 -7.18 -14.51
N GLY A 80 8.85 -6.91 -13.92
CA GLY A 80 7.97 -5.90 -14.45
C GLY A 80 6.89 -6.47 -15.33
N MET A 3 16.77 6.00 9.19
CA MET A 3 15.98 4.89 8.69
C MET A 3 16.68 4.20 7.51
N ASP A 4 16.30 4.57 6.30
CA ASP A 4 16.89 4.00 5.10
C ASP A 4 16.79 4.97 3.92
N PHE A 5 15.57 5.35 3.58
CA PHE A 5 15.34 6.26 2.47
C PHE A 5 15.04 7.67 2.99
N ALA A 6 13.76 7.98 3.13
CA ALA A 6 13.34 9.30 3.61
C ALA A 6 12.19 9.18 4.61
N ILE A 7 12.06 8.00 5.21
CA ILE A 7 11.01 7.75 6.19
C ILE A 7 11.17 6.38 6.83
N GLY A 8 11.69 5.42 6.07
CA GLY A 8 11.88 4.08 6.58
C GLY A 8 10.63 3.25 6.50
N ASP A 9 9.55 3.85 6.04
CA ASP A 9 8.28 3.15 5.90
C ASP A 9 7.63 3.42 4.54
N ARG A 10 8.19 2.80 3.50
CA ARG A 10 7.69 2.97 2.15
C ARG A 10 6.74 1.83 1.77
N VAL A 11 6.05 1.99 0.65
CA VAL A 11 5.11 0.98 0.18
C VAL A 11 5.10 0.91 -1.35
N ARG A 12 4.77 -0.27 -1.88
CA ARG A 12 4.72 -0.47 -3.32
C ARG A 12 3.78 -1.61 -3.68
N LEU A 13 3.58 -1.81 -4.97
CA LEU A 13 2.70 -2.87 -5.45
C LEU A 13 3.27 -4.25 -5.12
N ALA A 14 2.41 -5.26 -5.11
CA ALA A 14 2.84 -6.63 -4.81
C ALA A 14 1.67 -7.59 -4.87
N ALA A 15 1.77 -8.61 -5.71
CA ALA A 15 0.72 -9.60 -5.86
C ALA A 15 -0.38 -9.11 -6.79
N GLN A 16 -0.41 -7.80 -7.02
CA GLN A 16 -1.41 -7.19 -7.89
C GLN A 16 -2.74 -7.93 -7.77
N PRO A 17 -3.51 -7.60 -6.74
CA PRO A 17 -4.82 -8.22 -6.49
C PRO A 17 -5.86 -7.79 -7.52
N PRO A 18 -6.80 -8.70 -7.81
CA PRO A 18 -7.88 -8.44 -8.79
C PRO A 18 -8.89 -7.42 -8.27
N TYR A 19 -9.38 -7.64 -7.06
CA TYR A 19 -10.36 -6.74 -6.46
C TYR A 19 -10.41 -6.92 -4.96
N LEU A 20 -9.24 -7.11 -4.35
CA LEU A 20 -9.15 -7.30 -2.90
C LEU A 20 -9.79 -6.12 -2.16
N LYS A 21 -9.78 -6.20 -0.83
CA LYS A 21 -10.34 -5.13 -0.01
C LYS A 21 -9.80 -5.20 1.42
N SER A 22 -10.44 -4.48 2.32
CA SER A 22 -10.01 -4.45 3.72
C SER A 22 -11.11 -3.89 4.62
N ALA A 23 -11.86 -2.93 4.09
CA ALA A 23 -12.95 -2.31 4.84
C ALA A 23 -13.58 -1.16 4.06
N ASP A 24 -12.76 -0.48 3.28
CA ASP A 24 -13.24 0.65 2.48
C ASP A 24 -13.65 1.82 3.37
N PRO A 25 -12.67 2.43 4.04
CA PRO A 25 -12.91 3.57 4.93
C PRO A 25 -13.31 4.83 4.18
N LEU A 26 -13.30 4.74 2.85
CA LEU A 26 -13.67 5.88 2.01
C LEU A 26 -13.22 5.65 0.57
N PRO A 27 -11.90 5.51 0.37
CA PRO A 27 -11.31 5.28 -0.95
C PRO A 27 -11.65 3.91 -1.51
N MET A 28 -10.79 2.94 -1.23
CA MET A 28 -10.99 1.57 -1.71
C MET A 28 -10.98 1.52 -3.24
N LEU A 29 -10.26 0.54 -3.78
CA LEU A 29 -10.18 0.38 -5.22
C LEU A 29 -11.57 0.32 -5.86
N ARG A 30 -11.61 -0.03 -7.15
CA ARG A 30 -12.88 -0.12 -7.86
C ARG A 30 -12.64 -0.24 -9.36
N PRO A 31 -11.99 0.79 -9.95
CA PRO A 31 -11.70 0.82 -11.38
C PRO A 31 -10.63 -0.18 -11.77
N PRO A 32 -10.52 -0.46 -13.09
CA PRO A 32 -9.54 -1.41 -13.62
C PRO A 32 -8.11 -0.89 -13.50
N ASP A 33 -7.97 0.39 -13.18
CA ASP A 33 -6.67 1.01 -13.04
C ASP A 33 -6.36 1.31 -11.57
N LEU A 34 -7.25 0.91 -10.69
CA LEU A 34 -7.08 1.12 -9.26
C LEU A 34 -5.61 1.01 -8.86
N LEU A 35 -5.10 2.05 -8.22
CA LEU A 35 -3.71 2.07 -7.78
C LEU A 35 -2.78 1.60 -8.90
N ALA A 36 -3.10 1.97 -10.13
CA ALA A 36 -2.30 1.59 -11.28
C ALA A 36 -0.98 2.34 -11.32
N VAL A 37 -0.79 3.24 -10.35
CA VAL A 37 0.43 4.03 -10.26
C VAL A 37 0.88 4.19 -8.81
N GLY A 38 0.19 3.49 -7.90
CA GLY A 38 0.54 3.56 -6.50
C GLY A 38 1.69 2.65 -6.14
N GLU A 39 2.56 2.38 -7.11
CA GLU A 39 3.70 1.50 -6.89
C GLU A 39 4.61 2.07 -5.80
N GLN A 40 4.34 3.30 -5.39
CA GLN A 40 5.14 3.96 -4.36
C GLN A 40 4.25 4.77 -3.41
N GLY A 41 4.35 4.48 -2.12
CA GLY A 41 3.55 5.19 -1.14
C GLY A 41 4.11 5.07 0.26
N THR A 42 3.87 6.08 1.08
CA THR A 42 4.36 6.08 2.46
C THR A 42 3.33 5.47 3.41
N ILE A 43 3.80 4.68 4.36
CA ILE A 43 2.92 4.04 5.33
C ILE A 43 3.09 4.65 6.72
N THR A 44 1.97 4.93 7.37
CA THR A 44 1.99 5.52 8.70
C THR A 44 0.86 4.97 9.57
N GLY A 45 0.87 3.65 9.75
CA GLY A 45 -0.16 3.03 10.57
C GLY A 45 0.40 2.35 11.80
N LEU A 46 -0.48 1.81 12.63
CA LEU A 46 -0.06 1.13 13.86
C LEU A 46 0.42 2.14 14.90
N ARG A 47 1.50 2.84 14.58
CA ARG A 47 2.06 3.83 15.48
C ARG A 47 0.96 4.57 16.23
N PRO A 48 0.08 5.25 15.48
CA PRO A 48 -1.04 6.00 16.05
C PRO A 48 -2.11 5.10 16.65
N GLY A 49 -2.56 4.12 15.87
CA GLY A 49 -3.57 3.20 16.35
C GLY A 49 -3.17 1.75 16.16
N GLY A 50 -3.76 1.10 15.15
CA GLY A 50 -3.45 -0.29 14.88
C GLY A 50 -3.79 -0.70 13.47
N TYR A 51 -3.92 0.29 12.59
CA TYR A 51 -4.25 0.03 11.18
C TYR A 51 -3.07 0.36 10.27
N TRP A 52 -3.35 0.48 8.98
CA TRP A 52 -2.31 0.80 8.01
C TRP A 52 -2.84 1.76 6.95
N VAL A 53 -2.07 2.80 6.65
CA VAL A 53 -2.46 3.79 5.65
C VAL A 53 -1.35 4.01 4.63
N VAL A 54 -1.63 3.70 3.37
CA VAL A 54 -0.66 3.86 2.31
C VAL A 54 -1.03 5.03 1.41
N LEU A 55 -0.20 6.08 1.43
CA LEU A 55 -0.45 7.26 0.61
C LEU A 55 0.29 7.16 -0.71
N PHE A 56 -0.46 7.02 -1.80
CA PHE A 56 0.13 6.92 -3.13
C PHE A 56 -0.59 7.84 -4.12
N ASP A 57 -0.12 7.84 -5.36
CA ASP A 57 -0.72 8.68 -6.39
C ASP A 57 -2.23 8.79 -6.20
N ARG A 58 -2.92 7.66 -6.25
CA ARG A 58 -4.36 7.64 -6.07
C ARG A 58 -4.78 8.51 -4.89
N GLY A 59 -3.99 8.46 -3.82
CA GLY A 59 -4.30 9.25 -2.64
C GLY A 59 -3.89 8.55 -1.36
N SER A 60 -4.77 7.72 -0.83
CA SER A 60 -4.50 6.99 0.40
C SER A 60 -5.66 6.07 0.76
N PHE A 61 -5.37 4.79 0.89
CA PHE A 61 -6.39 3.80 1.23
C PHE A 61 -5.89 2.85 2.32
N LEU A 62 -6.83 2.29 3.08
CA LEU A 62 -6.49 1.38 4.16
C LEU A 62 -6.03 0.03 3.62
N LEU A 63 -5.23 -0.67 4.40
CA LEU A 63 -4.72 -1.98 3.99
C LEU A 63 -4.12 -2.72 5.18
N ASP A 64 -3.69 -3.96 4.95
CA ASP A 64 -3.10 -4.78 5.99
C ASP A 64 -1.62 -5.02 5.72
N THR A 65 -0.93 -5.61 6.70
CA THR A 65 0.50 -5.89 6.56
C THR A 65 0.74 -7.00 5.54
N GLN A 66 -0.34 -7.53 4.99
CA GLN A 66 -0.25 -8.60 4.00
C GLN A 66 1.04 -8.48 3.19
N PHE A 67 0.97 -7.77 2.07
CA PHE A 67 2.12 -7.58 1.20
C PHE A 67 1.99 -6.28 0.41
N LEU A 68 0.98 -6.22 -0.45
CA LEU A 68 0.75 -5.04 -1.27
C LEU A 68 0.63 -3.79 -0.41
N SER A 69 1.18 -2.67 -0.90
CA SER A 69 1.14 -1.41 -0.17
C SER A 69 1.73 -1.57 1.23
N LYS A 70 2.99 -1.97 1.29
CA LYS A 70 3.67 -2.16 2.56
C LYS A 70 4.95 -2.98 2.38
N VAL A 71 6.02 -2.31 1.95
CA VAL A 71 7.29 -2.98 1.73
C VAL A 71 7.83 -3.59 3.03
N GLU A 72 8.19 -4.86 2.97
CA GLU A 72 8.70 -5.56 4.14
C GLU A 72 9.67 -6.68 3.72
N SER A 73 9.33 -7.37 2.64
CA SER A 73 10.17 -8.45 2.13
C SER A 73 11.54 -7.95 1.73
N GLY A 74 11.70 -6.62 1.72
CA GLY A 74 12.97 -6.03 1.34
C GLY A 74 13.11 -5.86 -0.15
N ALA A 75 12.00 -5.88 -0.86
CA ALA A 75 12.00 -5.73 -2.31
C ALA A 75 10.67 -6.19 -2.91
N SER A 76 10.30 -7.43 -2.62
CA SER A 76 9.05 -7.99 -3.15
C SER A 76 9.02 -7.91 -4.67
N SER A 77 10.17 -7.65 -5.27
CA SER A 77 10.27 -7.54 -6.72
C SER A 77 10.49 -8.91 -7.36
N SER A 78 10.51 -8.95 -8.68
CA SER A 78 10.69 -10.20 -9.41
C SER A 78 11.86 -10.08 -10.39
N GLU A 79 12.55 -8.94 -10.36
CA GLU A 79 13.68 -8.70 -11.23
C GLU A 79 14.68 -7.76 -10.59
N GLY A 80 15.71 -7.37 -11.35
CA GLY A 80 16.72 -6.47 -10.82
C GLY A 80 17.98 -7.20 -10.41
N MET A 3 15.53 9.43 10.25
CA MET A 3 15.48 8.15 9.55
C MET A 3 16.41 8.17 8.34
N ASP A 4 16.43 7.06 7.60
CA ASP A 4 17.28 6.95 6.42
C ASP A 4 16.67 7.69 5.23
N PHE A 5 15.35 7.73 5.20
CA PHE A 5 14.64 8.41 4.12
C PHE A 5 13.72 9.50 4.65
N ALA A 6 12.46 9.14 4.91
CA ALA A 6 11.49 10.09 5.43
C ALA A 6 10.44 9.38 6.30
N ILE A 7 10.79 8.20 6.77
CA ILE A 7 9.88 7.41 7.60
C ILE A 7 10.55 6.14 8.10
N GLY A 8 10.34 5.04 7.37
CA GLY A 8 10.93 3.77 7.75
C GLY A 8 10.42 2.62 6.91
N ASP A 9 9.24 2.79 6.33
CA ASP A 9 8.64 1.76 5.48
C ASP A 9 7.90 2.38 4.30
N ARG A 10 8.41 2.12 3.10
CA ARG A 10 7.80 2.65 1.88
C ARG A 10 6.82 1.64 1.28
N VAL A 11 6.08 2.08 0.27
CA VAL A 11 5.10 1.23 -0.39
C VAL A 11 5.13 1.42 -1.90
N ARG A 12 4.84 0.36 -2.64
CA ARG A 12 4.84 0.41 -4.10
C ARG A 12 4.29 -0.88 -4.68
N LEU A 13 4.15 -0.90 -6.01
CA LEU A 13 3.62 -2.08 -6.70
C LEU A 13 4.14 -3.36 -6.05
N ALA A 14 3.33 -4.41 -6.11
CA ALA A 14 3.70 -5.69 -5.53
C ALA A 14 2.51 -6.66 -5.52
N ALA A 15 2.15 -7.15 -6.70
CA ALA A 15 1.03 -8.08 -6.83
C ALA A 15 -0.30 -7.34 -6.91
N GLN A 16 -1.38 -8.03 -6.57
CA GLN A 16 -2.71 -7.44 -6.60
C GLN A 16 -3.54 -7.89 -5.41
N PRO A 17 -4.30 -6.95 -4.83
CA PRO A 17 -5.15 -7.24 -3.67
C PRO A 17 -6.35 -8.12 -4.03
N PRO A 18 -6.75 -8.98 -3.08
CA PRO A 18 -7.88 -9.89 -3.27
C PRO A 18 -9.22 -9.16 -3.32
N TYR A 19 -9.45 -8.32 -2.32
CA TYR A 19 -10.70 -7.55 -2.24
C TYR A 19 -10.95 -7.06 -0.82
N LEU A 20 -10.35 -5.92 -0.48
CA LEU A 20 -10.50 -5.35 0.85
C LEU A 20 -11.81 -4.56 0.95
N LYS A 21 -12.21 -4.25 2.18
CA LYS A 21 -13.44 -3.51 2.42
C LYS A 21 -13.92 -3.68 3.85
N SER A 22 -13.19 -3.09 4.79
CA SER A 22 -13.54 -3.19 6.20
C SER A 22 -14.70 -2.26 6.54
N ALA A 23 -15.90 -2.63 6.08
CA ALA A 23 -17.09 -1.83 6.34
C ALA A 23 -17.21 -0.69 5.33
N ASP A 24 -16.32 -0.66 4.36
CA ASP A 24 -16.32 0.37 3.33
C ASP A 24 -15.75 1.69 3.89
N PRO A 25 -14.53 1.62 4.43
CA PRO A 25 -13.86 2.79 5.00
C PRO A 25 -13.44 3.80 3.93
N LEU A 26 -13.54 3.39 2.67
CA LEU A 26 -13.18 4.26 1.56
C LEU A 26 -14.05 3.98 0.34
N PRO A 27 -14.31 5.04 -0.45
CA PRO A 27 -15.14 4.94 -1.66
C PRO A 27 -14.45 4.14 -2.76
N MET A 28 -13.17 3.87 -2.58
CA MET A 28 -12.40 3.12 -3.56
C MET A 28 -12.90 1.68 -3.67
N LEU A 29 -12.24 0.89 -4.50
CA LEU A 29 -12.62 -0.51 -4.69
C LEU A 29 -11.58 -1.25 -5.51
N ARG A 30 -12.02 -2.25 -6.27
CA ARG A 30 -11.12 -3.04 -7.10
C ARG A 30 -11.32 -2.73 -8.58
N PRO A 31 -10.93 -1.51 -8.99
CA PRO A 31 -11.07 -1.06 -10.37
C PRO A 31 -10.11 -1.80 -11.32
N PRO A 32 -10.35 -1.65 -12.63
CA PRO A 32 -9.52 -2.29 -13.66
C PRO A 32 -8.13 -1.67 -13.74
N ASP A 33 -7.93 -0.57 -13.04
CA ASP A 33 -6.65 0.12 -13.03
C ASP A 33 -6.40 0.80 -11.70
N LEU A 34 -5.34 0.37 -11.01
CA LEU A 34 -4.99 0.95 -9.72
C LEU A 34 -3.48 0.87 -9.47
N LEU A 35 -3.07 1.19 -8.25
CA LEU A 35 -1.66 1.16 -7.89
C LEU A 35 -0.94 0.03 -8.62
N ALA A 36 0.16 0.39 -9.30
CA ALA A 36 0.94 -0.61 -10.05
C ALA A 36 1.85 0.08 -11.06
N VAL A 37 1.49 1.30 -11.45
CA VAL A 37 2.26 2.05 -12.43
C VAL A 37 3.36 2.86 -11.75
N GLY A 38 4.16 2.18 -10.92
CA GLY A 38 5.24 2.85 -10.22
C GLY A 38 4.74 3.78 -9.15
N GLU A 39 3.48 3.62 -8.75
CA GLU A 39 2.87 4.46 -7.72
C GLU A 39 3.47 4.14 -6.34
N GLN A 40 4.45 4.93 -5.94
CA GLN A 40 5.10 4.74 -4.65
C GLN A 40 4.45 5.60 -3.57
N GLY A 41 4.54 5.16 -2.32
CA GLY A 41 3.96 5.91 -1.22
C GLY A 41 4.53 5.51 0.13
N THR A 42 4.13 6.21 1.17
CA THR A 42 4.60 5.92 2.52
C THR A 42 3.53 5.24 3.36
N ILE A 43 3.95 4.45 4.33
CA ILE A 43 3.02 3.75 5.20
C ILE A 43 3.21 4.15 6.66
N THR A 44 2.13 4.56 7.30
CA THR A 44 2.18 4.97 8.70
C THR A 44 1.04 4.35 9.51
N GLY A 45 1.01 3.02 9.54
CA GLY A 45 -0.03 2.31 10.27
C GLY A 45 0.53 1.53 11.44
N LEU A 46 -0.37 0.93 12.22
CA LEU A 46 0.03 0.15 13.38
C LEU A 46 0.53 1.05 14.51
N ARG A 47 1.64 1.74 14.25
CA ARG A 47 2.22 2.65 15.24
C ARG A 47 1.13 3.34 16.05
N PRO A 48 0.26 4.10 15.36
CA PRO A 48 -0.84 4.82 15.99
C PRO A 48 -1.92 3.90 16.52
N GLY A 49 -2.39 3.00 15.66
CA GLY A 49 -3.43 2.05 16.05
C GLY A 49 -3.05 0.62 15.75
N GLY A 50 -3.65 0.06 14.69
CA GLY A 50 -3.37 -1.31 14.32
C GLY A 50 -3.73 -1.60 12.87
N TYR A 51 -3.87 -0.54 12.08
CA TYR A 51 -4.22 -0.68 10.67
C TYR A 51 -3.04 -0.31 9.77
N TRP A 52 -3.33 0.03 8.52
CA TRP A 52 -2.29 0.41 7.56
C TRP A 52 -2.80 1.47 6.60
N VAL A 53 -2.02 2.53 6.43
CA VAL A 53 -2.40 3.62 5.54
C VAL A 53 -1.29 3.91 4.54
N VAL A 54 -1.63 3.82 3.25
CA VAL A 54 -0.66 4.08 2.19
C VAL A 54 -0.97 5.37 1.46
N LEU A 55 -0.07 6.34 1.56
CA LEU A 55 -0.26 7.63 0.90
C LEU A 55 0.66 7.77 -0.31
N PHE A 56 0.15 7.42 -1.48
CA PHE A 56 0.92 7.50 -2.71
C PHE A 56 0.24 8.42 -3.72
N ASP A 57 0.88 8.60 -4.87
CA ASP A 57 0.34 9.46 -5.92
C ASP A 57 -1.18 9.32 -6.00
N ARG A 58 -1.65 8.10 -6.23
CA ARG A 58 -3.08 7.84 -6.34
C ARG A 58 -3.86 8.59 -5.25
N GLY A 59 -3.27 8.66 -4.06
CA GLY A 59 -3.91 9.36 -2.96
C GLY A 59 -3.63 8.71 -1.62
N SER A 60 -4.65 8.11 -1.02
CA SER A 60 -4.50 7.45 0.27
C SER A 60 -5.65 6.48 0.53
N PHE A 61 -5.33 5.19 0.59
CA PHE A 61 -6.33 4.17 0.82
C PHE A 61 -5.84 3.15 1.85
N LEU A 62 -6.78 2.53 2.55
CA LEU A 62 -6.44 1.53 3.57
C LEU A 62 -6.01 0.22 2.92
N LEU A 63 -5.26 -0.58 3.65
CA LEU A 63 -4.78 -1.87 3.15
C LEU A 63 -4.19 -2.71 4.28
N ASP A 64 -3.77 -3.93 3.94
CA ASP A 64 -3.18 -4.82 4.92
C ASP A 64 -1.71 -5.07 4.61
N THR A 65 -1.02 -5.74 5.53
CA THR A 65 0.40 -6.04 5.37
C THR A 65 0.62 -7.07 4.27
N GLN A 66 -0.47 -7.50 3.63
CA GLN A 66 -0.39 -8.49 2.57
C GLN A 66 0.90 -8.33 1.77
N PHE A 67 0.85 -7.53 0.72
CA PHE A 67 2.01 -7.30 -0.12
C PHE A 67 1.85 -6.02 -0.95
N LEU A 68 0.92 -6.06 -1.89
CA LEU A 68 0.67 -4.91 -2.75
C LEU A 68 0.64 -3.62 -1.94
N SER A 69 1.35 -2.60 -2.41
CA SER A 69 1.42 -1.32 -1.73
C SER A 69 1.88 -1.50 -0.29
N LYS A 70 3.12 -1.93 -0.12
CA LYS A 70 3.69 -2.14 1.20
C LYS A 70 4.96 -3.01 1.13
N VAL A 71 6.06 -2.40 0.72
CA VAL A 71 7.33 -3.10 0.61
C VAL A 71 7.50 -4.12 1.74
N GLU A 72 7.65 -5.39 1.37
CA GLU A 72 7.82 -6.45 2.35
C GLU A 72 9.17 -7.12 2.21
N SER A 73 9.61 -7.29 0.97
CA SER A 73 10.90 -7.91 0.68
C SER A 73 12.03 -6.89 0.74
N GLY A 74 11.69 -5.68 1.16
CA GLY A 74 12.70 -4.63 1.25
C GLY A 74 12.91 -3.91 -0.07
N ALA A 75 12.13 -4.29 -1.07
CA ALA A 75 12.24 -3.68 -2.40
C ALA A 75 11.34 -4.38 -3.40
N SER A 76 11.37 -5.71 -3.39
CA SER A 76 10.55 -6.50 -4.31
C SER A 76 10.93 -6.20 -5.76
N SER A 77 11.06 -7.25 -6.56
CA SER A 77 11.41 -7.10 -7.97
C SER A 77 10.27 -6.42 -8.74
N SER A 78 10.33 -6.53 -10.06
CA SER A 78 9.32 -5.92 -10.92
C SER A 78 9.07 -6.78 -12.16
N GLU A 79 9.55 -8.02 -12.12
CA GLU A 79 9.39 -8.94 -13.23
C GLU A 79 9.38 -10.39 -12.75
N GLY A 80 9.67 -11.32 -13.66
CA GLY A 80 9.70 -12.73 -13.31
C GLY A 80 10.36 -12.97 -11.96
N MET A 3 16.75 5.58 10.35
CA MET A 3 16.21 4.51 9.51
C MET A 3 17.16 4.19 8.35
N ASP A 4 16.66 3.45 7.38
CA ASP A 4 17.45 3.07 6.22
C ASP A 4 17.38 4.15 5.13
N PHE A 5 16.16 4.59 4.82
CA PHE A 5 15.96 5.61 3.80
C PHE A 5 15.58 6.94 4.44
N ALA A 6 14.28 7.20 4.51
CA ALA A 6 13.79 8.44 5.11
C ALA A 6 12.58 8.18 6.00
N ILE A 7 12.43 6.93 6.44
CA ILE A 7 11.31 6.55 7.30
C ILE A 7 11.44 5.11 7.75
N GLY A 8 10.85 4.20 6.97
CA GLY A 8 10.91 2.78 7.31
C GLY A 8 9.77 2.00 6.70
N ASP A 9 8.65 2.66 6.49
CA ASP A 9 7.48 2.01 5.91
C ASP A 9 7.26 2.47 4.47
N ARG A 10 8.12 1.99 3.57
CA ARG A 10 8.02 2.36 2.16
C ARG A 10 7.06 1.42 1.42
N VAL A 11 5.98 1.99 0.88
CA VAL A 11 5.00 1.20 0.14
C VAL A 11 5.28 1.23 -1.35
N ARG A 12 4.94 0.14 -2.03
CA ARG A 12 5.14 0.04 -3.47
C ARG A 12 4.27 -1.06 -4.07
N LEU A 13 4.31 -1.19 -5.39
CA LEU A 13 3.52 -2.20 -6.09
C LEU A 13 3.70 -3.57 -5.44
N ALA A 14 2.82 -4.49 -5.79
CA ALA A 14 2.88 -5.84 -5.25
C ALA A 14 1.72 -6.70 -5.76
N ALA A 15 1.66 -6.85 -7.07
CA ALA A 15 0.59 -7.65 -7.69
C ALA A 15 -0.75 -7.36 -7.05
N GLN A 16 -1.42 -6.31 -7.52
CA GLN A 16 -2.72 -5.93 -7.00
C GLN A 16 -3.49 -7.16 -6.53
N PRO A 17 -3.41 -7.45 -5.22
CA PRO A 17 -4.10 -8.59 -4.62
C PRO A 17 -5.61 -8.40 -4.57
N PRO A 18 -6.35 -9.50 -4.69
CA PRO A 18 -7.83 -9.49 -4.66
C PRO A 18 -8.36 -9.15 -3.28
N TYR A 19 -7.61 -9.49 -2.25
CA TYR A 19 -8.02 -9.23 -0.87
C TYR A 19 -7.76 -7.78 -0.50
N LEU A 20 -7.45 -6.96 -1.50
CA LEU A 20 -7.18 -5.55 -1.27
C LEU A 20 -8.28 -4.90 -0.44
N LYS A 21 -9.42 -5.57 -0.37
CA LYS A 21 -10.56 -5.06 0.40
C LYS A 21 -10.49 -5.54 1.85
N SER A 22 -10.26 -4.61 2.76
CA SER A 22 -10.16 -4.93 4.18
C SER A 22 -11.55 -5.04 4.81
N ALA A 23 -12.48 -5.64 4.06
CA ALA A 23 -13.85 -5.82 4.55
C ALA A 23 -14.68 -4.57 4.26
N ASP A 24 -14.04 -3.41 4.25
CA ASP A 24 -14.73 -2.16 3.99
C ASP A 24 -13.78 -0.97 4.14
N PRO A 25 -12.69 -0.99 3.36
CA PRO A 25 -11.67 0.07 3.39
C PRO A 25 -12.20 1.38 2.80
N LEU A 26 -12.00 1.56 1.49
CA LEU A 26 -12.45 2.76 0.82
C LEU A 26 -13.48 2.43 -0.26
N PRO A 27 -14.12 3.48 -0.81
CA PRO A 27 -15.14 3.32 -1.85
C PRO A 27 -14.55 2.85 -3.17
N MET A 28 -13.23 2.76 -3.23
CA MET A 28 -12.54 2.33 -4.44
C MET A 28 -12.28 0.82 -4.40
N LEU A 29 -13.34 0.05 -4.17
CA LEU A 29 -13.22 -1.40 -4.10
C LEU A 29 -12.61 -1.95 -5.38
N ARG A 30 -12.88 -1.29 -6.50
CA ARG A 30 -12.35 -1.71 -7.79
C ARG A 30 -12.84 -0.79 -8.91
N PRO A 31 -12.56 0.51 -8.76
CA PRO A 31 -12.97 1.52 -9.74
C PRO A 31 -12.18 1.41 -11.04
N PRO A 32 -12.62 2.15 -12.06
CA PRO A 32 -11.96 2.16 -13.38
C PRO A 32 -10.61 2.83 -13.35
N ASP A 33 -10.30 3.47 -12.23
CA ASP A 33 -9.02 4.17 -12.07
C ASP A 33 -8.44 3.91 -10.69
N LEU A 34 -7.55 2.94 -10.59
CA LEU A 34 -6.92 2.59 -9.32
C LEU A 34 -5.41 2.82 -9.38
N LEU A 35 -4.78 2.89 -8.21
CA LEU A 35 -3.34 3.10 -8.13
C LEU A 35 -2.62 2.43 -9.30
N ALA A 36 -3.04 1.21 -9.62
CA ALA A 36 -2.44 0.46 -10.72
C ALA A 36 -0.95 0.75 -10.83
N VAL A 37 -0.15 -0.01 -10.11
CA VAL A 37 1.30 0.17 -10.13
C VAL A 37 1.69 1.60 -9.77
N GLY A 38 0.72 2.36 -9.26
CA GLY A 38 0.97 3.73 -8.88
C GLY A 38 1.30 3.89 -7.40
N GLU A 39 1.62 2.77 -6.75
CA GLU A 39 1.95 2.78 -5.33
C GLU A 39 2.92 3.91 -5.01
N GLN A 40 4.21 3.58 -4.94
CA GLN A 40 5.24 4.56 -4.65
C GLN A 40 4.72 5.62 -3.68
N GLY A 41 4.77 5.31 -2.38
CA GLY A 41 4.30 6.24 -1.38
C GLY A 41 4.76 5.87 0.02
N THR A 42 4.46 6.74 0.98
CA THR A 42 4.85 6.49 2.37
C THR A 42 3.63 6.23 3.24
N ILE A 43 3.59 5.05 3.85
CA ILE A 43 2.48 4.67 4.72
C ILE A 43 2.79 4.98 6.19
N THR A 44 1.78 5.46 6.91
CA THR A 44 1.94 5.80 8.32
C THR A 44 0.75 5.30 9.14
N GLY A 45 0.53 3.99 9.11
CA GLY A 45 -0.58 3.42 9.86
C GLY A 45 -0.11 2.57 11.03
N LEU A 46 -1.05 2.09 11.83
CA LEU A 46 -0.73 1.26 12.98
C LEU A 46 -0.09 2.09 14.09
N ARG A 47 1.10 2.62 13.81
CA ARG A 47 1.82 3.43 14.79
C ARG A 47 0.85 4.26 15.63
N PRO A 48 0.01 5.06 14.95
CA PRO A 48 -0.98 5.91 15.62
C PRO A 48 -2.11 5.10 16.26
N GLY A 49 -2.71 4.21 15.47
CA GLY A 49 -3.79 3.39 15.98
C GLY A 49 -3.61 1.92 15.63
N GLY A 50 -4.35 1.45 14.64
CA GLY A 50 -4.25 0.06 14.23
C GLY A 50 -4.65 -0.15 12.78
N TYR A 51 -4.65 0.93 12.01
CA TYR A 51 -5.02 0.86 10.60
C TYR A 51 -3.81 1.14 9.71
N TRP A 52 -4.00 0.98 8.41
CA TRP A 52 -2.93 1.22 7.45
C TRP A 52 -3.28 2.36 6.50
N VAL A 53 -2.48 3.42 6.55
CA VAL A 53 -2.71 4.58 5.69
C VAL A 53 -1.54 4.80 4.73
N VAL A 54 -1.79 4.61 3.44
CA VAL A 54 -0.77 4.78 2.43
C VAL A 54 -1.01 6.05 1.60
N LEU A 55 -0.11 7.02 1.73
CA LEU A 55 -0.24 8.27 0.99
C LEU A 55 0.70 8.28 -0.22
N PHE A 56 0.11 8.07 -1.40
CA PHE A 56 0.89 8.07 -2.64
C PHE A 56 0.28 9.02 -3.66
N ASP A 57 0.94 9.14 -4.81
CA ASP A 57 0.47 10.02 -5.88
C ASP A 57 -1.05 9.96 -5.99
N ARG A 58 -1.58 8.76 -6.19
CA ARG A 58 -3.02 8.58 -6.32
C ARG A 58 -3.77 9.37 -5.25
N GLY A 59 -3.19 9.43 -4.06
CA GLY A 59 -3.82 10.16 -2.97
C GLY A 59 -3.54 9.54 -1.61
N SER A 60 -4.54 8.84 -1.08
CA SER A 60 -4.40 8.19 0.23
C SER A 60 -5.59 7.29 0.51
N PHE A 61 -5.32 5.99 0.65
CA PHE A 61 -6.37 5.02 0.92
C PHE A 61 -5.89 3.95 1.91
N LEU A 62 -6.82 3.19 2.44
CA LEU A 62 -6.49 2.14 3.40
C LEU A 62 -5.93 0.91 2.69
N LEU A 63 -5.14 0.12 3.41
CA LEU A 63 -4.54 -1.09 2.85
C LEU A 63 -3.89 -1.93 3.94
N ASP A 64 -4.55 -3.02 4.32
CA ASP A 64 -4.04 -3.91 5.35
C ASP A 64 -2.65 -4.43 4.97
N THR A 65 -1.99 -5.08 5.92
CA THR A 65 -0.66 -5.62 5.69
C THR A 65 -0.73 -6.94 4.90
N GLN A 66 -0.83 -6.82 3.58
CA GLN A 66 -0.90 -7.99 2.71
C GLN A 66 0.33 -8.08 1.82
N PHE A 67 0.46 -7.13 0.91
CA PHE A 67 1.59 -7.10 -0.02
C PHE A 67 1.63 -5.79 -0.79
N LEU A 68 0.52 -5.45 -1.45
CA LEU A 68 0.43 -4.21 -2.22
C LEU A 68 0.63 -3.00 -1.33
N SER A 69 1.57 -2.14 -1.70
CA SER A 69 1.85 -0.94 -0.92
C SER A 69 2.33 -1.29 0.48
N LYS A 70 3.44 -2.03 0.55
CA LYS A 70 4.00 -2.43 1.83
C LYS A 70 5.17 -3.39 1.62
N VAL A 71 6.28 -2.88 1.10
CA VAL A 71 7.47 -3.69 0.86
C VAL A 71 7.60 -4.78 1.90
N GLU A 72 7.28 -6.02 1.50
CA GLU A 72 7.36 -7.16 2.41
C GLU A 72 8.26 -8.25 1.82
N SER A 73 8.66 -9.19 2.67
CA SER A 73 9.52 -10.29 2.23
C SER A 73 10.99 -9.86 2.23
N GLY A 74 11.22 -8.56 2.38
CA GLY A 74 12.57 -8.03 2.39
C GLY A 74 13.07 -7.70 1.00
N ALA A 75 12.14 -7.61 0.04
CA ALA A 75 12.50 -7.31 -1.34
C ALA A 75 11.25 -7.10 -2.19
N SER A 76 10.45 -8.15 -2.31
CA SER A 76 9.22 -8.09 -3.10
C SER A 76 9.55 -7.98 -4.59
N SER A 77 8.76 -8.67 -5.41
CA SER A 77 8.96 -8.66 -6.85
C SER A 77 10.30 -9.28 -7.22
N SER A 78 10.60 -9.31 -8.51
CA SER A 78 11.86 -9.87 -8.99
C SER A 78 12.64 -8.84 -9.79
N GLU A 79 12.05 -7.67 -9.97
CA GLU A 79 12.70 -6.59 -10.72
C GLU A 79 11.74 -5.41 -10.93
N GLY A 80 10.65 -5.66 -11.65
CA GLY A 80 9.68 -4.62 -11.91
C GLY A 80 8.46 -4.73 -11.01
N MET A 3 17.44 3.23 10.19
CA MET A 3 16.58 3.21 9.01
C MET A 3 17.40 3.29 7.73
N ASP A 4 16.80 3.84 6.68
CA ASP A 4 17.48 3.98 5.40
C ASP A 4 16.94 5.18 4.63
N PHE A 5 15.68 5.10 4.20
CA PHE A 5 15.05 6.17 3.46
C PHE A 5 15.03 7.47 4.27
N ALA A 6 13.89 7.75 4.87
CA ALA A 6 13.75 8.96 5.68
C ALA A 6 12.31 9.13 6.17
N ILE A 7 11.63 8.01 6.39
CA ILE A 7 10.25 8.03 6.85
C ILE A 7 9.98 6.90 7.83
N GLY A 8 9.56 5.76 7.31
CA GLY A 8 9.28 4.61 8.16
C GLY A 8 8.90 3.37 7.37
N ASP A 9 8.32 3.58 6.19
CA ASP A 9 7.90 2.48 5.33
C ASP A 9 7.41 3.01 3.98
N ARG A 10 8.07 2.57 2.91
CA ARG A 10 7.71 2.99 1.56
C ARG A 10 6.75 1.99 0.93
N VAL A 11 5.87 2.48 0.05
CA VAL A 11 4.90 1.64 -0.62
C VAL A 11 5.09 1.70 -2.13
N ARG A 12 5.02 0.54 -2.79
CA ARG A 12 5.19 0.46 -4.23
C ARG A 12 4.61 -0.84 -4.77
N LEU A 13 4.61 -0.98 -6.10
CA LEU A 13 4.09 -2.19 -6.74
C LEU A 13 4.39 -3.42 -5.90
N ALA A 14 3.48 -4.39 -5.93
CA ALA A 14 3.64 -5.63 -5.17
C ALA A 14 2.37 -6.47 -5.22
N ALA A 15 2.23 -7.27 -6.26
CA ALA A 15 1.06 -8.12 -6.41
C ALA A 15 -0.11 -7.36 -7.03
N GLN A 16 -1.27 -8.01 -7.09
CA GLN A 16 -2.46 -7.38 -7.66
C GLN A 16 -3.72 -8.08 -7.17
N PRO A 17 -4.17 -7.73 -5.95
CA PRO A 17 -5.36 -8.32 -5.35
C PRO A 17 -6.64 -7.87 -6.05
N PRO A 18 -7.63 -8.78 -6.13
CA PRO A 18 -8.91 -8.50 -6.77
C PRO A 18 -9.76 -7.51 -5.96
N TYR A 19 -9.93 -7.80 -4.68
CA TYR A 19 -10.71 -6.94 -3.81
C TYR A 19 -10.52 -7.32 -2.34
N LEU A 20 -9.32 -7.07 -1.83
CA LEU A 20 -9.00 -7.37 -0.44
C LEU A 20 -9.87 -6.58 0.52
N LYS A 21 -9.51 -5.32 0.74
CA LYS A 21 -10.26 -4.45 1.63
C LYS A 21 -10.25 -4.99 3.06
N SER A 22 -10.18 -4.07 4.03
CA SER A 22 -10.15 -4.46 5.44
C SER A 22 -11.53 -4.92 5.89
N ALA A 23 -12.55 -4.17 5.52
CA ALA A 23 -13.92 -4.49 5.90
C ALA A 23 -14.90 -3.44 5.39
N ASP A 24 -14.47 -2.19 5.41
CA ASP A 24 -15.30 -1.08 4.95
C ASP A 24 -14.75 0.26 5.44
N PRO A 25 -13.57 0.63 4.93
CA PRO A 25 -12.90 1.88 5.31
C PRO A 25 -13.63 3.11 4.75
N LEU A 26 -13.23 3.53 3.55
CA LEU A 26 -13.85 4.68 2.90
C LEU A 26 -13.29 4.88 1.49
N PRO A 27 -11.97 5.12 1.41
CA PRO A 27 -11.29 5.32 0.12
C PRO A 27 -11.21 4.04 -0.70
N MET A 28 -11.46 2.92 -0.05
CA MET A 28 -11.42 1.62 -0.73
C MET A 28 -12.17 1.67 -2.05
N LEU A 29 -11.50 1.26 -3.13
CA LEU A 29 -12.11 1.26 -4.45
C LEU A 29 -12.65 -0.12 -4.80
N ARG A 30 -13.58 -0.17 -5.74
CA ARG A 30 -14.18 -1.43 -6.17
C ARG A 30 -13.19 -2.23 -7.01
N PRO A 31 -12.76 -1.64 -8.15
CA PRO A 31 -11.81 -2.29 -9.05
C PRO A 31 -10.42 -2.39 -8.47
N PRO A 32 -9.77 -3.55 -8.69
CA PRO A 32 -8.42 -3.80 -8.18
C PRO A 32 -7.36 -2.96 -8.89
N ASP A 33 -7.74 -2.40 -10.04
CA ASP A 33 -6.82 -1.56 -10.81
C ASP A 33 -7.03 -0.09 -10.51
N LEU A 34 -6.08 0.51 -9.80
CA LEU A 34 -6.16 1.92 -9.44
C LEU A 34 -4.78 2.54 -9.35
N LEU A 35 -3.91 1.95 -8.54
CA LEU A 35 -2.56 2.45 -8.37
C LEU A 35 -1.60 1.76 -9.32
N ALA A 36 -2.02 0.61 -9.85
CA ALA A 36 -1.19 -0.15 -10.78
C ALA A 36 0.07 -0.69 -10.10
N VAL A 37 1.12 0.11 -10.13
CA VAL A 37 2.39 -0.27 -9.51
C VAL A 37 2.64 0.51 -8.22
N GLY A 38 1.57 1.05 -7.65
CA GLY A 38 1.69 1.80 -6.42
C GLY A 38 2.18 3.22 -6.66
N GLU A 39 2.77 3.45 -7.83
CA GLU A 39 3.28 4.77 -8.17
C GLU A 39 4.20 5.30 -7.08
N GLN A 40 4.66 4.40 -6.21
CA GLN A 40 5.53 4.77 -5.11
C GLN A 40 4.86 5.80 -4.21
N GLY A 41 4.76 5.46 -2.92
CA GLY A 41 4.13 6.36 -1.96
C GLY A 41 4.58 6.09 -0.54
N THR A 42 4.14 6.94 0.38
CA THR A 42 4.51 6.80 1.79
C THR A 42 3.32 6.31 2.62
N ILE A 43 3.55 5.28 3.42
CA ILE A 43 2.50 4.73 4.27
C ILE A 43 2.71 5.12 5.73
N THR A 44 1.62 5.45 6.41
CA THR A 44 1.70 5.85 7.81
C THR A 44 0.54 5.24 8.61
N GLY A 45 0.47 3.92 8.61
CA GLY A 45 -0.60 3.24 9.33
C GLY A 45 -0.06 2.28 10.38
N LEU A 46 -0.96 1.70 11.16
CA LEU A 46 -0.57 0.76 12.21
C LEU A 46 0.07 1.49 13.37
N ARG A 47 1.21 2.13 13.11
CA ARG A 47 1.92 2.88 14.15
C ARG A 47 0.95 3.48 15.17
N PRO A 48 0.03 4.31 14.67
CA PRO A 48 -0.98 4.97 15.51
C PRO A 48 -2.02 3.99 16.05
N GLY A 49 -2.27 2.93 15.29
CA GLY A 49 -3.25 1.94 15.70
C GLY A 49 -3.09 0.62 14.96
N GLY A 50 -3.93 0.42 13.94
CA GLY A 50 -3.87 -0.80 13.16
C GLY A 50 -4.49 -0.65 11.79
N TYR A 51 -4.37 0.54 11.22
CA TYR A 51 -4.93 0.83 9.90
C TYR A 51 -3.85 1.33 8.94
N TRP A 52 -3.54 0.53 7.92
CA TRP A 52 -2.53 0.89 6.94
C TRP A 52 -3.00 2.07 6.10
N VAL A 53 -2.31 3.20 6.24
CA VAL A 53 -2.65 4.41 5.48
C VAL A 53 -1.61 4.69 4.41
N VAL A 54 -1.97 4.45 3.16
CA VAL A 54 -1.07 4.68 2.04
C VAL A 54 -1.40 5.99 1.33
N LEU A 55 -0.39 6.84 1.18
CA LEU A 55 -0.57 8.14 0.53
C LEU A 55 0.25 8.22 -0.76
N PHE A 56 -0.38 7.95 -1.89
CA PHE A 56 0.30 8.00 -3.18
C PHE A 56 -0.42 8.95 -4.13
N ASP A 57 0.15 9.12 -5.32
CA ASP A 57 -0.43 9.99 -6.34
C ASP A 57 -1.95 9.91 -6.32
N ARG A 58 -2.46 8.69 -6.50
CA ARG A 58 -3.91 8.48 -6.52
C ARG A 58 -4.59 9.25 -5.39
N GLY A 59 -3.92 9.30 -4.23
CA GLY A 59 -4.47 10.01 -3.10
C GLY A 59 -4.18 9.31 -1.79
N SER A 60 -5.20 8.70 -1.19
CA SER A 60 -5.05 8.00 0.08
C SER A 60 -6.12 6.93 0.24
N PHE A 61 -5.68 5.68 0.37
CA PHE A 61 -6.60 4.56 0.53
C PHE A 61 -6.05 3.54 1.53
N LEU A 62 -6.95 2.81 2.18
CA LEU A 62 -6.56 1.80 3.16
C LEU A 62 -6.15 0.50 2.46
N LEU A 63 -5.14 -0.16 3.02
CA LEU A 63 -4.66 -1.42 2.47
C LEU A 63 -4.23 -2.37 3.57
N ASP A 64 -3.80 -3.57 3.18
CA ASP A 64 -3.36 -4.57 4.14
C ASP A 64 -1.86 -4.84 4.00
N THR A 65 -1.30 -5.58 4.95
CA THR A 65 0.12 -5.90 4.93
C THR A 65 0.46 -6.83 3.77
N GLN A 66 -0.58 -7.28 3.06
CA GLN A 66 -0.39 -8.18 1.93
C GLN A 66 0.95 -7.91 1.25
N PHE A 67 0.94 -7.03 0.26
CA PHE A 67 2.15 -6.69 -0.48
C PHE A 67 2.00 -5.35 -1.19
N LEU A 68 1.10 -5.30 -2.17
CA LEU A 68 0.86 -4.07 -2.92
C LEU A 68 1.00 -2.84 -2.03
N SER A 69 1.55 -1.77 -2.59
CA SER A 69 1.73 -0.53 -1.85
C SER A 69 2.35 -0.81 -0.47
N LYS A 70 3.56 -1.35 -0.48
CA LYS A 70 4.26 -1.68 0.76
C LYS A 70 5.37 -2.69 0.52
N VAL A 71 6.52 -2.20 0.06
CA VAL A 71 7.66 -3.06 -0.22
C VAL A 71 7.69 -4.25 0.74
N GLU A 72 7.69 -3.97 2.04
CA GLU A 72 7.72 -5.02 3.05
C GLU A 72 8.52 -6.22 2.57
N SER A 73 8.15 -7.41 3.03
CA SER A 73 8.84 -8.63 2.65
C SER A 73 10.34 -8.52 2.93
N GLY A 74 11.06 -7.92 1.99
CA GLY A 74 12.50 -7.76 2.16
C GLY A 74 13.17 -7.26 0.88
N ALA A 75 12.78 -6.06 0.45
CA ALA A 75 13.36 -5.47 -0.76
C ALA A 75 12.65 -5.99 -2.00
N SER A 76 11.39 -6.38 -1.85
CA SER A 76 10.62 -6.90 -2.97
C SER A 76 11.50 -7.69 -3.93
N SER A 77 11.81 -8.93 -3.55
CA SER A 77 12.64 -9.79 -4.38
C SER A 77 13.71 -8.97 -5.10
N SER A 78 14.13 -9.45 -6.27
CA SER A 78 15.14 -8.78 -7.06
C SER A 78 14.50 -7.89 -8.12
N GLU A 79 13.21 -8.09 -8.36
CA GLU A 79 12.49 -7.31 -9.34
C GLU A 79 11.80 -6.11 -8.69
N GLY A 80 11.30 -5.19 -9.52
CA GLY A 80 10.62 -4.01 -9.01
C GLY A 80 11.53 -3.16 -8.15
N MET A 3 15.78 7.26 7.42
CA MET A 3 16.39 5.96 7.19
C MET A 3 17.35 6.01 6.00
N ASP A 4 16.86 5.61 4.84
CA ASP A 4 17.66 5.61 3.62
C ASP A 4 17.13 6.61 2.61
N PHE A 5 15.90 7.05 2.83
CA PHE A 5 15.26 8.02 1.94
C PHE A 5 14.81 9.26 2.71
N ALA A 6 13.54 9.28 3.10
CA ALA A 6 12.99 10.40 3.84
C ALA A 6 12.05 9.92 4.95
N ILE A 7 12.19 8.67 5.34
CA ILE A 7 11.36 8.09 6.38
C ILE A 7 11.82 6.68 6.74
N GLY A 8 11.23 5.68 6.11
CA GLY A 8 11.60 4.30 6.38
C GLY A 8 10.49 3.33 6.02
N ASP A 9 9.25 3.79 6.09
CA ASP A 9 8.10 2.95 5.77
C ASP A 9 7.54 3.30 4.39
N ARG A 10 8.25 2.88 3.35
CA ARG A 10 7.83 3.16 1.98
C ARG A 10 6.86 2.08 1.49
N VAL A 11 5.93 2.47 0.63
CA VAL A 11 4.95 1.54 0.08
C VAL A 11 4.99 1.53 -1.44
N ARG A 12 5.27 0.37 -2.01
CA ARG A 12 5.33 0.22 -3.47
C ARG A 12 4.45 -0.94 -3.94
N LEU A 13 4.01 -0.85 -5.18
CA LEU A 13 3.16 -1.89 -5.76
C LEU A 13 3.63 -3.27 -5.33
N ALA A 14 2.74 -4.26 -5.45
CA ALA A 14 3.07 -5.63 -5.08
C ALA A 14 2.19 -6.62 -5.84
N ALA A 15 2.58 -6.93 -7.07
CA ALA A 15 1.83 -7.88 -7.89
C ALA A 15 0.37 -7.43 -8.05
N GLN A 16 0.11 -6.17 -7.72
CA GLN A 16 -1.24 -5.62 -7.83
C GLN A 16 -2.21 -6.40 -6.94
N PRO A 17 -3.15 -5.68 -6.33
CA PRO A 17 -4.16 -6.29 -5.45
C PRO A 17 -5.17 -7.14 -6.23
N PRO A 18 -5.57 -8.26 -5.62
CA PRO A 18 -6.54 -9.19 -6.23
C PRO A 18 -7.94 -8.60 -6.31
N TYR A 19 -8.43 -8.10 -5.17
CA TYR A 19 -9.76 -7.51 -5.11
C TYR A 19 -10.27 -7.48 -3.67
N LEU A 20 -9.68 -8.31 -2.81
CA LEU A 20 -10.07 -8.37 -1.41
C LEU A 20 -10.09 -6.99 -0.78
N LYS A 21 -10.52 -6.92 0.47
CA LYS A 21 -10.58 -5.65 1.19
C LYS A 21 -10.31 -5.85 2.67
N SER A 22 -9.88 -4.78 3.34
CA SER A 22 -9.58 -4.84 4.77
C SER A 22 -10.85 -4.69 5.59
N ALA A 23 -11.93 -5.30 5.12
CA ALA A 23 -13.21 -5.24 5.83
C ALA A 23 -14.00 -4.00 5.42
N ASP A 24 -13.88 -3.61 4.15
CA ASP A 24 -14.57 -2.44 3.63
C ASP A 24 -13.93 -1.16 4.14
N PRO A 25 -12.59 -1.10 4.07
CA PRO A 25 -11.82 0.06 4.51
C PRO A 25 -12.03 1.28 3.61
N LEU A 26 -12.54 1.04 2.41
CA LEU A 26 -12.78 2.11 1.45
C LEU A 26 -13.56 1.60 0.24
N PRO A 27 -14.03 2.52 -0.60
CA PRO A 27 -14.80 2.19 -1.80
C PRO A 27 -13.92 1.53 -2.87
N MET A 28 -12.61 1.54 -2.65
CA MET A 28 -11.68 0.95 -3.59
C MET A 28 -11.63 -0.57 -3.43
N LEU A 29 -12.16 -1.28 -4.42
CA LEU A 29 -12.17 -2.74 -4.38
C LEU A 29 -11.63 -3.32 -5.68
N ARG A 30 -11.88 -2.61 -6.78
CA ARG A 30 -11.41 -3.07 -8.09
C ARG A 30 -11.66 -1.99 -9.15
N PRO A 31 -11.19 -0.77 -8.87
CA PRO A 31 -11.34 0.36 -9.79
C PRO A 31 -10.49 0.22 -11.04
N PRO A 32 -10.97 0.80 -12.15
CA PRO A 32 -10.26 0.75 -13.44
C PRO A 32 -8.98 1.58 -13.43
N ASP A 33 -8.80 2.37 -12.38
CA ASP A 33 -7.62 3.21 -12.25
C ASP A 33 -7.06 3.15 -10.83
N LEU A 34 -6.18 2.19 -10.58
CA LEU A 34 -5.57 2.02 -9.26
C LEU A 34 -4.10 2.39 -9.29
N LEU A 35 -3.51 2.56 -8.11
CA LEU A 35 -2.10 2.91 -8.00
C LEU A 35 -1.29 2.28 -9.12
N ALA A 36 -1.24 0.95 -9.15
CA ALA A 36 -0.51 0.23 -10.17
C ALA A 36 0.96 0.65 -10.19
N VAL A 37 1.54 0.80 -9.01
CA VAL A 37 2.94 1.20 -8.88
C VAL A 37 3.28 1.56 -7.45
N GLY A 38 2.26 1.96 -6.68
CA GLY A 38 2.48 2.34 -5.30
C GLY A 38 3.15 3.70 -5.17
N GLU A 39 3.58 4.25 -6.30
CA GLU A 39 4.24 5.56 -6.29
C GLU A 39 5.06 5.75 -5.02
N GLN A 40 5.62 4.66 -4.52
CA GLN A 40 6.44 4.71 -3.31
C GLN A 40 5.84 5.67 -2.29
N GLY A 41 4.64 5.36 -1.82
CA GLY A 41 3.98 6.20 -0.84
C GLY A 41 4.43 5.92 0.58
N THR A 42 3.95 6.72 1.52
CA THR A 42 4.32 6.55 2.92
C THR A 42 3.16 5.96 3.72
N ILE A 43 3.48 5.03 4.61
CA ILE A 43 2.47 4.39 5.45
C ILE A 43 2.69 4.71 6.92
N THR A 44 1.62 5.13 7.60
CA THR A 44 1.70 5.46 9.01
C THR A 44 0.60 4.76 9.80
N GLY A 45 0.60 3.43 9.76
CA GLY A 45 -0.41 2.67 10.47
C GLY A 45 0.17 1.88 11.63
N LEU A 46 -0.70 1.26 12.41
CA LEU A 46 -0.26 0.46 13.56
C LEU A 46 0.24 1.36 14.69
N ARG A 47 1.34 2.07 14.42
CA ARG A 47 1.92 2.97 15.41
C ARG A 47 0.83 3.60 16.27
N PRO A 48 -0.09 4.34 15.63
CA PRO A 48 -1.19 5.02 16.32
C PRO A 48 -2.21 4.03 16.86
N GLY A 49 -2.53 3.01 16.07
CA GLY A 49 -3.51 2.01 16.49
C GLY A 49 -3.24 0.65 15.88
N GLY A 50 -3.97 0.32 14.82
CA GLY A 50 -3.79 -0.96 14.17
C GLY A 50 -4.24 -0.94 12.72
N TYR A 51 -4.30 0.25 12.14
CA TYR A 51 -4.73 0.41 10.75
C TYR A 51 -3.52 0.61 9.83
N TRP A 52 -3.80 0.95 8.58
CA TRP A 52 -2.74 1.18 7.60
C TRP A 52 -3.19 2.15 6.51
N VAL A 53 -2.56 3.31 6.47
CA VAL A 53 -2.90 4.33 5.48
C VAL A 53 -1.68 4.74 4.67
N VAL A 54 -1.79 4.65 3.35
CA VAL A 54 -0.69 5.01 2.46
C VAL A 54 -1.00 6.30 1.72
N LEU A 55 -0.05 7.23 1.73
CA LEU A 55 -0.22 8.52 1.06
C LEU A 55 0.74 8.64 -0.12
N PHE A 56 0.22 8.42 -1.32
CA PHE A 56 1.03 8.50 -2.54
C PHE A 56 0.30 9.29 -3.62
N ASP A 57 0.97 9.49 -4.74
CA ASP A 57 0.40 10.23 -5.86
C ASP A 57 -1.09 9.92 -6.00
N ARG A 58 -1.40 8.64 -6.18
CA ARG A 58 -2.78 8.21 -6.34
C ARG A 58 -3.67 8.84 -5.27
N GLY A 59 -3.14 8.98 -4.07
CA GLY A 59 -3.89 9.57 -2.98
C GLY A 59 -3.73 8.81 -1.68
N SER A 60 -4.76 8.86 -0.84
CA SER A 60 -4.73 8.17 0.45
C SER A 60 -5.76 7.06 0.50
N PHE A 61 -5.31 5.84 0.77
CA PHE A 61 -6.21 4.70 0.85
C PHE A 61 -5.67 3.65 1.83
N LEU A 62 -6.57 2.91 2.45
CA LEU A 62 -6.19 1.87 3.41
C LEU A 62 -5.41 0.76 2.71
N LEU A 63 -4.62 0.02 3.50
CA LEU A 63 -3.83 -1.08 2.97
C LEU A 63 -3.17 -1.87 4.09
N ASP A 64 -3.84 -2.93 4.52
CA ASP A 64 -3.32 -3.78 5.59
C ASP A 64 -1.88 -4.21 5.30
N THR A 65 -1.29 -4.94 6.23
CA THR A 65 0.08 -5.42 6.08
C THR A 65 0.19 -6.47 4.98
N GLN A 66 -0.95 -6.79 4.37
CA GLN A 66 -0.98 -7.79 3.31
C GLN A 66 0.32 -7.79 2.51
N PHE A 67 0.35 -7.00 1.43
CA PHE A 67 1.52 -6.90 0.58
C PHE A 67 1.51 -5.60 -0.23
N LEU A 68 0.57 -5.50 -1.16
CA LEU A 68 0.45 -4.32 -2.00
C LEU A 68 0.64 -3.04 -1.18
N SER A 69 1.48 -2.15 -1.69
CA SER A 69 1.76 -0.89 -1.00
C SER A 69 2.31 -1.14 0.40
N LYS A 70 3.59 -1.48 0.47
CA LYS A 70 4.24 -1.75 1.75
C LYS A 70 5.52 -2.55 1.55
N VAL A 71 6.51 -1.93 0.90
CA VAL A 71 7.79 -2.59 0.66
C VAL A 71 7.63 -4.10 0.66
N GLU A 72 7.79 -4.70 1.84
CA GLU A 72 7.67 -6.15 1.98
C GLU A 72 8.71 -6.86 1.13
N SER A 73 9.54 -7.67 1.77
CA SER A 73 10.59 -8.42 1.08
C SER A 73 11.56 -7.47 0.39
N GLY A 74 11.43 -6.18 0.69
CA GLY A 74 12.30 -5.18 0.09
C GLY A 74 11.80 -4.71 -1.26
N ALA A 75 10.54 -4.99 -1.56
CA ALA A 75 9.95 -4.60 -2.83
C ALA A 75 8.68 -5.38 -3.11
N SER A 76 8.74 -6.70 -2.94
CA SER A 76 7.60 -7.56 -3.18
C SER A 76 7.47 -7.90 -4.66
N SER A 77 8.32 -8.81 -5.13
CA SER A 77 8.30 -9.21 -6.53
C SER A 77 6.88 -9.50 -7.00
N SER A 78 6.73 -9.74 -8.30
CA SER A 78 5.41 -10.02 -8.88
C SER A 78 5.33 -11.48 -9.34
N GLU A 79 6.25 -12.30 -8.85
CA GLU A 79 6.28 -13.71 -9.23
C GLU A 79 6.79 -13.89 -10.65
N GLY A 80 6.29 -14.91 -11.33
CA GLY A 80 6.71 -15.18 -12.70
C GLY A 80 7.99 -15.99 -12.76
N MET A 3 13.60 8.06 7.02
CA MET A 3 14.70 7.23 7.49
C MET A 3 15.90 7.33 6.56
N ASP A 4 16.02 6.38 5.65
CA ASP A 4 17.12 6.36 4.69
C ASP A 4 16.76 7.14 3.42
N PHE A 5 15.65 6.74 2.80
CA PHE A 5 15.20 7.38 1.57
C PHE A 5 14.24 8.53 1.90
N ALA A 6 13.72 8.54 3.12
CA ALA A 6 12.79 9.57 3.55
C ALA A 6 12.18 9.24 4.90
N ILE A 7 11.42 8.15 4.94
CA ILE A 7 10.77 7.72 6.18
C ILE A 7 11.13 6.27 6.50
N GLY A 8 11.62 5.55 5.50
CA GLY A 8 11.99 4.16 5.71
C GLY A 8 10.82 3.21 5.53
N ASP A 9 9.61 3.74 5.68
CA ASP A 9 8.40 2.94 5.54
C ASP A 9 7.72 3.21 4.20
N ARG A 10 8.31 2.70 3.12
CA ARG A 10 7.75 2.89 1.79
C ARG A 10 6.75 1.79 1.45
N VAL A 11 5.94 2.05 0.43
CA VAL A 11 4.93 1.07 0.00
C VAL A 11 4.66 1.18 -1.49
N ARG A 12 4.22 0.08 -2.09
CA ARG A 12 3.92 0.05 -3.52
C ARG A 12 3.36 -1.30 -3.93
N LEU A 13 2.94 -1.40 -5.19
CA LEU A 13 2.37 -2.65 -5.71
C LEU A 13 3.22 -3.84 -5.29
N ALA A 14 2.55 -4.98 -5.04
CA ALA A 14 3.24 -6.20 -4.64
C ALA A 14 2.25 -7.29 -4.29
N ALA A 15 1.49 -7.74 -5.29
CA ALA A 15 0.50 -8.79 -5.09
C ALA A 15 -0.51 -8.83 -6.22
N GLN A 16 -0.62 -7.70 -6.93
CA GLN A 16 -1.55 -7.60 -8.05
C GLN A 16 -2.84 -8.36 -7.75
N PRO A 17 -3.66 -7.80 -6.83
CA PRO A 17 -4.93 -8.41 -6.44
C PRO A 17 -5.98 -8.34 -7.56
N PRO A 18 -6.88 -9.34 -7.57
CA PRO A 18 -7.95 -9.42 -8.58
C PRO A 18 -8.99 -8.33 -8.40
N TYR A 19 -9.48 -8.17 -7.18
CA TYR A 19 -10.49 -7.17 -6.87
C TYR A 19 -10.54 -6.88 -5.38
N LEU A 20 -9.40 -7.01 -4.71
CA LEU A 20 -9.31 -6.76 -3.28
C LEU A 20 -10.05 -5.48 -2.91
N LYS A 21 -11.01 -5.60 -2.00
CA LYS A 21 -11.79 -4.45 -1.55
C LYS A 21 -11.09 -3.74 -0.39
N SER A 22 -10.75 -2.47 -0.61
CA SER A 22 -10.07 -1.68 0.41
C SER A 22 -10.55 -2.07 1.81
N ALA A 23 -11.82 -2.44 1.91
CA ALA A 23 -12.39 -2.83 3.19
C ALA A 23 -13.91 -2.79 3.14
N ASP A 24 -14.45 -1.59 3.03
CA ASP A 24 -15.90 -1.40 2.98
C ASP A 24 -16.29 0.04 3.29
N PRO A 25 -15.93 0.49 4.50
CA PRO A 25 -16.23 1.86 4.95
C PRO A 25 -15.39 2.90 4.21
N LEU A 26 -14.60 2.45 3.26
CA LEU A 26 -13.75 3.34 2.47
C LEU A 26 -14.54 3.97 1.33
N PRO A 27 -14.01 5.09 0.79
CA PRO A 27 -14.65 5.81 -0.32
C PRO A 27 -14.58 5.03 -1.62
N MET A 28 -13.77 3.98 -1.63
CA MET A 28 -13.61 3.15 -2.83
C MET A 28 -13.32 1.70 -2.45
N LEU A 29 -14.25 0.81 -2.78
CA LEU A 29 -14.10 -0.61 -2.48
C LEU A 29 -13.70 -1.39 -3.73
N ARG A 30 -13.85 -0.77 -4.88
CA ARG A 30 -13.52 -1.41 -6.15
C ARG A 30 -13.41 -0.38 -7.27
N PRO A 31 -12.36 0.46 -7.20
CA PRO A 31 -12.12 1.51 -8.20
C PRO A 31 -11.69 0.93 -9.54
N PRO A 32 -12.05 1.64 -10.63
CA PRO A 32 -11.72 1.22 -11.99
C PRO A 32 -10.23 1.36 -12.29
N ASP A 33 -9.51 2.00 -11.39
CA ASP A 33 -8.07 2.20 -11.54
C ASP A 33 -7.42 2.57 -10.22
N LEU A 34 -6.58 1.68 -9.71
CA LEU A 34 -5.90 1.92 -8.44
C LEU A 34 -4.56 1.18 -8.40
N LEU A 35 -3.51 1.90 -8.01
CA LEU A 35 -2.18 1.31 -7.93
C LEU A 35 -1.97 0.26 -9.02
N ALA A 36 -1.64 0.71 -10.22
CA ALA A 36 -1.41 -0.18 -11.34
C ALA A 36 -0.14 -1.00 -11.14
N VAL A 37 0.89 -0.37 -10.60
CA VAL A 37 2.17 -1.03 -10.35
C VAL A 37 3.30 -0.02 -10.22
N GLY A 38 3.06 1.18 -10.71
CA GLY A 38 4.08 2.22 -10.65
C GLY A 38 3.81 3.22 -9.53
N GLU A 39 2.90 2.87 -8.63
CA GLU A 39 2.55 3.74 -7.51
C GLU A 39 3.45 3.46 -6.30
N GLN A 40 3.75 4.50 -5.54
CA GLN A 40 4.59 4.37 -4.36
C GLN A 40 4.24 5.43 -3.32
N GLY A 41 4.10 5.00 -2.07
CA GLY A 41 3.77 5.92 -1.00
C GLY A 41 4.31 5.48 0.34
N THR A 42 4.14 6.31 1.36
CA THR A 42 4.62 6.00 2.70
C THR A 42 3.50 5.43 3.57
N ILE A 43 3.88 4.56 4.50
CA ILE A 43 2.91 3.94 5.39
C ILE A 43 2.98 4.56 6.78
N THR A 44 1.81 4.83 7.36
CA THR A 44 1.72 5.43 8.69
C THR A 44 0.60 4.79 9.50
N GLY A 45 0.69 3.49 9.72
CA GLY A 45 -0.32 2.78 10.48
C GLY A 45 0.27 1.91 11.57
N LEU A 46 -0.59 1.31 12.38
CA LEU A 46 -0.15 0.45 13.47
C LEU A 46 0.44 1.27 14.62
N ARG A 47 1.31 2.21 14.28
CA ARG A 47 1.94 3.07 15.28
C ARG A 47 0.90 3.97 15.96
N PRO A 48 0.08 4.63 15.14
CA PRO A 48 -0.98 5.52 15.64
C PRO A 48 -2.11 4.77 16.33
N GLY A 49 -2.45 3.61 15.80
CA GLY A 49 -3.51 2.80 16.37
C GLY A 49 -3.56 1.40 15.82
N GLY A 50 -3.89 1.28 14.53
CA GLY A 50 -3.97 -0.02 13.90
C GLY A 50 -4.57 0.04 12.51
N TYR A 51 -4.37 1.17 11.83
CA TYR A 51 -4.91 1.35 10.49
C TYR A 51 -3.80 1.70 9.50
N TRP A 52 -3.46 0.75 8.64
CA TRP A 52 -2.41 0.97 7.64
C TRP A 52 -2.80 2.06 6.67
N VAL A 53 -2.06 3.17 6.69
CA VAL A 53 -2.33 4.30 5.81
C VAL A 53 -1.18 4.52 4.84
N VAL A 54 -1.43 4.22 3.56
CA VAL A 54 -0.42 4.38 2.53
C VAL A 54 -0.64 5.67 1.74
N LEU A 55 0.41 6.48 1.61
CA LEU A 55 0.31 7.73 0.88
C LEU A 55 1.13 7.67 -0.40
N PHE A 56 0.55 7.06 -1.44
CA PHE A 56 1.22 6.92 -2.72
C PHE A 56 0.59 7.85 -3.77
N ASP A 57 1.14 7.84 -4.97
CA ASP A 57 0.64 8.67 -6.05
C ASP A 57 -0.88 8.56 -6.17
N ARG A 58 -1.37 7.32 -6.18
CA ARG A 58 -2.80 7.08 -6.28
C ARG A 58 -3.57 7.83 -5.19
N GLY A 59 -2.85 8.24 -4.15
CA GLY A 59 -3.47 8.96 -3.06
C GLY A 59 -3.48 8.16 -1.77
N SER A 60 -4.36 8.55 -0.84
CA SER A 60 -4.45 7.87 0.44
C SER A 60 -5.44 6.70 0.37
N PHE A 61 -4.99 5.53 0.81
CA PHE A 61 -5.84 4.34 0.79
C PHE A 61 -5.40 3.35 1.88
N LEU A 62 -6.38 2.81 2.59
CA LEU A 62 -6.11 1.85 3.66
C LEU A 62 -5.81 0.47 3.09
N LEU A 63 -5.06 -0.33 3.84
CA LEU A 63 -4.71 -1.67 3.42
C LEU A 63 -4.33 -2.55 4.61
N ASP A 64 -4.05 -3.82 4.34
CA ASP A 64 -3.68 -4.75 5.39
C ASP A 64 -2.22 -5.20 5.24
N THR A 65 -1.63 -5.67 6.33
CA THR A 65 -0.24 -6.12 6.31
C THR A 65 -0.11 -7.46 5.59
N GLN A 66 0.33 -7.40 4.34
CA GLN A 66 0.50 -8.62 3.53
C GLN A 66 1.66 -8.47 2.56
N PHE A 67 1.49 -7.59 1.57
CA PHE A 67 2.52 -7.35 0.57
C PHE A 67 2.17 -6.13 -0.28
N LEU A 68 0.89 -6.02 -0.66
CA LEU A 68 0.43 -4.91 -1.48
C LEU A 68 0.46 -3.60 -0.69
N SER A 69 1.33 -2.69 -1.11
CA SER A 69 1.46 -1.40 -0.45
C SER A 69 1.88 -1.57 1.01
N LYS A 70 3.11 -2.03 1.20
CA LYS A 70 3.64 -2.25 2.55
C LYS A 70 5.02 -2.89 2.49
N VAL A 71 5.96 -2.21 1.85
CA VAL A 71 7.33 -2.71 1.72
C VAL A 71 7.73 -3.51 2.96
N GLU A 72 8.12 -4.76 2.75
CA GLU A 72 8.54 -5.61 3.85
C GLU A 72 9.40 -6.77 3.34
N SER A 73 9.05 -7.29 2.18
CA SER A 73 9.79 -8.39 1.58
C SER A 73 11.14 -7.93 1.04
N GLY A 74 11.40 -6.63 1.17
CA GLY A 74 12.65 -6.08 0.69
C GLY A 74 12.60 -5.72 -0.78
N ALA A 75 11.63 -4.90 -1.16
CA ALA A 75 11.47 -4.48 -2.55
C ALA A 75 10.71 -5.53 -3.35
N SER A 76 10.11 -6.49 -2.65
CA SER A 76 9.34 -7.55 -3.30
C SER A 76 9.97 -7.93 -4.63
N SER A 77 11.29 -7.83 -4.72
CA SER A 77 12.01 -8.15 -5.94
C SER A 77 11.48 -7.35 -7.12
N SER A 78 11.81 -7.78 -8.33
CA SER A 78 11.38 -7.10 -9.53
C SER A 78 12.25 -7.48 -10.73
N GLU A 79 13.45 -7.98 -10.44
CA GLU A 79 14.38 -8.38 -11.48
C GLU A 79 15.43 -9.33 -10.94
N GLY A 80 15.99 -9.00 -9.77
CA GLY A 80 16.99 -9.84 -9.17
C GLY A 80 18.40 -9.33 -9.41
N MET A 3 13.53 5.08 11.73
CA MET A 3 13.35 4.32 10.50
C MET A 3 14.68 3.93 9.88
N ASP A 4 14.63 3.14 8.80
CA ASP A 4 15.84 2.69 8.12
C ASP A 4 16.28 3.72 7.09
N PHE A 5 15.32 4.23 6.31
CA PHE A 5 15.62 5.22 5.28
C PHE A 5 15.14 6.59 5.69
N ALA A 6 13.94 6.96 5.25
CA ALA A 6 13.36 8.26 5.57
C ALA A 6 11.93 8.11 6.09
N ILE A 7 11.57 6.89 6.48
CA ILE A 7 10.24 6.61 6.99
C ILE A 7 10.14 5.19 7.52
N GLY A 8 10.87 4.28 6.90
CA GLY A 8 10.86 2.89 7.31
C GLY A 8 9.68 2.12 6.74
N ASP A 9 8.63 2.86 6.39
CA ASP A 9 7.43 2.25 5.82
C ASP A 9 7.31 2.54 4.33
N ARG A 10 8.15 1.88 3.53
CA ARG A 10 8.14 2.07 2.09
C ARG A 10 7.17 1.11 1.41
N VAL A 11 6.15 1.67 0.77
CA VAL A 11 5.14 0.87 0.08
C VAL A 11 5.41 0.82 -1.41
N ARG A 12 5.13 -0.32 -2.02
CA ARG A 12 5.34 -0.49 -3.46
C ARG A 12 4.44 -1.60 -4.01
N LEU A 13 4.18 -1.55 -5.31
CA LEU A 13 3.32 -2.54 -5.96
C LEU A 13 3.68 -3.95 -5.48
N ALA A 14 2.73 -4.86 -5.62
CA ALA A 14 2.94 -6.25 -5.22
C ALA A 14 1.80 -7.15 -5.68
N ALA A 15 1.61 -7.22 -7.00
CA ALA A 15 0.56 -8.04 -7.57
C ALA A 15 -0.81 -7.52 -7.18
N GLN A 16 -0.94 -6.20 -7.07
CA GLN A 16 -2.20 -5.58 -6.70
C GLN A 16 -2.73 -6.17 -5.40
N PRO A 17 -3.75 -5.51 -4.82
CA PRO A 17 -4.37 -5.95 -3.56
C PRO A 17 -5.17 -7.24 -3.74
N PRO A 18 -5.18 -8.07 -2.69
CA PRO A 18 -5.90 -9.35 -2.70
C PRO A 18 -7.42 -9.15 -2.68
N TYR A 19 -7.89 -8.35 -1.73
CA TYR A 19 -9.32 -8.07 -1.60
C TYR A 19 -9.56 -6.83 -0.76
N LEU A 20 -8.71 -6.62 0.24
CA LEU A 20 -8.83 -5.46 1.12
C LEU A 20 -10.19 -5.44 1.81
N LYS A 21 -10.64 -4.25 2.19
CA LYS A 21 -11.93 -4.10 2.86
C LYS A 21 -11.80 -4.36 4.36
N SER A 22 -11.84 -3.30 5.15
CA SER A 22 -11.73 -3.43 6.60
C SER A 22 -12.99 -4.04 7.19
N ALA A 23 -14.10 -3.31 7.10
CA ALA A 23 -15.37 -3.79 7.63
C ALA A 23 -16.49 -2.80 7.34
N ASP A 24 -16.34 -2.04 6.25
CA ASP A 24 -17.34 -1.06 5.85
C ASP A 24 -16.76 -0.07 4.85
N PRO A 25 -15.80 0.75 5.32
CA PRO A 25 -15.15 1.75 4.47
C PRO A 25 -14.24 1.13 3.41
N LEU A 26 -13.47 1.96 2.74
CA LEU A 26 -12.55 1.49 1.70
C LEU A 26 -13.16 0.32 0.93
N PRO A 27 -13.85 0.65 -0.17
CA PRO A 27 -14.50 -0.36 -1.03
C PRO A 27 -13.49 -1.21 -1.79
N MET A 28 -13.15 -0.76 -2.99
CA MET A 28 -12.19 -1.49 -3.82
C MET A 28 -11.87 -0.70 -5.09
N LEU A 29 -11.02 0.31 -4.96
CA LEU A 29 -10.62 1.13 -6.10
C LEU A 29 -11.76 1.23 -7.12
N ARG A 30 -11.71 0.38 -8.13
CA ARG A 30 -12.72 0.36 -9.17
C ARG A 30 -12.31 -0.53 -10.34
N PRO A 31 -11.18 -0.18 -10.98
CA PRO A 31 -10.64 -0.95 -12.11
C PRO A 31 -10.10 -2.30 -11.69
N PRO A 32 -9.78 -3.15 -12.69
CA PRO A 32 -9.24 -4.49 -12.44
C PRO A 32 -7.82 -4.46 -11.88
N ASP A 33 -7.22 -3.27 -11.88
CA ASP A 33 -5.87 -3.10 -11.36
C ASP A 33 -5.52 -1.62 -11.24
N LEU A 34 -5.53 -1.13 -10.01
CA LEU A 34 -5.21 0.28 -9.74
C LEU A 34 -3.76 0.43 -9.31
N LEU A 35 -3.42 1.62 -8.81
CA LEU A 35 -2.07 1.90 -8.36
C LEU A 35 -1.04 1.16 -9.22
N ALA A 36 -0.80 1.69 -10.42
CA ALA A 36 0.16 1.08 -11.34
C ALA A 36 1.45 1.88 -11.39
N VAL A 37 1.32 3.21 -11.26
CA VAL A 37 2.48 4.09 -11.30
C VAL A 37 2.71 4.74 -9.94
N GLY A 38 1.70 4.70 -9.08
CA GLY A 38 1.82 5.30 -7.76
C GLY A 38 2.40 4.33 -6.75
N GLU A 39 3.02 3.27 -7.25
CA GLU A 39 3.64 2.27 -6.37
C GLU A 39 4.39 2.94 -5.22
N GLN A 40 5.69 3.14 -5.40
CA GLN A 40 6.51 3.76 -4.38
C GLN A 40 5.73 4.82 -3.61
N GLY A 41 5.49 4.56 -2.33
CA GLY A 41 4.75 5.50 -1.52
C GLY A 41 5.10 5.40 -0.04
N THR A 42 4.62 6.36 0.75
CA THR A 42 4.89 6.37 2.18
C THR A 42 3.64 6.06 2.98
N ILE A 43 3.72 5.03 3.82
CA ILE A 43 2.59 4.63 4.65
C ILE A 43 2.78 5.06 6.10
N THR A 44 1.69 5.51 6.73
CA THR A 44 1.74 5.96 8.11
C THR A 44 0.57 5.41 8.91
N GLY A 45 0.46 4.09 8.96
CA GLY A 45 -0.63 3.47 9.70
C GLY A 45 -0.13 2.73 10.93
N LEU A 46 -1.08 2.20 11.71
CA LEU A 46 -0.74 1.47 12.92
C LEU A 46 -0.24 2.41 14.01
N ARG A 47 0.90 3.04 13.77
CA ARG A 47 1.47 3.98 14.73
C ARG A 47 0.39 4.75 15.47
N PRO A 48 -0.49 5.41 14.71
CA PRO A 48 -1.59 6.19 15.27
C PRO A 48 -2.66 5.32 15.91
N GLY A 49 -3.13 4.33 15.14
CA GLY A 49 -4.16 3.43 15.64
C GLY A 49 -3.82 1.96 15.39
N GLY A 50 -4.49 1.37 14.41
CA GLY A 50 -4.25 -0.02 14.08
C GLY A 50 -4.53 -0.33 12.63
N TYR A 51 -4.62 0.71 11.80
CA TYR A 51 -4.89 0.54 10.38
C TYR A 51 -3.66 0.88 9.55
N TRP A 52 -3.74 0.62 8.25
CA TRP A 52 -2.63 0.89 7.35
C TRP A 52 -3.02 1.95 6.31
N VAL A 53 -2.34 3.10 6.37
CA VAL A 53 -2.62 4.19 5.43
C VAL A 53 -1.42 4.44 4.52
N VAL A 54 -1.61 4.18 3.24
CA VAL A 54 -0.54 4.38 2.25
C VAL A 54 -0.83 5.61 1.38
N LEU A 55 0.02 6.62 1.50
CA LEU A 55 -0.14 7.85 0.72
C LEU A 55 0.81 7.86 -0.47
N PHE A 56 0.26 7.62 -1.66
CA PHE A 56 1.05 7.61 -2.88
C PHE A 56 0.40 8.48 -3.96
N ASP A 57 1.08 8.60 -5.09
CA ASP A 57 0.57 9.41 -6.20
C ASP A 57 -0.94 9.27 -6.33
N ARG A 58 -1.40 8.04 -6.50
CA ARG A 58 -2.83 7.78 -6.64
C ARG A 58 -3.63 8.56 -5.60
N GLY A 59 -3.07 8.69 -4.41
CA GLY A 59 -3.75 9.42 -3.34
C GLY A 59 -3.49 8.82 -1.98
N SER A 60 -4.46 8.03 -1.49
CA SER A 60 -4.33 7.40 -0.19
C SER A 60 -5.47 6.41 0.05
N PHE A 61 -5.11 5.18 0.38
CA PHE A 61 -6.10 4.14 0.63
C PHE A 61 -5.58 3.13 1.65
N LEU A 62 -6.50 2.31 2.17
CA LEU A 62 -6.13 1.30 3.16
C LEU A 62 -5.40 0.13 2.51
N LEU A 63 -4.55 -0.53 3.29
CA LEU A 63 -3.79 -1.67 2.78
C LEU A 63 -3.09 -2.40 3.93
N ASP A 64 -3.66 -3.54 4.33
CA ASP A 64 -3.10 -4.34 5.41
C ASP A 64 -1.62 -4.65 5.13
N THR A 65 -1.00 -5.37 6.07
CA THR A 65 0.40 -5.74 5.94
C THR A 65 0.60 -6.76 4.81
N GLN A 66 -0.50 -7.21 4.23
CA GLN A 66 -0.44 -8.18 3.14
C GLN A 66 0.86 -8.04 2.36
N PHE A 67 0.83 -7.24 1.31
CA PHE A 67 2.01 -7.01 0.48
C PHE A 67 1.82 -5.80 -0.42
N LEU A 68 0.87 -5.90 -1.35
CA LEU A 68 0.59 -4.80 -2.27
C LEU A 68 0.81 -3.44 -1.60
N SER A 69 1.78 -2.70 -2.10
CA SER A 69 2.09 -1.38 -1.55
C SER A 69 2.56 -1.49 -0.10
N LYS A 70 3.64 -2.24 0.11
CA LYS A 70 4.19 -2.43 1.44
C LYS A 70 5.36 -3.40 1.42
N VAL A 71 6.46 -2.98 0.81
CA VAL A 71 7.66 -3.81 0.72
C VAL A 71 7.82 -4.69 1.95
N GLU A 72 8.07 -5.97 1.73
CA GLU A 72 8.24 -6.92 2.84
C GLU A 72 8.58 -8.30 2.32
N SER A 73 7.99 -8.67 1.19
CA SER A 73 8.23 -9.98 0.59
C SER A 73 9.67 -10.11 0.14
N GLY A 74 10.43 -9.02 0.24
CA GLY A 74 11.81 -9.03 -0.16
C GLY A 74 12.00 -8.72 -1.63
N ALA A 75 11.02 -8.03 -2.22
CA ALA A 75 11.07 -7.66 -3.63
C ALA A 75 9.70 -7.29 -4.15
N SER A 76 8.77 -8.24 -4.08
CA SER A 76 7.40 -8.02 -4.56
C SER A 76 7.34 -8.10 -6.08
N SER A 77 7.89 -7.08 -6.75
CA SER A 77 7.89 -7.04 -8.20
C SER A 77 9.07 -7.82 -8.77
N SER A 78 9.16 -7.85 -10.09
CA SER A 78 10.24 -8.57 -10.76
C SER A 78 11.18 -7.60 -11.47
N GLU A 79 10.84 -6.31 -11.43
CA GLU A 79 11.64 -5.28 -12.07
C GLU A 79 11.49 -3.95 -11.36
N GLY A 80 10.26 -3.64 -10.96
CA GLY A 80 10.00 -2.38 -10.26
C GLY A 80 9.76 -1.23 -11.22
N MET A 3 16.91 7.66 6.81
CA MET A 3 17.34 6.33 6.38
C MET A 3 17.94 6.39 4.97
N ASP A 4 17.12 6.08 3.98
CA ASP A 4 17.56 6.10 2.58
C ASP A 4 16.40 6.40 1.65
N PHE A 5 15.30 6.90 2.21
CA PHE A 5 14.11 7.23 1.43
C PHE A 5 13.65 8.65 1.74
N ALA A 6 12.84 8.79 2.78
CA ALA A 6 12.32 10.09 3.18
C ALA A 6 11.11 9.94 4.10
N ILE A 7 11.19 8.96 5.00
CA ILE A 7 10.10 8.72 5.94
C ILE A 7 10.45 7.60 6.91
N GLY A 8 10.04 6.38 6.58
CA GLY A 8 10.33 5.23 7.44
C GLY A 8 9.91 3.93 6.81
N ASP A 9 8.82 3.95 6.04
CA ASP A 9 8.32 2.76 5.39
C ASP A 9 7.56 3.11 4.11
N ARG A 10 8.03 2.61 2.98
CA ARG A 10 7.39 2.87 1.70
C ARG A 10 6.33 1.83 1.40
N VAL A 11 5.54 2.08 0.36
CA VAL A 11 4.48 1.16 -0.05
C VAL A 11 4.37 1.08 -1.57
N ARG A 12 4.79 -0.05 -2.11
CA ARG A 12 4.73 -0.26 -3.56
C ARG A 12 4.06 -1.59 -3.89
N LEU A 13 3.34 -1.63 -5.00
CA LEU A 13 2.64 -2.83 -5.43
C LEU A 13 3.46 -4.07 -5.10
N ALA A 14 2.78 -5.20 -4.93
CA ALA A 14 3.45 -6.46 -4.62
C ALA A 14 2.48 -7.63 -4.74
N ALA A 15 2.10 -7.96 -5.96
CA ALA A 15 1.18 -9.06 -6.21
C ALA A 15 -0.26 -8.66 -5.91
N GLN A 16 -0.98 -8.23 -6.95
CA GLN A 16 -2.37 -7.80 -6.80
C GLN A 16 -3.07 -8.63 -5.73
N PRO A 17 -3.87 -7.96 -4.89
CA PRO A 17 -4.61 -8.61 -3.81
C PRO A 17 -5.75 -9.49 -4.34
N PRO A 18 -6.02 -10.60 -3.64
CA PRO A 18 -7.08 -11.54 -4.02
C PRO A 18 -8.47 -10.95 -3.81
N TYR A 19 -8.72 -10.43 -2.62
CA TYR A 19 -10.01 -9.84 -2.30
C TYR A 19 -10.21 -9.74 -0.79
N LEU A 20 -9.61 -8.72 -0.19
CA LEU A 20 -9.72 -8.51 1.25
C LEU A 20 -10.44 -7.20 1.56
N LYS A 21 -10.74 -6.44 0.52
CA LYS A 21 -11.44 -5.17 0.67
C LYS A 21 -10.63 -4.21 1.54
N SER A 22 -10.47 -2.98 1.05
CA SER A 22 -9.71 -1.96 1.78
C SER A 22 -9.90 -2.13 3.28
N ALA A 23 -11.15 -2.30 3.70
CA ALA A 23 -11.45 -2.47 5.11
C ALA A 23 -12.96 -2.67 5.33
N ASP A 24 -13.74 -1.70 4.87
CA ASP A 24 -15.20 -1.77 5.01
C ASP A 24 -15.82 -0.40 4.79
N PRO A 25 -15.54 0.53 5.71
CA PRO A 25 -16.06 1.90 5.65
C PRO A 25 -15.46 2.70 4.49
N LEU A 26 -14.43 2.14 3.86
CA LEU A 26 -13.77 2.81 2.75
C LEU A 26 -14.39 2.39 1.42
N PRO A 27 -14.33 3.28 0.43
CA PRO A 27 -14.88 3.02 -0.91
C PRO A 27 -14.07 1.98 -1.67
N MET A 28 -12.90 1.65 -1.15
CA MET A 28 -12.03 0.66 -1.79
C MET A 28 -11.79 1.01 -3.25
N LEU A 29 -12.70 0.58 -4.11
CA LEU A 29 -12.60 0.84 -5.54
C LEU A 29 -11.46 0.04 -6.15
N ARG A 30 -11.79 -0.75 -7.19
CA ARG A 30 -10.79 -1.57 -7.87
C ARG A 30 -10.89 -1.40 -9.38
N PRO A 31 -10.66 -0.16 -9.86
CA PRO A 31 -10.71 0.15 -11.28
C PRO A 31 -9.56 -0.48 -12.06
N PRO A 32 -9.70 -0.50 -13.40
CA PRO A 32 -8.69 -1.08 -14.29
C PRO A 32 -7.42 -0.23 -14.34
N ASP A 33 -7.48 0.95 -13.75
CA ASP A 33 -6.33 1.85 -13.71
C ASP A 33 -6.16 2.49 -12.34
N LEU A 34 -5.01 2.26 -11.72
CA LEU A 34 -4.73 2.81 -10.40
C LEU A 34 -3.31 2.49 -9.96
N LEU A 35 -3.06 2.57 -8.66
CA LEU A 35 -1.73 2.29 -8.12
C LEU A 35 -1.15 1.01 -8.74
N ALA A 36 -0.28 1.20 -9.73
CA ALA A 36 0.36 0.06 -10.40
C ALA A 36 1.61 -0.38 -9.66
N VAL A 37 2.52 0.56 -9.42
CA VAL A 37 3.76 0.26 -8.71
C VAL A 37 4.62 1.51 -8.58
N GLY A 38 4.49 2.43 -9.53
CA GLY A 38 5.26 3.66 -9.49
C GLY A 38 4.67 4.69 -8.56
N GLU A 39 3.85 4.24 -7.62
CA GLU A 39 3.22 5.14 -6.66
C GLU A 39 3.85 4.98 -5.28
N GLN A 40 5.11 4.61 -5.25
CA GLN A 40 5.84 4.43 -3.99
C GLN A 40 5.35 5.42 -2.95
N GLY A 41 4.39 4.99 -2.14
CA GLY A 41 3.85 5.85 -1.09
C GLY A 41 4.34 5.48 0.28
N THR A 42 3.97 6.28 1.28
CA THR A 42 4.38 6.02 2.65
C THR A 42 3.29 5.30 3.44
N ILE A 43 3.68 4.57 4.47
CA ILE A 43 2.73 3.84 5.29
C ILE A 43 2.84 4.25 6.76
N THR A 44 1.72 4.64 7.35
CA THR A 44 1.70 5.05 8.75
C THR A 44 0.53 4.39 9.49
N GLY A 45 0.53 3.06 9.52
CA GLY A 45 -0.53 2.35 10.20
C GLY A 45 0.00 1.48 11.33
N LEU A 46 -0.91 0.89 12.11
CA LEU A 46 -0.53 0.03 13.22
C LEU A 46 0.03 0.86 14.37
N ARG A 47 1.17 1.51 14.13
CA ARG A 47 1.80 2.33 15.15
C ARG A 47 0.76 3.09 15.98
N PRO A 48 -0.03 3.92 15.30
CA PRO A 48 -1.09 4.70 15.95
C PRO A 48 -2.25 3.84 16.44
N GLY A 49 -2.75 2.98 15.57
CA GLY A 49 -3.86 2.11 15.93
C GLY A 49 -3.64 0.68 15.47
N GLY A 50 -4.30 0.30 14.39
CA GLY A 50 -4.17 -1.05 13.86
C GLY A 50 -4.56 -1.14 12.40
N TYR A 51 -4.59 0.01 11.73
CA TYR A 51 -4.95 0.05 10.31
C TYR A 51 -3.72 0.32 9.46
N TRP A 52 -3.95 0.68 8.19
CA TRP A 52 -2.86 0.97 7.26
C TRP A 52 -3.25 2.08 6.31
N VAL A 53 -2.44 3.13 6.25
CA VAL A 53 -2.70 4.26 5.37
C VAL A 53 -1.54 4.48 4.40
N VAL A 54 -1.83 4.35 3.10
CA VAL A 54 -0.81 4.54 2.07
C VAL A 54 -1.05 5.83 1.30
N LEU A 55 -0.18 6.80 1.51
CA LEU A 55 -0.29 8.09 0.82
C LEU A 55 0.59 8.12 -0.42
N PHE A 56 -0.06 8.07 -1.59
CA PHE A 56 0.67 8.11 -2.85
C PHE A 56 0.04 9.10 -3.82
N ASP A 57 0.65 9.25 -4.98
CA ASP A 57 0.15 10.19 -5.99
C ASP A 57 -1.37 10.23 -5.99
N ARG A 58 -2.00 9.08 -6.22
CA ARG A 58 -3.46 8.99 -6.23
C ARG A 58 -4.06 9.77 -5.07
N GLY A 59 -3.41 9.68 -3.90
CA GLY A 59 -3.90 10.37 -2.72
C GLY A 59 -3.58 9.62 -1.44
N SER A 60 -4.55 8.84 -0.96
CA SER A 60 -4.37 8.08 0.27
C SER A 60 -5.58 7.18 0.52
N PHE A 61 -5.34 5.87 0.58
CA PHE A 61 -6.40 4.90 0.81
C PHE A 61 -5.92 3.78 1.72
N LEU A 62 -6.84 3.19 2.47
CA LEU A 62 -6.52 2.10 3.38
C LEU A 62 -6.17 0.83 2.61
N LEU A 63 -5.39 -0.04 3.25
CA LEU A 63 -4.98 -1.30 2.63
C LEU A 63 -4.31 -2.21 3.64
N ASP A 64 -4.95 -3.34 3.93
CA ASP A 64 -4.41 -4.30 4.88
C ASP A 64 -2.93 -4.56 4.62
N THR A 65 -2.31 -5.34 5.49
CA THR A 65 -0.89 -5.66 5.35
C THR A 65 -0.65 -6.63 4.20
N GLN A 66 -1.73 -6.98 3.50
CA GLN A 66 -1.64 -7.91 2.38
C GLN A 66 -0.26 -7.82 1.72
N PHE A 67 -0.13 -6.95 0.72
CA PHE A 67 1.12 -6.77 0.01
C PHE A 67 1.13 -5.47 -0.78
N LEU A 68 0.21 -5.37 -1.74
CA LEU A 68 0.10 -4.18 -2.57
C LEU A 68 0.29 -2.91 -1.74
N SER A 69 1.41 -2.23 -1.96
CA SER A 69 1.71 -1.00 -1.22
C SER A 69 2.05 -1.31 0.22
N LYS A 70 3.25 -1.85 0.44
CA LYS A 70 3.70 -2.20 1.79
C LYS A 70 5.07 -2.87 1.75
N VAL A 71 6.05 -2.15 1.21
CA VAL A 71 7.41 -2.66 1.12
C VAL A 71 7.91 -3.14 2.48
N GLU A 72 7.67 -4.41 2.79
CA GLU A 72 8.10 -4.98 4.05
C GLU A 72 9.17 -6.05 3.83
N SER A 73 9.03 -6.82 2.76
CA SER A 73 9.98 -7.88 2.43
C SER A 73 11.37 -7.29 2.19
N GLY A 74 11.44 -5.97 2.12
CA GLY A 74 12.72 -5.30 1.89
C GLY A 74 13.07 -5.24 0.42
N ALA A 75 12.23 -5.83 -0.42
CA ALA A 75 12.47 -5.83 -1.85
C ALA A 75 11.33 -6.53 -2.60
N SER A 76 10.12 -6.01 -2.43
CA SER A 76 8.95 -6.59 -3.08
C SER A 76 8.87 -6.16 -4.54
N SER A 77 8.47 -7.07 -5.41
CA SER A 77 8.35 -6.78 -6.83
C SER A 77 8.09 -8.06 -7.62
N SER A 78 7.54 -7.90 -8.83
CA SER A 78 7.23 -9.04 -9.68
C SER A 78 7.63 -8.75 -11.12
N GLU A 79 8.26 -7.60 -11.34
CA GLU A 79 8.69 -7.21 -12.68
C GLU A 79 9.53 -5.93 -12.63
N GLY A 80 9.04 -4.93 -11.89
CA GLY A 80 9.75 -3.68 -11.78
C GLY A 80 11.18 -3.87 -11.30
N MET A 3 19.05 3.44 6.78
CA MET A 3 17.95 2.74 6.13
C MET A 3 18.05 2.85 4.62
N ASP A 4 17.60 3.97 4.07
CA ASP A 4 17.65 4.19 2.63
C ASP A 4 16.84 5.41 2.23
N PHE A 5 15.53 5.22 2.04
CA PHE A 5 14.64 6.30 1.66
C PHE A 5 14.77 7.48 2.64
N ALA A 6 13.87 7.53 3.61
CA ALA A 6 13.88 8.59 4.61
C ALA A 6 12.66 8.50 5.52
N ILE A 7 12.21 7.29 5.78
CA ILE A 7 11.05 7.06 6.64
C ILE A 7 11.13 5.70 7.32
N GLY A 8 10.51 4.70 6.71
CA GLY A 8 10.53 3.37 7.27
C GLY A 8 9.36 2.52 6.80
N ASP A 9 8.22 3.16 6.57
CA ASP A 9 7.03 2.47 6.11
C ASP A 9 6.77 2.75 4.63
N ARG A 10 7.58 2.15 3.78
CA ARG A 10 7.44 2.33 2.33
C ARG A 10 6.50 1.29 1.74
N VAL A 11 5.69 1.70 0.76
CA VAL A 11 4.76 0.80 0.11
C VAL A 11 4.97 0.79 -1.40
N ARG A 12 4.62 -0.33 -2.03
CA ARG A 12 4.77 -0.47 -3.47
C ARG A 12 3.85 -1.56 -4.00
N LEU A 13 3.82 -1.71 -5.33
CA LEU A 13 2.98 -2.72 -5.97
C LEU A 13 3.48 -4.12 -5.66
N ALA A 14 2.58 -5.10 -5.79
CA ALA A 14 2.94 -6.49 -5.52
C ALA A 14 1.69 -7.33 -5.29
N ALA A 15 1.09 -7.81 -6.38
CA ALA A 15 -0.11 -8.64 -6.30
C ALA A 15 -1.32 -7.79 -5.93
N GLN A 16 -2.37 -8.45 -5.46
CA GLN A 16 -3.60 -7.77 -5.08
C GLN A 16 -4.18 -8.36 -3.79
N PRO A 17 -4.68 -7.49 -2.90
CA PRO A 17 -5.27 -7.89 -1.63
C PRO A 17 -6.60 -8.61 -1.82
N PRO A 18 -7.02 -9.37 -0.79
CA PRO A 18 -8.28 -10.12 -0.81
C PRO A 18 -9.49 -9.20 -0.75
N TYR A 19 -9.49 -8.28 0.21
CA TYR A 19 -10.60 -7.34 0.37
C TYR A 19 -10.54 -6.67 1.74
N LEU A 20 -10.00 -7.39 2.72
CA LEU A 20 -9.88 -6.86 4.08
C LEU A 20 -11.04 -5.92 4.40
N LYS A 21 -10.79 -4.63 4.25
CA LYS A 21 -11.81 -3.62 4.51
C LYS A 21 -12.21 -3.63 5.99
N SER A 22 -12.07 -2.47 6.64
CA SER A 22 -12.40 -2.35 8.05
C SER A 22 -13.91 -2.19 8.24
N ALA A 23 -14.55 -1.50 7.31
CA ALA A 23 -15.99 -1.29 7.38
C ALA A 23 -16.57 -1.01 5.99
N ASP A 24 -16.53 0.25 5.58
CA ASP A 24 -17.04 0.64 4.28
C ASP A 24 -16.41 1.94 3.81
N PRO A 25 -15.07 2.05 3.95
CA PRO A 25 -14.31 3.23 3.56
C PRO A 25 -14.25 3.40 2.05
N LEU A 26 -13.22 2.84 1.43
CA LEU A 26 -13.04 2.92 -0.01
C LEU A 26 -13.57 1.67 -0.70
N PRO A 27 -13.66 1.72 -2.04
CA PRO A 27 -14.14 0.59 -2.84
C PRO A 27 -13.16 -0.57 -2.85
N MET A 28 -11.95 -0.33 -2.37
CA MET A 28 -10.92 -1.37 -2.31
C MET A 28 -10.33 -1.60 -3.70
N LEU A 29 -11.19 -1.81 -4.69
CA LEU A 29 -10.75 -2.06 -6.05
C LEU A 29 -9.49 -1.25 -6.37
N ARG A 30 -8.40 -1.96 -6.67
CA ARG A 30 -7.14 -1.32 -6.98
C ARG A 30 -6.68 -1.69 -8.40
N PRO A 31 -7.34 -1.08 -9.40
CA PRO A 31 -7.01 -1.32 -10.81
C PRO A 31 -5.66 -0.75 -11.20
N PRO A 32 -5.20 -1.09 -12.42
CA PRO A 32 -3.92 -0.62 -12.94
C PRO A 32 -3.93 0.87 -13.28
N ASP A 33 -5.13 1.46 -13.21
CA ASP A 33 -5.29 2.88 -13.50
C ASP A 33 -5.04 3.73 -12.25
N LEU A 34 -5.09 3.08 -11.09
CA LEU A 34 -4.88 3.78 -9.83
C LEU A 34 -3.39 3.86 -9.50
N LEU A 35 -2.91 2.91 -8.70
CA LEU A 35 -1.50 2.88 -8.32
C LEU A 35 -0.70 1.99 -9.25
N ALA A 36 -1.10 0.72 -9.35
CA ALA A 36 -0.41 -0.24 -10.21
C ALA A 36 1.10 -0.20 -9.98
N VAL A 37 1.85 -0.48 -11.03
CA VAL A 37 3.31 -0.48 -10.95
C VAL A 37 3.83 0.88 -10.51
N GLY A 38 2.96 1.87 -10.49
CA GLY A 38 3.35 3.21 -10.08
C GLY A 38 3.03 3.49 -8.64
N GLU A 39 2.79 2.43 -7.86
CA GLU A 39 2.47 2.58 -6.45
C GLU A 39 3.40 3.57 -5.78
N GLN A 40 4.44 3.05 -5.12
CA GLN A 40 5.41 3.89 -4.43
C GLN A 40 4.70 4.93 -3.56
N GLY A 41 4.61 4.63 -2.27
CA GLY A 41 3.96 5.55 -1.35
C GLY A 41 4.28 5.24 0.10
N THR A 42 3.83 6.12 1.01
CA THR A 42 4.08 5.93 2.43
C THR A 42 2.87 5.30 3.11
N ILE A 43 3.07 4.83 4.34
CA ILE A 43 1.99 4.21 5.10
C ILE A 43 2.18 4.43 6.60
N THR A 44 1.12 4.90 7.25
CA THR A 44 1.16 5.15 8.70
C THR A 44 0.00 4.48 9.41
N GLY A 45 -0.08 3.16 9.30
CA GLY A 45 -1.14 2.42 9.94
C GLY A 45 -0.63 1.39 10.93
N LEU A 46 -1.54 0.72 11.62
CA LEU A 46 -1.18 -0.29 12.59
C LEU A 46 -0.65 0.35 13.88
N ARG A 47 0.23 1.33 13.72
CA ARG A 47 0.81 2.03 14.87
C ARG A 47 -0.28 2.71 15.70
N PRO A 48 -1.16 3.44 15.03
CA PRO A 48 -2.26 4.16 15.69
C PRO A 48 -3.33 3.21 16.23
N GLY A 49 -3.57 2.12 15.50
CA GLY A 49 -4.56 1.15 15.92
C GLY A 49 -4.42 -0.17 15.21
N GLY A 50 -4.90 -0.24 13.97
CA GLY A 50 -4.82 -1.47 13.21
C GLY A 50 -5.32 -1.30 11.79
N TYR A 51 -5.16 -0.11 11.24
CA TYR A 51 -5.60 0.18 9.88
C TYR A 51 -4.46 0.72 9.03
N TRP A 52 -4.06 -0.05 8.03
CA TRP A 52 -2.98 0.36 7.14
C TRP A 52 -3.38 1.56 6.30
N VAL A 53 -2.86 2.73 6.66
CA VAL A 53 -3.17 3.95 5.94
C VAL A 53 -2.02 4.36 5.01
N VAL A 54 -2.18 4.09 3.73
CA VAL A 54 -1.16 4.43 2.74
C VAL A 54 -1.52 5.71 1.99
N LEU A 55 -0.50 6.49 1.66
CA LEU A 55 -0.70 7.74 0.94
C LEU A 55 0.24 7.85 -0.26
N PHE A 56 -0.31 7.64 -1.45
CA PHE A 56 0.48 7.70 -2.68
C PHE A 56 -0.11 8.72 -3.65
N ASP A 57 0.55 8.90 -4.78
CA ASP A 57 0.09 9.83 -5.80
C ASP A 57 -1.43 9.88 -5.84
N ARG A 58 -2.05 8.74 -6.12
CA ARG A 58 -3.50 8.66 -6.19
C ARG A 58 -4.15 9.42 -5.03
N GLY A 59 -3.56 9.31 -3.85
CA GLY A 59 -4.08 9.99 -2.68
C GLY A 59 -4.09 9.11 -1.45
N SER A 60 -5.28 8.83 -0.94
CA SER A 60 -5.42 7.99 0.25
C SER A 60 -6.15 6.70 -0.08
N PHE A 61 -5.76 5.62 0.59
CA PHE A 61 -6.38 4.31 0.36
C PHE A 61 -5.91 3.31 1.41
N LEU A 62 -6.84 2.50 1.91
CA LEU A 62 -6.52 1.49 2.92
C LEU A 62 -6.12 0.17 2.26
N LEU A 63 -5.35 -0.63 2.98
CA LEU A 63 -4.89 -1.92 2.46
C LEU A 63 -4.54 -2.86 3.61
N ASP A 64 -4.16 -4.09 3.26
CA ASP A 64 -3.80 -5.08 4.26
C ASP A 64 -2.34 -5.51 4.09
N THR A 65 -1.74 -6.00 5.18
CA THR A 65 -0.35 -6.44 5.15
C THR A 65 -0.21 -7.78 4.44
N GLN A 66 -0.09 -7.73 3.11
CA GLN A 66 0.05 -8.95 2.32
C GLN A 66 1.18 -8.79 1.30
N PHE A 67 1.04 -7.82 0.41
CA PHE A 67 2.04 -7.56 -0.62
C PHE A 67 1.81 -6.22 -1.30
N LEU A 68 0.58 -6.00 -1.75
CA LEU A 68 0.23 -4.75 -2.42
C LEU A 68 0.18 -3.60 -1.42
N SER A 69 0.91 -2.53 -1.72
CA SER A 69 0.96 -1.36 -0.86
C SER A 69 1.55 -1.71 0.50
N LYS A 70 2.79 -2.20 0.49
CA LYS A 70 3.48 -2.57 1.72
C LYS A 70 4.69 -3.44 1.42
N VAL A 71 5.79 -2.80 1.03
CA VAL A 71 7.02 -3.52 0.72
C VAL A 71 7.40 -4.48 1.84
N GLU A 72 7.30 -5.77 1.55
CA GLU A 72 7.64 -6.79 2.55
C GLU A 72 8.07 -8.08 1.86
N SER A 73 7.41 -8.42 0.75
CA SER A 73 7.73 -9.63 0.01
C SER A 73 9.23 -9.77 -0.20
N GLY A 74 9.91 -8.64 -0.37
CA GLY A 74 11.34 -8.65 -0.58
C GLY A 74 11.82 -7.46 -1.39
N ALA A 75 11.20 -6.31 -1.18
CA ALA A 75 11.57 -5.10 -1.91
C ALA A 75 10.88 -5.05 -3.27
N SER A 76 10.08 -6.07 -3.57
CA SER A 76 9.38 -6.14 -4.84
C SER A 76 10.30 -5.75 -6.00
N SER A 77 10.29 -4.47 -6.33
CA SER A 77 11.12 -3.96 -7.43
C SER A 77 11.02 -2.44 -7.52
N SER A 78 11.66 -1.87 -8.53
CA SER A 78 11.65 -0.43 -8.73
C SER A 78 11.48 -0.09 -10.21
N GLU A 79 11.12 -1.09 -11.00
CA GLU A 79 10.92 -0.89 -12.44
C GLU A 79 9.61 -1.53 -12.89
N GLY A 80 9.13 -1.13 -14.07
CA GLY A 80 7.90 -1.67 -14.59
C GLY A 80 8.13 -2.70 -15.67
N MET A 3 16.44 6.10 5.83
CA MET A 3 15.92 5.74 4.51
C MET A 3 16.09 6.89 3.53
N ASP A 4 15.04 7.68 3.36
CA ASP A 4 15.07 8.81 2.45
C ASP A 4 14.07 9.89 2.86
N PHE A 5 12.80 9.65 2.55
CA PHE A 5 11.75 10.60 2.90
C PHE A 5 11.76 10.91 4.39
N ALA A 6 10.93 10.21 5.15
CA ALA A 6 10.85 10.42 6.59
C ALA A 6 9.72 9.58 7.20
N ILE A 7 9.88 8.27 7.16
CA ILE A 7 8.88 7.36 7.71
C ILE A 7 9.44 5.96 7.90
N GLY A 8 10.34 5.57 6.99
CA GLY A 8 10.94 4.24 7.06
C GLY A 8 10.05 3.17 6.47
N ASP A 9 8.76 3.45 6.38
CA ASP A 9 7.79 2.50 5.83
C ASP A 9 7.74 2.62 4.31
N ARG A 10 8.77 2.12 3.64
CA ARG A 10 8.83 2.16 2.18
C ARG A 10 7.76 1.27 1.56
N VAL A 11 6.83 1.88 0.85
CA VAL A 11 5.75 1.14 0.21
C VAL A 11 6.01 0.98 -1.29
N ARG A 12 5.56 -0.14 -1.85
CA ARG A 12 5.74 -0.41 -3.26
C ARG A 12 5.10 -1.74 -3.65
N LEU A 13 5.11 -2.04 -4.95
CA LEU A 13 4.52 -3.28 -5.45
C LEU A 13 4.98 -4.48 -4.62
N ALA A 14 4.20 -5.55 -4.65
CA ALA A 14 4.53 -6.76 -3.91
C ALA A 14 3.38 -7.76 -3.95
N ALA A 15 3.26 -8.48 -5.05
CA ALA A 15 2.20 -9.48 -5.21
C ALA A 15 0.87 -8.81 -5.46
N GLN A 16 -0.21 -9.45 -5.01
CA GLN A 16 -1.56 -8.92 -5.18
C GLN A 16 -2.49 -9.42 -4.10
N PRO A 17 -3.43 -8.56 -3.67
CA PRO A 17 -4.40 -8.90 -2.62
C PRO A 17 -5.43 -9.93 -3.10
N PRO A 18 -5.91 -10.75 -2.17
CA PRO A 18 -6.91 -11.78 -2.47
C PRO A 18 -8.27 -11.19 -2.80
N TYR A 19 -8.76 -10.32 -1.94
CA TYR A 19 -10.06 -9.67 -2.13
C TYR A 19 -10.32 -8.63 -1.05
N LEU A 20 -9.67 -7.47 -1.17
CA LEU A 20 -9.84 -6.40 -0.20
C LEU A 20 -11.28 -5.91 -0.18
N LYS A 21 -11.47 -4.63 0.10
CA LYS A 21 -12.79 -4.03 0.17
C LYS A 21 -13.51 -4.44 1.44
N SER A 22 -13.49 -3.56 2.44
CA SER A 22 -14.14 -3.83 3.71
C SER A 22 -15.65 -3.64 3.61
N ALA A 23 -16.06 -2.68 2.78
CA ALA A 23 -17.48 -2.40 2.58
C ALA A 23 -17.67 -1.03 1.95
N ASP A 24 -16.94 -0.75 0.88
CA ASP A 24 -17.03 0.53 0.20
C ASP A 24 -17.05 1.69 1.19
N PRO A 25 -16.12 1.64 2.16
CA PRO A 25 -16.01 2.68 3.20
C PRO A 25 -15.51 4.01 2.64
N LEU A 26 -14.39 3.95 1.92
CA LEU A 26 -13.82 5.16 1.32
C LEU A 26 -12.35 4.93 0.96
N PRO A 27 -11.57 4.48 1.95
CA PRO A 27 -10.13 4.21 1.77
C PRO A 27 -9.88 3.00 0.87
N MET A 28 -10.94 2.24 0.59
CA MET A 28 -10.84 1.06 -0.25
C MET A 28 -11.37 1.35 -1.66
N LEU A 29 -12.68 1.47 -1.77
CA LEU A 29 -13.32 1.74 -3.06
C LEU A 29 -12.57 1.04 -4.19
N ARG A 30 -12.61 1.65 -5.38
CA ARG A 30 -11.93 1.08 -6.54
C ARG A 30 -12.08 2.00 -7.75
N PRO A 31 -11.27 3.06 -7.79
CA PRO A 31 -11.30 4.03 -8.89
C PRO A 31 -10.76 3.44 -10.19
N PRO A 32 -10.93 4.19 -11.30
CA PRO A 32 -10.48 3.76 -12.62
C PRO A 32 -8.96 3.77 -12.74
N ASP A 33 -8.29 4.32 -11.74
CA ASP A 33 -6.84 4.39 -11.73
C ASP A 33 -6.27 3.73 -10.48
N LEU A 34 -5.80 2.50 -10.63
CA LEU A 34 -5.23 1.76 -9.50
C LEU A 34 -3.71 1.76 -9.57
N LEU A 35 -3.08 1.40 -8.46
CA LEU A 35 -1.62 1.36 -8.40
C LEU A 35 -1.06 0.32 -9.37
N ALA A 36 -1.09 -0.95 -8.97
CA ALA A 36 -0.59 -2.03 -9.81
C ALA A 36 0.92 -2.18 -9.67
N VAL A 37 1.59 -1.09 -9.33
CA VAL A 37 3.04 -1.10 -9.16
C VAL A 37 3.45 -0.39 -7.87
N GLY A 38 2.47 0.07 -7.12
CA GLY A 38 2.74 0.76 -5.87
C GLY A 38 3.13 2.22 -6.09
N GLU A 39 3.56 2.54 -7.30
CA GLU A 39 3.96 3.91 -7.63
C GLU A 39 4.65 4.57 -6.44
N GLN A 40 5.31 3.76 -5.62
CA GLN A 40 6.02 4.27 -4.45
C GLN A 40 5.06 5.00 -3.51
N GLY A 41 4.97 4.50 -2.28
CA GLY A 41 4.08 5.12 -1.31
C GLY A 41 4.59 4.98 0.11
N THR A 42 3.90 5.59 1.06
CA THR A 42 4.30 5.55 2.46
C THR A 42 3.20 4.92 3.32
N ILE A 43 3.54 3.82 3.99
CA ILE A 43 2.60 3.12 4.84
C ILE A 43 2.79 3.49 6.31
N THR A 44 1.80 4.16 6.88
CA THR A 44 1.86 4.57 8.27
C THR A 44 0.68 4.01 9.07
N GLY A 45 0.57 2.69 9.10
CA GLY A 45 -0.50 2.05 9.84
C GLY A 45 -0.02 1.33 11.08
N LEU A 46 -0.95 0.85 11.89
CA LEU A 46 -0.61 0.14 13.11
C LEU A 46 -0.13 1.10 14.19
N ARG A 47 0.73 2.03 13.79
CA ARG A 47 1.28 3.02 14.73
C ARG A 47 0.18 3.94 15.24
N PRO A 48 -0.61 4.49 14.32
CA PRO A 48 -1.71 5.40 14.66
C PRO A 48 -2.86 4.69 15.35
N GLY A 49 -3.22 3.51 14.85
CA GLY A 49 -4.30 2.74 15.43
C GLY A 49 -4.15 1.25 15.20
N GLY A 50 -4.83 0.74 14.19
CA GLY A 50 -4.76 -0.68 13.88
C GLY A 50 -5.06 -0.98 12.42
N TYR A 51 -4.93 0.04 11.57
CA TYR A 51 -5.21 -0.12 10.14
C TYR A 51 -3.96 0.20 9.33
N TRP A 52 -4.09 0.08 8.01
CA TRP A 52 -2.98 0.35 7.10
C TRP A 52 -3.37 1.37 6.05
N VAL A 53 -2.58 2.43 5.94
CA VAL A 53 -2.85 3.48 4.96
C VAL A 53 -1.62 3.74 4.08
N VAL A 54 -1.83 3.70 2.77
CA VAL A 54 -0.74 3.93 1.83
C VAL A 54 -0.97 5.21 1.02
N LEU A 55 -0.11 6.20 1.24
CA LEU A 55 -0.22 7.47 0.53
C LEU A 55 0.79 7.56 -0.61
N PHE A 56 0.33 7.27 -1.81
CA PHE A 56 1.19 7.31 -3.00
C PHE A 56 0.52 8.08 -4.13
N ASP A 57 1.24 8.23 -5.24
CA ASP A 57 0.71 8.95 -6.40
C ASP A 57 -0.79 8.73 -6.54
N ARG A 58 -1.18 7.48 -6.72
CA ARG A 58 -2.59 7.13 -6.87
C ARG A 58 -3.44 7.85 -5.82
N GLY A 59 -2.91 7.94 -4.60
CA GLY A 59 -3.64 8.60 -3.53
C GLY A 59 -3.47 7.89 -2.20
N SER A 60 -4.55 7.84 -1.43
CA SER A 60 -4.52 7.19 -0.12
C SER A 60 -5.62 6.15 -0.01
N PHE A 61 -5.24 4.88 0.12
CA PHE A 61 -6.19 3.79 0.24
C PHE A 61 -5.69 2.73 1.21
N LEU A 62 -6.63 2.07 1.89
CA LEU A 62 -6.29 1.03 2.85
C LEU A 62 -5.60 -0.15 2.16
N LEU A 63 -4.84 -0.92 2.93
CA LEU A 63 -4.14 -2.08 2.40
C LEU A 63 -3.51 -2.90 3.51
N ASP A 64 -4.13 -4.03 3.83
CA ASP A 64 -3.63 -4.91 4.88
C ASP A 64 -2.12 -5.11 4.75
N THR A 65 -1.52 -5.76 5.74
CA THR A 65 -0.08 -6.01 5.73
C THR A 65 0.28 -7.06 4.69
N GLN A 66 -0.73 -7.57 3.99
CA GLN A 66 -0.51 -8.58 2.96
C GLN A 66 0.85 -8.40 2.30
N PHE A 67 0.88 -7.62 1.23
CA PHE A 67 2.13 -7.37 0.50
C PHE A 67 1.97 -6.18 -0.45
N LEU A 68 1.13 -6.37 -1.46
CA LEU A 68 0.89 -5.32 -2.46
C LEU A 68 0.95 -3.94 -1.82
N SER A 69 1.84 -3.10 -2.33
CA SER A 69 2.00 -1.75 -1.81
C SER A 69 2.46 -1.78 -0.36
N LYS A 70 3.71 -2.21 -0.15
CA LYS A 70 4.27 -2.28 1.19
C LYS A 70 5.58 -3.06 1.18
N VAL A 71 6.65 -2.43 0.70
CA VAL A 71 7.95 -3.07 0.64
C VAL A 71 8.40 -3.56 2.02
N GLU A 72 8.52 -4.88 2.17
CA GLU A 72 8.93 -5.46 3.43
C GLU A 72 9.40 -6.90 3.24
N SER A 73 8.72 -7.62 2.35
CA SER A 73 9.08 -9.01 2.07
C SER A 73 10.53 -9.13 1.63
N GLY A 74 11.01 -8.11 0.92
CA GLY A 74 12.38 -8.11 0.45
C GLY A 74 12.56 -7.29 -0.81
N ALA A 75 11.80 -6.22 -0.93
CA ALA A 75 11.88 -5.35 -2.10
C ALA A 75 11.47 -6.10 -3.37
N SER A 76 10.17 -6.27 -3.56
CA SER A 76 9.66 -6.96 -4.73
C SER A 76 10.51 -6.68 -5.96
N SER A 77 11.48 -7.54 -6.22
CA SER A 77 12.37 -7.37 -7.37
C SER A 77 12.80 -5.92 -7.51
N SER A 78 13.35 -5.59 -8.67
CA SER A 78 13.81 -4.22 -8.95
C SER A 78 13.22 -3.71 -10.25
N GLU A 79 12.54 -4.59 -10.97
CA GLU A 79 11.93 -4.22 -12.24
C GLU A 79 10.54 -4.84 -12.38
N GLY A 80 10.45 -6.13 -12.07
CA GLY A 80 9.17 -6.82 -12.17
C GLY A 80 8.53 -7.05 -10.82
N MET A 3 18.58 5.76 7.13
CA MET A 3 17.29 5.16 6.79
C MET A 3 17.31 4.59 5.37
N ASP A 4 16.82 5.36 4.42
CA ASP A 4 16.78 4.94 3.03
C ASP A 4 15.80 5.78 2.22
N PHE A 5 14.86 6.41 2.92
CA PHE A 5 13.86 7.25 2.27
C PHE A 5 13.69 8.58 3.02
N ALA A 6 12.67 8.65 3.86
CA ALA A 6 12.40 9.86 4.63
C ALA A 6 11.28 9.63 5.64
N ILE A 7 11.20 8.40 6.15
CA ILE A 7 10.18 8.06 7.13
C ILE A 7 10.64 6.91 8.02
N GLY A 8 10.26 5.69 7.64
CA GLY A 8 10.65 4.51 8.40
C GLY A 8 10.15 3.22 7.77
N ASP A 9 9.06 3.31 7.04
CA ASP A 9 8.48 2.14 6.39
C ASP A 9 7.97 2.49 4.99
N ARG A 10 8.60 1.92 3.98
CA ARG A 10 8.21 2.17 2.59
C ARG A 10 7.02 1.30 2.19
N VAL A 11 6.18 1.83 1.32
CA VAL A 11 5.01 1.10 0.85
C VAL A 11 4.85 1.22 -0.66
N ARG A 12 4.77 0.07 -1.33
CA ARG A 12 4.63 0.04 -2.78
C ARG A 12 3.77 -1.15 -3.22
N LEU A 13 3.27 -1.09 -4.44
CA LEU A 13 2.44 -2.16 -4.98
C LEU A 13 3.26 -3.10 -5.86
N ALA A 14 2.94 -4.39 -5.80
CA ALA A 14 3.64 -5.39 -6.60
C ALA A 14 2.79 -6.64 -6.79
N ALA A 15 2.48 -6.95 -8.05
CA ALA A 15 1.67 -8.12 -8.37
C ALA A 15 0.19 -7.87 -8.05
N GLN A 16 -0.16 -6.60 -7.91
CA GLN A 16 -1.54 -6.22 -7.61
C GLN A 16 -2.02 -6.88 -6.32
N PRO A 17 -2.98 -6.23 -5.64
CA PRO A 17 -3.54 -6.73 -4.38
C PRO A 17 -4.38 -7.99 -4.58
N PRO A 18 -4.47 -8.81 -3.52
CA PRO A 18 -5.25 -10.06 -3.56
C PRO A 18 -6.75 -9.80 -3.61
N TYR A 19 -7.23 -8.94 -2.74
CA TYR A 19 -8.65 -8.61 -2.68
C TYR A 19 -9.02 -7.99 -1.34
N LEU A 20 -8.10 -7.19 -0.79
CA LEU A 20 -8.33 -6.54 0.49
C LEU A 20 -9.74 -5.95 0.57
N LYS A 21 -9.88 -4.71 0.14
CA LYS A 21 -11.17 -4.03 0.15
C LYS A 21 -12.02 -4.50 1.33
N SER A 22 -11.73 -3.96 2.51
CA SER A 22 -12.46 -4.33 3.72
C SER A 22 -13.82 -3.64 3.75
N ALA A 23 -14.72 -4.07 2.87
CA ALA A 23 -16.06 -3.51 2.80
C ALA A 23 -16.07 -2.23 1.96
N ASP A 24 -14.93 -1.92 1.36
CA ASP A 24 -14.80 -0.72 0.53
C ASP A 24 -15.08 0.53 1.34
N PRO A 25 -14.29 0.75 2.40
CA PRO A 25 -14.43 1.91 3.27
C PRO A 25 -14.03 3.21 2.59
N LEU A 26 -13.68 3.11 1.31
CA LEU A 26 -13.27 4.28 0.54
C LEU A 26 -13.64 4.11 -0.94
N PRO A 27 -13.52 5.21 -1.70
CA PRO A 27 -13.84 5.21 -3.14
C PRO A 27 -12.82 4.41 -3.95
N MET A 28 -11.72 4.04 -3.32
CA MET A 28 -10.67 3.27 -3.98
C MET A 28 -11.26 2.05 -4.67
N LEU A 29 -11.90 1.18 -3.90
CA LEU A 29 -12.51 -0.03 -4.45
C LEU A 29 -11.47 -0.90 -5.14
N ARG A 30 -11.93 -1.88 -5.91
CA ARG A 30 -11.04 -2.77 -6.62
C ARG A 30 -11.06 -2.47 -8.12
N PRO A 31 -10.38 -1.38 -8.51
CA PRO A 31 -10.30 -0.96 -9.91
C PRO A 31 -9.45 -1.90 -10.76
N PRO A 32 -9.51 -1.73 -12.09
CA PRO A 32 -8.75 -2.56 -13.02
C PRO A 32 -7.25 -2.30 -12.95
N ASP A 33 -6.87 -1.25 -12.22
CA ASP A 33 -5.46 -0.89 -12.07
C ASP A 33 -5.24 -0.11 -10.78
N LEU A 34 -4.94 -0.82 -9.70
CA LEU A 34 -4.71 -0.19 -8.41
C LEU A 34 -3.54 0.79 -8.49
N LEU A 35 -2.83 0.93 -7.38
CA LEU A 35 -1.68 1.84 -7.31
C LEU A 35 -0.58 1.38 -8.25
N ALA A 36 -0.80 1.57 -9.55
CA ALA A 36 0.19 1.18 -10.55
C ALA A 36 0.56 2.37 -11.45
N VAL A 37 0.41 3.58 -10.91
CA VAL A 37 0.72 4.79 -11.65
C VAL A 37 2.11 5.31 -11.29
N GLY A 38 2.81 4.56 -10.44
CA GLY A 38 4.14 4.96 -10.02
C GLY A 38 4.72 4.05 -8.96
N GLU A 39 3.84 3.38 -8.22
CA GLU A 39 4.27 2.48 -7.15
C GLU A 39 5.30 3.14 -6.25
N GLN A 40 4.83 3.95 -5.32
CA GLN A 40 5.71 4.65 -4.39
C GLN A 40 4.91 5.49 -3.40
N GLY A 41 5.01 5.14 -2.12
CA GLY A 41 4.29 5.87 -1.09
C GLY A 41 4.83 5.60 0.29
N THR A 42 4.32 6.33 1.28
CA THR A 42 4.77 6.18 2.67
C THR A 42 3.68 5.55 3.52
N ILE A 43 4.09 4.78 4.52
CA ILE A 43 3.15 4.13 5.42
C ILE A 43 3.30 4.64 6.84
N THR A 44 2.16 4.95 7.48
CA THR A 44 2.17 5.46 8.84
C THR A 44 1.03 4.86 9.65
N GLY A 45 1.03 3.53 9.77
CA GLY A 45 -0.02 2.86 10.53
C GLY A 45 0.52 2.12 11.74
N LEU A 46 -0.38 1.55 12.53
CA LEU A 46 0.01 0.81 13.73
C LEU A 46 0.47 1.77 14.83
N ARG A 47 1.56 2.48 14.56
CA ARG A 47 2.10 3.44 15.52
C ARG A 47 0.98 4.13 16.29
N PRO A 48 0.11 4.83 15.57
CA PRO A 48 -1.02 5.55 16.17
C PRO A 48 -2.09 4.60 16.70
N GLY A 49 -2.52 3.68 15.87
CA GLY A 49 -3.54 2.72 16.28
C GLY A 49 -3.12 1.29 16.01
N GLY A 50 -3.71 0.68 14.97
CA GLY A 50 -3.38 -0.68 14.63
C GLY A 50 -3.72 -1.02 13.19
N TYR A 51 -3.80 0.01 12.35
CA TYR A 51 -4.11 -0.18 10.94
C TYR A 51 -2.93 0.21 10.07
N TRP A 52 -3.22 0.49 8.79
CA TRP A 52 -2.18 0.88 7.85
C TRP A 52 -2.69 1.95 6.88
N VAL A 53 -1.88 2.96 6.65
CA VAL A 53 -2.24 4.05 5.75
C VAL A 53 -1.17 4.28 4.69
N VAL A 54 -1.56 4.15 3.42
CA VAL A 54 -0.64 4.34 2.31
C VAL A 54 -0.91 5.65 1.59
N LEU A 55 -0.03 6.63 1.80
CA LEU A 55 -0.17 7.94 1.17
C LEU A 55 0.75 8.06 -0.04
N PHE A 56 0.19 7.87 -1.23
CA PHE A 56 0.95 7.96 -2.46
C PHE A 56 0.28 8.90 -3.46
N ASP A 57 0.91 9.09 -4.61
CA ASP A 57 0.37 9.96 -5.65
C ASP A 57 -1.16 9.88 -5.68
N ARG A 58 -1.68 8.68 -5.92
CA ARG A 58 -3.12 8.48 -5.97
C ARG A 58 -3.83 9.24 -4.86
N GLY A 59 -3.21 9.25 -3.68
CA GLY A 59 -3.79 9.95 -2.54
C GLY A 59 -3.50 9.26 -1.23
N SER A 60 -4.50 8.57 -0.69
CA SER A 60 -4.34 7.86 0.58
C SER A 60 -5.53 6.93 0.83
N PHE A 61 -5.24 5.63 0.89
CA PHE A 61 -6.29 4.64 1.13
C PHE A 61 -5.84 3.62 2.18
N LEU A 62 -6.81 3.07 2.90
CA LEU A 62 -6.52 2.09 3.94
C LEU A 62 -6.11 0.75 3.33
N LEU A 63 -5.25 0.03 4.03
CA LEU A 63 -4.78 -1.27 3.55
C LEU A 63 -4.25 -2.11 4.71
N ASP A 64 -3.84 -3.34 4.40
CA ASP A 64 -3.31 -4.25 5.41
C ASP A 64 -1.91 -4.72 5.02
N THR A 65 -1.24 -5.38 5.96
CA THR A 65 0.11 -5.89 5.72
C THR A 65 0.09 -7.01 4.69
N GLN A 66 -1.10 -7.47 4.34
CA GLN A 66 -1.25 -8.55 3.37
C GLN A 66 -0.05 -8.59 2.41
N PHE A 67 -0.16 -7.87 1.31
CA PHE A 67 0.91 -7.82 0.31
C PHE A 67 0.95 -6.46 -0.39
N LEU A 68 -0.12 -6.14 -1.11
CA LEU A 68 -0.21 -4.88 -1.83
C LEU A 68 -0.11 -3.70 -0.86
N SER A 69 0.82 -2.79 -1.15
CA SER A 69 1.02 -1.62 -0.31
C SER A 69 1.56 -2.02 1.06
N LYS A 70 2.79 -2.52 1.07
CA LYS A 70 3.42 -2.95 2.32
C LYS A 70 4.78 -3.59 2.05
N VAL A 71 5.80 -2.76 1.89
CA VAL A 71 7.15 -3.25 1.63
C VAL A 71 7.61 -4.20 2.74
N GLU A 72 7.19 -5.44 2.66
CA GLU A 72 7.56 -6.45 3.65
C GLU A 72 8.18 -7.68 2.98
N SER A 73 7.59 -8.11 1.87
CA SER A 73 8.07 -9.27 1.14
C SER A 73 9.41 -8.97 0.47
N GLY A 74 9.88 -7.74 0.63
CA GLY A 74 11.14 -7.35 0.04
C GLY A 74 10.99 -6.88 -1.40
N ALA A 75 10.10 -5.91 -1.62
CA ALA A 75 9.87 -5.39 -2.95
C ALA A 75 8.89 -6.25 -3.72
N SER A 76 8.98 -7.56 -3.52
CA SER A 76 8.10 -8.50 -4.19
C SER A 76 8.22 -8.37 -5.71
N SER A 77 7.87 -9.44 -6.43
CA SER A 77 7.95 -9.44 -7.88
C SER A 77 7.55 -8.08 -8.45
N SER A 78 8.46 -7.49 -9.23
CA SER A 78 8.22 -6.19 -9.83
C SER A 78 8.30 -6.27 -11.36
N GLU A 79 8.90 -7.35 -11.85
CA GLU A 79 9.04 -7.54 -13.29
C GLU A 79 7.92 -8.43 -13.83
N GLY A 80 7.38 -8.06 -14.99
CA GLY A 80 6.32 -8.83 -15.59
C GLY A 80 4.95 -8.37 -15.16
N MET A 3 12.06 10.02 11.42
CA MET A 3 11.48 8.68 11.33
C MET A 3 12.48 7.63 11.77
N ASP A 4 12.10 6.36 11.64
CA ASP A 4 12.97 5.25 12.02
C ASP A 4 13.95 4.92 10.91
N PHE A 5 13.47 4.18 9.90
CA PHE A 5 14.31 3.80 8.78
C PHE A 5 14.78 5.02 8.00
N ALA A 6 14.17 6.16 8.29
CA ALA A 6 14.53 7.41 7.62
C ALA A 6 14.23 7.33 6.13
N ILE A 7 12.96 7.17 5.79
CA ILE A 7 12.54 7.09 4.40
C ILE A 7 11.02 7.04 4.29
N GLY A 8 10.38 6.45 5.29
CA GLY A 8 8.93 6.35 5.28
C GLY A 8 8.45 5.00 4.77
N ASP A 9 9.39 4.11 4.47
CA ASP A 9 9.06 2.78 3.98
C ASP A 9 8.24 2.87 2.68
N ARG A 10 8.82 2.37 1.60
CA ARG A 10 8.14 2.40 0.31
C ARG A 10 6.87 1.54 0.34
N VAL A 11 5.83 2.01 -0.35
CA VAL A 11 4.57 1.28 -0.40
C VAL A 11 3.88 1.47 -1.75
N ARG A 12 3.92 0.45 -2.59
CA ARG A 12 3.32 0.50 -3.91
C ARG A 12 2.67 -0.84 -4.26
N LEU A 13 1.99 -0.88 -5.40
CA LEU A 13 1.33 -2.09 -5.86
C LEU A 13 2.16 -3.32 -5.53
N ALA A 14 1.50 -4.47 -5.44
CA ALA A 14 2.18 -5.73 -5.12
C ALA A 14 1.23 -6.90 -5.24
N ALA A 15 1.17 -7.49 -6.44
CA ALA A 15 0.29 -8.64 -6.68
C ALA A 15 -1.16 -8.31 -6.32
N GLN A 16 -1.45 -7.02 -6.18
CA GLN A 16 -2.79 -6.59 -5.84
C GLN A 16 -3.30 -7.31 -4.58
N PRO A 17 -4.43 -6.83 -4.05
CA PRO A 17 -5.04 -7.41 -2.85
C PRO A 17 -5.63 -8.79 -3.10
N PRO A 18 -5.59 -9.66 -2.08
CA PRO A 18 -6.12 -11.02 -2.18
C PRO A 18 -7.64 -11.05 -2.26
N TYR A 19 -8.29 -10.36 -1.33
CA TYR A 19 -9.74 -10.30 -1.29
C TYR A 19 -10.22 -9.51 -0.08
N LEU A 20 -9.99 -8.20 -0.11
CA LEU A 20 -10.41 -7.33 0.98
C LEU A 20 -10.87 -5.98 0.46
N LYS A 21 -11.60 -5.24 1.28
CA LYS A 21 -12.11 -3.93 0.90
C LYS A 21 -12.08 -2.97 2.09
N SER A 22 -12.08 -1.67 1.79
CA SER A 22 -12.05 -0.65 2.83
C SER A 22 -13.15 -0.89 3.86
N ALA A 23 -14.32 -1.29 3.38
CA ALA A 23 -15.46 -1.55 4.26
C ALA A 23 -16.77 -1.57 3.47
N ASP A 24 -16.88 -0.67 2.51
CA ASP A 24 -18.08 -0.57 1.69
C ASP A 24 -18.15 0.77 0.97
N PRO A 25 -18.20 1.86 1.74
CA PRO A 25 -18.27 3.22 1.20
C PRO A 25 -16.97 3.64 0.54
N LEU A 26 -15.92 2.84 0.73
CA LEU A 26 -14.61 3.14 0.15
C LEU A 26 -14.28 2.14 -0.96
N PRO A 27 -13.39 2.56 -1.88
CA PRO A 27 -12.96 1.72 -3.00
C PRO A 27 -12.09 0.55 -2.54
N MET A 28 -10.78 0.77 -2.52
CA MET A 28 -9.84 -0.27 -2.11
C MET A 28 -9.53 -1.21 -3.27
N LEU A 29 -10.58 -1.64 -3.98
CA LEU A 29 -10.41 -2.54 -5.11
C LEU A 29 -11.60 -2.46 -6.05
N ARG A 30 -11.33 -2.33 -7.34
CA ARG A 30 -12.38 -2.24 -8.34
C ARG A 30 -11.79 -2.26 -9.75
N PRO A 31 -11.05 -1.20 -10.10
CA PRO A 31 -10.43 -1.08 -11.42
C PRO A 31 -9.28 -2.07 -11.61
N PRO A 32 -8.78 -2.17 -12.85
CA PRO A 32 -7.68 -3.07 -13.20
C PRO A 32 -6.36 -2.63 -12.60
N ASP A 33 -6.33 -1.41 -12.07
CA ASP A 33 -5.13 -0.86 -11.46
C ASP A 33 -5.44 0.39 -10.65
N LEU A 34 -6.08 0.19 -9.49
CA LEU A 34 -6.45 1.31 -8.62
C LEU A 34 -5.21 2.06 -8.16
N LEU A 35 -4.04 1.49 -8.42
CA LEU A 35 -2.78 2.10 -8.03
C LEU A 35 -1.70 1.84 -9.07
N ALA A 36 -1.70 0.63 -9.62
CA ALA A 36 -0.71 0.25 -10.63
C ALA A 36 0.71 0.53 -10.16
N VAL A 37 1.69 0.09 -10.94
CA VAL A 37 3.09 0.30 -10.59
C VAL A 37 3.59 1.64 -11.10
N GLY A 38 2.69 2.43 -11.66
CA GLY A 38 3.05 3.73 -12.18
C GLY A 38 3.03 4.81 -11.12
N GLU A 39 2.89 4.40 -9.86
CA GLU A 39 2.85 5.34 -8.75
C GLU A 39 3.41 4.71 -7.48
N GLN A 40 3.82 5.55 -6.53
CA GLN A 40 4.38 5.07 -5.27
C GLN A 40 3.96 5.96 -4.12
N GLY A 41 4.06 5.45 -2.90
CA GLY A 41 3.69 6.22 -1.73
C GLY A 41 4.45 5.80 -0.49
N THR A 42 4.24 6.52 0.61
CA THR A 42 4.92 6.22 1.87
C THR A 42 3.93 5.74 2.92
N ILE A 43 4.39 4.86 3.80
CA ILE A 43 3.55 4.32 4.86
C ILE A 43 3.76 5.09 6.17
N THR A 44 2.84 4.91 7.10
CA THR A 44 2.92 5.58 8.39
C THR A 44 1.63 5.43 9.18
N GLY A 45 1.27 4.19 9.49
CA GLY A 45 0.05 3.93 10.24
C GLY A 45 0.14 2.68 11.09
N LEU A 46 1.14 2.63 11.97
CA LEU A 46 1.34 1.49 12.85
C LEU A 46 1.90 1.92 14.20
N ARG A 47 2.75 2.94 14.18
CA ARG A 47 3.35 3.45 15.41
C ARG A 47 2.30 4.12 16.28
N PRO A 48 1.58 5.08 15.71
CA PRO A 48 0.53 5.82 16.43
C PRO A 48 -0.69 4.96 16.74
N GLY A 49 -0.88 3.91 15.94
CA GLY A 49 -2.01 3.02 16.14
C GLY A 49 -1.76 1.64 15.57
N GLY A 50 -2.66 1.19 14.71
CA GLY A 50 -2.52 -0.14 14.11
C GLY A 50 -3.08 -0.19 12.71
N TYR A 51 -3.47 0.96 12.17
CA TYR A 51 -4.03 1.03 10.82
C TYR A 51 -2.99 1.55 9.83
N TRP A 52 -2.57 0.70 8.92
CA TRP A 52 -1.59 1.07 7.91
C TRP A 52 -2.13 2.17 7.01
N VAL A 53 -1.35 3.22 6.82
CA VAL A 53 -1.74 4.34 5.97
C VAL A 53 -0.71 4.60 4.89
N VAL A 54 -1.16 4.59 3.63
CA VAL A 54 -0.26 4.84 2.51
C VAL A 54 -0.66 6.10 1.75
N LEU A 55 0.33 6.91 1.41
CA LEU A 55 0.09 8.15 0.68
C LEU A 55 0.84 8.17 -0.64
N PHE A 56 0.17 7.75 -1.70
CA PHE A 56 0.77 7.72 -3.03
C PHE A 56 0.08 8.70 -3.97
N ASP A 57 0.60 8.80 -5.19
CA ASP A 57 0.03 9.70 -6.19
C ASP A 57 -1.49 9.78 -6.04
N ARG A 58 -2.16 8.63 -6.14
CA ARG A 58 -3.61 8.57 -6.03
C ARG A 58 -4.08 9.34 -4.80
N GLY A 59 -3.33 9.23 -3.71
CA GLY A 59 -3.70 9.91 -2.49
C GLY A 59 -3.66 9.01 -1.27
N SER A 60 -4.52 9.30 -0.29
CA SER A 60 -4.57 8.50 0.93
C SER A 60 -5.47 7.29 0.73
N PHE A 61 -5.02 6.14 1.25
CA PHE A 61 -5.79 4.91 1.13
C PHE A 61 -5.35 3.90 2.19
N LEU A 62 -6.32 3.26 2.83
CA LEU A 62 -6.04 2.27 3.86
C LEU A 62 -5.56 0.96 3.24
N LEU A 63 -4.68 0.26 3.96
CA LEU A 63 -4.14 -1.01 3.49
C LEU A 63 -3.61 -1.84 4.65
N ASP A 64 -3.12 -3.04 4.33
CA ASP A 64 -2.58 -3.93 5.35
C ASP A 64 -1.20 -4.44 4.95
N THR A 65 -0.52 -5.08 5.89
CA THR A 65 0.81 -5.63 5.63
C THR A 65 0.76 -6.76 4.61
N GLN A 66 -0.46 -7.16 4.24
CA GLN A 66 -0.63 -8.24 3.27
C GLN A 66 0.49 -8.24 2.25
N PHE A 67 0.29 -7.52 1.15
CA PHE A 67 1.29 -7.44 0.09
C PHE A 67 1.35 -6.03 -0.50
N LEU A 68 0.25 -5.59 -1.08
CA LEU A 68 0.17 -4.26 -1.67
C LEU A 68 0.45 -3.18 -0.63
N SER A 69 1.21 -2.17 -1.03
CA SER A 69 1.55 -1.06 -0.14
C SER A 69 2.37 -1.57 1.06
N LYS A 70 3.52 -2.16 0.76
CA LYS A 70 4.40 -2.68 1.81
C LYS A 70 5.56 -3.46 1.20
N VAL A 71 6.46 -2.76 0.52
CA VAL A 71 7.61 -3.39 -0.11
C VAL A 71 8.32 -4.33 0.86
N GLU A 72 7.88 -5.59 0.86
CA GLU A 72 8.47 -6.59 1.74
C GLU A 72 9.00 -7.78 0.93
N SER A 73 8.18 -8.26 0.01
CA SER A 73 8.55 -9.41 -0.82
C SER A 73 9.63 -9.01 -1.84
N GLY A 74 9.56 -7.76 -2.30
CA GLY A 74 10.52 -7.27 -3.27
C GLY A 74 9.96 -6.16 -4.14
N ALA A 75 9.09 -5.35 -3.57
CA ALA A 75 8.48 -4.24 -4.30
C ALA A 75 7.66 -4.75 -5.49
N SER A 76 7.47 -6.06 -5.54
CA SER A 76 6.71 -6.68 -6.62
C SER A 76 7.32 -6.34 -7.98
N SER A 77 8.64 -6.18 -8.00
CA SER A 77 9.35 -5.85 -9.23
C SER A 77 9.25 -6.98 -10.24
N SER A 78 9.54 -8.20 -9.79
CA SER A 78 9.46 -9.37 -10.66
C SER A 78 10.74 -9.50 -11.48
N GLU A 79 11.77 -8.76 -11.10
CA GLU A 79 13.04 -8.79 -11.80
C GLU A 79 14.18 -8.33 -10.89
N GLY A 80 15.42 -8.47 -11.37
CA GLY A 80 16.57 -8.07 -10.59
C GLY A 80 16.56 -8.66 -9.20
N MET A 3 18.87 6.57 6.03
CA MET A 3 18.64 5.72 4.86
C MET A 3 18.79 6.52 3.58
N ASP A 4 17.66 6.99 3.03
CA ASP A 4 17.68 7.77 1.80
C ASP A 4 16.39 8.56 1.65
N PHE A 5 15.33 7.88 1.24
CA PHE A 5 14.03 8.53 1.05
C PHE A 5 13.57 9.21 2.33
N ALA A 6 14.19 8.84 3.46
CA ALA A 6 13.86 9.41 4.75
C ALA A 6 12.38 9.19 5.08
N ILE A 7 12.05 8.00 5.55
CA ILE A 7 10.69 7.66 5.90
C ILE A 7 10.63 6.36 6.69
N GLY A 8 11.52 5.43 6.37
CA GLY A 8 11.55 4.16 7.06
C GLY A 8 10.44 3.24 6.63
N ASP A 9 9.21 3.75 6.63
CA ASP A 9 8.06 2.95 6.22
C ASP A 9 7.77 3.13 4.74
N ARG A 10 8.55 2.45 3.90
CA ARG A 10 8.38 2.52 2.46
C ARG A 10 7.38 1.49 1.97
N VAL A 11 6.65 1.83 0.91
CA VAL A 11 5.65 0.92 0.35
C VAL A 11 5.69 0.95 -1.17
N ARG A 12 5.35 -0.18 -1.78
CA ARG A 12 5.34 -0.29 -3.25
C ARG A 12 4.51 -1.48 -3.70
N LEU A 13 4.35 -1.62 -5.01
CA LEU A 13 3.57 -2.73 -5.57
C LEU A 13 4.00 -4.06 -4.96
N ALA A 14 3.03 -4.94 -4.76
CA ALA A 14 3.30 -6.25 -4.18
C ALA A 14 2.09 -7.17 -4.32
N ALA A 15 1.92 -7.75 -5.49
CA ALA A 15 0.81 -8.65 -5.75
C ALA A 15 -0.51 -7.88 -5.87
N GLN A 16 -1.62 -8.61 -5.87
CA GLN A 16 -2.93 -7.99 -5.98
C GLN A 16 -3.99 -8.81 -5.23
N PRO A 17 -4.92 -8.12 -4.58
CA PRO A 17 -6.00 -8.76 -3.81
C PRO A 17 -7.00 -9.46 -4.72
N PRO A 18 -7.59 -10.56 -4.22
CA PRO A 18 -8.58 -11.35 -4.96
C PRO A 18 -9.90 -10.61 -5.12
N TYR A 19 -10.44 -10.11 -4.02
CA TYR A 19 -11.69 -9.38 -4.04
C TYR A 19 -12.33 -9.33 -2.65
N LEU A 20 -11.88 -8.37 -1.84
CA LEU A 20 -12.40 -8.21 -0.49
C LEU A 20 -12.43 -6.73 -0.09
N LYS A 21 -13.16 -6.44 0.98
CA LYS A 21 -13.28 -5.06 1.46
C LYS A 21 -12.06 -4.68 2.31
N SER A 22 -11.79 -3.38 2.38
CA SER A 22 -10.66 -2.88 3.14
C SER A 22 -10.79 -3.26 4.62
N ALA A 23 -12.02 -3.27 5.11
CA ALA A 23 -12.28 -3.61 6.50
C ALA A 23 -13.66 -3.14 6.92
N ASP A 24 -14.17 -2.11 6.26
CA ASP A 24 -15.48 -1.56 6.57
C ASP A 24 -15.72 -0.25 5.85
N PRO A 25 -14.87 0.75 6.14
CA PRO A 25 -14.96 2.07 5.53
C PRO A 25 -14.58 2.06 4.05
N LEU A 26 -13.29 2.28 3.77
CA LEU A 26 -12.81 2.29 2.39
C LEU A 26 -13.11 0.98 1.70
N PRO A 27 -13.43 1.04 0.40
CA PRO A 27 -13.75 -0.14 -0.41
C PRO A 27 -12.52 -1.02 -0.66
N MET A 28 -11.83 -0.75 -1.76
CA MET A 28 -10.64 -1.53 -2.11
C MET A 28 -10.13 -1.13 -3.49
N LEU A 29 -11.05 -0.93 -4.43
CA LEU A 29 -10.68 -0.55 -5.78
C LEU A 29 -11.92 -0.45 -6.66
N ARG A 30 -12.33 0.79 -6.98
CA ARG A 30 -13.50 1.02 -7.81
C ARG A 30 -13.25 0.52 -9.23
N PRO A 31 -12.23 1.09 -9.89
CA PRO A 31 -11.88 0.72 -11.26
C PRO A 31 -11.29 -0.68 -11.35
N PRO A 32 -11.12 -1.18 -12.59
CA PRO A 32 -10.58 -2.52 -12.84
C PRO A 32 -9.08 -2.60 -12.50
N ASP A 33 -8.48 -1.45 -12.23
CA ASP A 33 -7.06 -1.39 -11.89
C ASP A 33 -6.63 0.03 -11.57
N LEU A 34 -6.54 0.34 -10.27
CA LEU A 34 -6.13 1.67 -9.83
C LEU A 34 -4.62 1.79 -9.75
N LEU A 35 -4.07 1.48 -8.58
CA LEU A 35 -2.62 1.55 -8.38
C LEU A 35 -1.90 0.55 -9.28
N ALA A 36 -1.59 -0.61 -8.73
CA ALA A 36 -0.90 -1.65 -9.48
C ALA A 36 0.07 -1.05 -10.50
N VAL A 37 0.93 -0.16 -10.03
CA VAL A 37 1.90 0.50 -10.90
C VAL A 37 3.20 0.78 -10.15
N GLY A 38 3.58 -0.14 -9.27
CA GLY A 38 4.80 0.03 -8.50
C GLY A 38 4.83 1.35 -7.74
N GLU A 39 3.68 1.99 -7.63
CA GLU A 39 3.57 3.26 -6.93
C GLU A 39 4.28 3.20 -5.58
N GLN A 40 5.30 4.04 -5.41
CA GLN A 40 6.06 4.08 -4.16
C GLN A 40 5.51 5.15 -3.22
N GLY A 41 5.39 4.80 -1.94
CA GLY A 41 4.88 5.75 -0.96
C GLY A 41 5.17 5.32 0.46
N THR A 42 4.82 6.18 1.42
CA THR A 42 5.04 5.87 2.83
C THR A 42 3.72 5.63 3.55
N ILE A 43 3.67 4.55 4.33
CA ILE A 43 2.47 4.20 5.07
C ILE A 43 2.57 4.65 6.52
N THR A 44 1.46 5.13 7.07
CA THR A 44 1.42 5.59 8.46
C THR A 44 0.28 4.93 9.22
N GLY A 45 0.34 3.60 9.34
CA GLY A 45 -0.69 2.88 10.06
C GLY A 45 -0.12 1.98 11.13
N LEU A 46 -1.00 1.32 11.88
CA LEU A 46 -0.59 0.43 12.95
C LEU A 46 -0.11 1.22 14.17
N ARG A 47 0.73 2.22 13.92
CA ARG A 47 1.26 3.06 14.98
C ARG A 47 0.15 3.89 15.62
N PRO A 48 -0.66 4.56 14.79
CA PRO A 48 -1.77 5.40 15.25
C PRO A 48 -2.90 4.58 15.84
N GLY A 49 -3.35 3.57 15.10
CA GLY A 49 -4.43 2.72 15.57
C GLY A 49 -4.20 1.26 15.24
N GLY A 50 -5.10 0.69 14.43
CA GLY A 50 -4.97 -0.70 14.06
C GLY A 50 -5.21 -0.93 12.58
N TYR A 51 -5.13 0.14 11.80
CA TYR A 51 -5.34 0.06 10.37
C TYR A 51 -4.09 0.47 9.60
N TRP A 52 -4.18 0.49 8.28
CA TRP A 52 -3.05 0.86 7.44
C TRP A 52 -3.43 2.02 6.51
N VAL A 53 -2.44 2.89 6.24
CA VAL A 53 -2.67 4.03 5.37
C VAL A 53 -1.53 4.19 4.37
N VAL A 54 -1.65 3.53 3.23
CA VAL A 54 -0.63 3.60 2.19
C VAL A 54 -0.74 4.90 1.39
N LEU A 55 0.20 5.81 1.63
CA LEU A 55 0.20 7.09 0.94
C LEU A 55 1.15 7.07 -0.25
N PHE A 56 0.58 6.95 -1.46
CA PHE A 56 1.37 6.91 -2.68
C PHE A 56 0.91 7.97 -3.66
N ASP A 57 1.59 8.06 -4.79
CA ASP A 57 1.24 9.03 -5.82
C ASP A 57 -0.27 9.22 -5.91
N ARG A 58 -0.98 8.13 -6.18
CA ARG A 58 -2.44 8.18 -6.29
C ARG A 58 -3.04 9.00 -5.16
N GLY A 59 -2.46 8.88 -3.97
CA GLY A 59 -2.95 9.62 -2.81
C GLY A 59 -2.79 8.84 -1.52
N SER A 60 -3.86 8.21 -1.06
CA SER A 60 -3.83 7.43 0.17
C SER A 60 -5.14 6.66 0.36
N PHE A 61 -5.02 5.36 0.55
CA PHE A 61 -6.18 4.51 0.75
C PHE A 61 -5.90 3.43 1.78
N LEU A 62 -6.97 2.78 2.26
CA LEU A 62 -6.84 1.72 3.26
C LEU A 62 -5.92 0.62 2.76
N LEU A 63 -5.01 0.18 3.62
CA LEU A 63 -4.07 -0.88 3.28
C LEU A 63 -4.16 -2.05 4.26
N ASP A 64 -3.50 -3.15 3.94
CA ASP A 64 -3.50 -4.32 4.80
C ASP A 64 -2.10 -4.91 4.92
N THR A 65 -1.86 -5.65 6.00
CA THR A 65 -0.57 -6.26 6.23
C THR A 65 -0.22 -7.25 5.12
N GLN A 66 -1.20 -7.60 4.31
CA GLN A 66 -1.01 -8.54 3.21
C GLN A 66 0.40 -8.39 2.63
N PHE A 67 0.54 -7.53 1.63
CA PHE A 67 1.83 -7.30 0.99
C PHE A 67 1.81 -5.99 0.20
N LEU A 68 1.02 -5.95 -0.86
CA LEU A 68 0.93 -4.76 -1.70
C LEU A 68 1.03 -3.49 -0.85
N SER A 69 1.97 -2.61 -1.21
CA SER A 69 2.17 -1.37 -0.48
C SER A 69 2.52 -1.64 0.98
N LYS A 70 3.71 -2.18 1.19
CA LYS A 70 4.18 -2.50 2.55
C LYS A 70 5.52 -3.21 2.51
N VAL A 71 6.53 -2.55 1.97
CA VAL A 71 7.87 -3.12 1.87
C VAL A 71 8.23 -3.86 3.15
N GLU A 72 7.95 -5.16 3.18
CA GLU A 72 8.26 -5.99 4.34
C GLU A 72 9.08 -7.21 3.95
N SER A 73 8.75 -7.80 2.81
CA SER A 73 9.44 -8.98 2.31
C SER A 73 10.84 -8.61 1.81
N GLY A 74 11.18 -7.33 1.93
CA GLY A 74 12.48 -6.87 1.48
C GLY A 74 12.51 -6.52 0.01
N ALA A 75 11.63 -5.60 -0.39
CA ALA A 75 11.55 -5.18 -1.78
C ALA A 75 11.07 -6.32 -2.68
N SER A 76 9.80 -6.68 -2.53
CA SER A 76 9.22 -7.76 -3.32
C SER A 76 8.68 -7.23 -4.65
N SER A 77 9.17 -6.07 -5.06
CA SER A 77 8.74 -5.46 -6.31
C SER A 77 9.20 -6.28 -7.51
N SER A 78 8.85 -5.82 -8.71
CA SER A 78 9.22 -6.51 -9.93
C SER A 78 10.44 -5.87 -10.58
N GLU A 79 10.99 -4.85 -9.91
CA GLU A 79 12.16 -4.16 -10.41
C GLU A 79 13.06 -3.70 -9.26
N GLY A 80 12.47 -3.02 -8.29
CA GLY A 80 13.23 -2.53 -7.15
C GLY A 80 14.21 -3.56 -6.63
N MET A 3 8.66 9.00 13.06
CA MET A 3 9.34 8.05 12.20
C MET A 3 9.81 6.83 12.99
N ASP A 4 10.78 6.12 12.44
CA ASP A 4 11.32 4.93 13.10
C ASP A 4 12.41 4.29 12.26
N PHE A 5 12.13 4.07 10.97
CA PHE A 5 13.08 3.46 10.07
C PHE A 5 13.90 4.53 9.35
N ALA A 6 13.38 5.75 9.33
CA ALA A 6 14.07 6.86 8.68
C ALA A 6 13.97 6.76 7.16
N ILE A 7 12.75 6.82 6.65
CA ILE A 7 12.52 6.73 5.21
C ILE A 7 11.04 6.91 4.88
N GLY A 8 10.18 6.48 5.80
CA GLY A 8 8.74 6.61 5.59
C GLY A 8 8.12 5.33 5.08
N ASP A 9 8.84 4.21 5.26
CA ASP A 9 8.35 2.92 4.81
C ASP A 9 8.05 2.92 3.32
N ARG A 10 8.79 2.11 2.57
CA ARG A 10 8.61 2.03 1.12
C ARG A 10 7.46 1.09 0.77
N VAL A 11 6.46 1.62 0.07
CA VAL A 11 5.30 0.84 -0.33
C VAL A 11 5.09 0.89 -1.84
N ARG A 12 5.58 -0.12 -2.53
CA ARG A 12 5.44 -0.19 -3.99
C ARG A 12 4.59 -1.39 -4.39
N LEU A 13 4.31 -1.49 -5.69
CA LEU A 13 3.51 -2.59 -6.22
C LEU A 13 3.95 -3.92 -5.62
N ALA A 14 3.06 -4.91 -5.65
CA ALA A 14 3.35 -6.23 -5.12
C ALA A 14 2.08 -7.05 -4.94
N ALA A 15 1.45 -7.41 -6.06
CA ALA A 15 0.23 -8.20 -6.04
C ALA A 15 -0.99 -7.31 -5.82
N GLN A 16 -2.17 -7.92 -5.82
CA GLN A 16 -3.41 -7.18 -5.62
C GLN A 16 -4.40 -7.99 -4.78
N PRO A 17 -5.12 -7.31 -3.88
CA PRO A 17 -6.11 -7.94 -3.01
C PRO A 17 -7.34 -8.42 -3.77
N PRO A 18 -7.94 -9.52 -3.29
CA PRO A 18 -9.13 -10.09 -3.92
C PRO A 18 -10.37 -9.21 -3.73
N TYR A 19 -10.63 -8.82 -2.50
CA TYR A 19 -11.78 -7.97 -2.19
C TYR A 19 -11.60 -7.26 -0.85
N LEU A 20 -10.38 -6.79 -0.60
CA LEU A 20 -10.06 -6.10 0.65
C LEU A 20 -10.21 -4.59 0.48
N LYS A 21 -10.81 -3.95 1.47
CA LYS A 21 -11.00 -2.50 1.44
C LYS A 21 -11.70 -2.02 2.71
N SER A 22 -11.36 -0.80 3.13
CA SER A 22 -11.94 -0.21 4.33
C SER A 22 -13.40 -0.64 4.49
N ALA A 23 -14.17 -0.47 3.42
CA ALA A 23 -15.59 -0.83 3.42
C ALA A 23 -16.20 -0.70 2.03
N ASP A 24 -15.72 0.27 1.26
CA ASP A 24 -16.21 0.49 -0.09
C ASP A 24 -15.88 1.91 -0.56
N PRO A 25 -16.37 2.91 0.19
CA PRO A 25 -16.14 4.32 -0.13
C PRO A 25 -14.68 4.73 0.08
N LEU A 26 -14.38 5.19 1.29
CA LEU A 26 -13.02 5.62 1.62
C LEU A 26 -12.01 5.04 0.64
N PRO A 27 -11.91 3.71 0.60
CA PRO A 27 -10.98 3.00 -0.29
C PRO A 27 -11.41 3.10 -1.75
N MET A 28 -12.19 2.13 -2.21
CA MET A 28 -12.67 2.11 -3.59
C MET A 28 -13.40 0.82 -3.89
N LEU A 29 -12.95 -0.28 -3.29
CA LEU A 29 -13.57 -1.58 -3.50
C LEU A 29 -13.47 -2.00 -4.96
N ARG A 30 -12.77 -3.10 -5.21
CA ARG A 30 -12.61 -3.61 -6.57
C ARG A 30 -12.53 -2.47 -7.57
N PRO A 31 -11.47 -1.67 -7.46
CA PRO A 31 -11.24 -0.52 -8.35
C PRO A 31 -10.89 -0.94 -9.78
N PRO A 32 -11.30 -0.13 -10.76
CA PRO A 32 -11.03 -0.40 -12.17
C PRO A 32 -9.56 -0.26 -12.53
N ASP A 33 -8.78 0.30 -11.61
CA ASP A 33 -7.35 0.48 -11.82
C ASP A 33 -6.65 0.84 -10.52
N LEU A 34 -6.39 -0.17 -9.70
CA LEU A 34 -5.72 0.04 -8.41
C LEU A 34 -4.26 0.42 -8.62
N LEU A 35 -3.93 1.66 -8.28
CA LEU A 35 -2.56 2.15 -8.42
C LEU A 35 -1.88 1.53 -9.64
N ALA A 36 -1.18 0.42 -9.41
CA ALA A 36 -0.48 -0.27 -10.50
C ALA A 36 0.25 0.71 -11.40
N VAL A 37 0.63 1.86 -10.84
CA VAL A 37 1.35 2.88 -11.58
C VAL A 37 2.64 3.26 -10.90
N GLY A 38 3.47 2.27 -10.62
CA GLY A 38 4.74 2.52 -9.96
C GLY A 38 4.60 2.66 -8.45
N GLU A 39 3.45 3.15 -8.02
CA GLU A 39 3.19 3.35 -6.59
C GLU A 39 4.36 4.06 -5.91
N GLN A 40 5.35 3.30 -5.49
CA GLN A 40 6.52 3.87 -4.83
C GLN A 40 6.13 5.07 -3.96
N GLY A 41 5.25 4.83 -2.99
CA GLY A 41 4.81 5.89 -2.11
C GLY A 41 5.26 5.69 -0.67
N THR A 42 4.98 6.67 0.18
CA THR A 42 5.37 6.59 1.58
C THR A 42 4.16 6.29 2.46
N ILE A 43 4.21 5.15 3.15
CA ILE A 43 3.12 4.74 4.03
C ILE A 43 3.37 5.21 5.45
N THR A 44 2.31 5.69 6.11
CA THR A 44 2.41 6.16 7.48
C THR A 44 1.28 5.61 8.35
N GLY A 45 1.22 4.28 8.44
CA GLY A 45 0.19 3.65 9.23
C GLY A 45 0.76 2.84 10.39
N LEU A 46 -0.12 2.32 11.23
CA LEU A 46 0.30 1.52 12.38
C LEU A 46 0.90 2.42 13.47
N ARG A 47 2.00 3.08 13.14
CA ARG A 47 2.67 3.96 14.08
C ARG A 47 1.66 4.68 14.97
N PRO A 48 0.69 5.36 14.34
CA PRO A 48 -0.35 6.10 15.04
C PRO A 48 -1.33 5.17 15.76
N GLY A 49 -1.59 4.01 15.16
CA GLY A 49 -2.50 3.05 15.76
C GLY A 49 -2.28 1.65 15.24
N GLY A 50 -3.14 1.21 14.32
CA GLY A 50 -3.01 -0.12 13.75
C GLY A 50 -3.56 -0.21 12.35
N TYR A 51 -3.59 0.93 11.66
CA TYR A 51 -4.10 0.98 10.29
C TYR A 51 -2.98 1.37 9.32
N TRP A 52 -2.99 0.74 8.15
CA TRP A 52 -1.98 1.02 7.13
C TRP A 52 -2.48 2.07 6.14
N VAL A 53 -1.66 3.09 5.91
CA VAL A 53 -2.03 4.16 4.99
C VAL A 53 -0.91 4.44 3.99
N VAL A 54 -1.17 4.15 2.72
CA VAL A 54 -0.18 4.36 1.66
C VAL A 54 -0.47 5.65 0.90
N LEU A 55 0.44 6.61 1.00
CA LEU A 55 0.29 7.89 0.31
C LEU A 55 1.13 7.93 -0.96
N PHE A 56 0.48 7.68 -2.10
CA PHE A 56 1.16 7.69 -3.39
C PHE A 56 0.41 8.56 -4.40
N ASP A 57 0.97 8.68 -5.59
CA ASP A 57 0.36 9.48 -6.64
C ASP A 57 -1.16 9.38 -6.60
N ARG A 58 -1.67 8.15 -6.74
CA ARG A 58 -3.10 7.92 -6.71
C ARG A 58 -3.77 8.75 -5.61
N GLY A 59 -3.10 8.86 -4.47
CA GLY A 59 -3.63 9.63 -3.37
C GLY A 59 -3.28 9.04 -2.02
N SER A 60 -4.25 8.38 -1.39
CA SER A 60 -4.03 7.77 -0.08
C SER A 60 -5.15 6.79 0.26
N PHE A 61 -4.80 5.50 0.28
CA PHE A 61 -5.78 4.46 0.58
C PHE A 61 -5.18 3.42 1.53
N LEU A 62 -6.05 2.73 2.26
CA LEU A 62 -5.61 1.72 3.21
C LEU A 62 -5.00 0.52 2.47
N LEU A 63 -4.07 -0.16 3.14
CA LEU A 63 -3.40 -1.32 2.55
C LEU A 63 -2.70 -2.14 3.63
N ASP A 64 -3.31 -3.26 4.00
CA ASP A 64 -2.73 -4.14 5.02
C ASP A 64 -1.29 -4.53 4.65
N THR A 65 -0.61 -5.19 5.58
CA THR A 65 0.76 -5.61 5.36
C THR A 65 0.83 -6.75 4.35
N GLN A 66 -0.33 -7.18 3.88
CA GLN A 66 -0.40 -8.27 2.90
C GLN A 66 0.86 -8.32 2.06
N PHE A 67 0.84 -7.63 0.93
CA PHE A 67 1.98 -7.59 0.02
C PHE A 67 2.06 -6.26 -0.72
N LEU A 68 1.04 -5.99 -1.52
CA LEU A 68 0.98 -4.74 -2.29
C LEU A 68 1.27 -3.54 -1.40
N SER A 69 2.22 -2.72 -1.82
CA SER A 69 2.60 -1.52 -1.06
C SER A 69 3.19 -1.91 0.30
N LYS A 70 4.35 -2.56 0.27
CA LYS A 70 5.01 -2.98 1.49
C LYS A 70 6.27 -3.79 1.18
N VAL A 71 7.20 -3.18 0.47
CA VAL A 71 8.45 -3.84 0.10
C VAL A 71 9.02 -4.63 1.28
N GLU A 72 8.77 -5.93 1.28
CA GLU A 72 9.26 -6.80 2.35
C GLU A 72 9.80 -8.11 1.78
N SER A 73 9.12 -8.64 0.78
CA SER A 73 9.54 -9.89 0.15
C SER A 73 10.93 -9.76 -0.46
N GLY A 74 11.24 -8.57 -0.93
CA GLY A 74 12.54 -8.32 -1.54
C GLY A 74 12.52 -7.15 -2.50
N ALA A 75 11.37 -6.90 -3.10
CA ALA A 75 11.23 -5.80 -4.05
C ALA A 75 9.89 -5.87 -4.78
N SER A 76 9.65 -7.00 -5.44
CA SER A 76 8.40 -7.19 -6.18
C SER A 76 8.39 -6.34 -7.45
N SER A 77 9.50 -6.37 -8.18
CA SER A 77 9.62 -5.60 -9.42
C SER A 77 8.86 -6.28 -10.55
N SER A 78 9.46 -7.33 -11.10
CA SER A 78 8.84 -8.06 -12.20
C SER A 78 9.88 -8.88 -12.96
N GLU A 79 11.14 -8.51 -12.82
CA GLU A 79 12.23 -9.21 -13.49
C GLU A 79 13.52 -9.11 -12.68
N GLY A 80 13.81 -7.90 -12.18
CA GLY A 80 15.01 -7.70 -11.39
C GLY A 80 16.26 -8.21 -12.10
N MET A 3 5.68 10.45 6.23
CA MET A 3 5.99 9.16 6.84
C MET A 3 5.83 9.24 8.36
N ASP A 4 6.29 8.21 9.05
CA ASP A 4 6.20 8.15 10.51
C ASP A 4 7.59 8.13 11.14
N PHE A 5 8.26 7.00 11.05
CA PHE A 5 9.59 6.85 11.61
C PHE A 5 10.57 7.83 10.97
N ALA A 6 11.35 7.33 10.02
CA ALA A 6 12.32 8.16 9.31
C ALA A 6 12.95 7.41 8.15
N ILE A 7 12.21 7.29 7.06
CA ILE A 7 12.69 6.59 5.88
C ILE A 7 11.72 6.75 4.70
N GLY A 8 10.43 6.84 5.03
CA GLY A 8 9.41 6.98 4.00
C GLY A 8 8.66 5.70 3.75
N ASP A 9 8.81 4.74 4.65
CA ASP A 9 8.12 3.46 4.51
C ASP A 9 7.98 3.06 3.05
N ARG A 10 8.98 2.36 2.53
CA ARG A 10 8.95 1.93 1.14
C ARG A 10 7.76 1.03 0.86
N VAL A 11 6.81 1.55 0.09
CA VAL A 11 5.60 0.80 -0.26
C VAL A 11 5.13 1.11 -1.67
N ARG A 12 5.01 0.07 -2.49
CA ARG A 12 4.58 0.24 -3.87
C ARG A 12 4.00 -1.06 -4.42
N LEU A 13 3.48 -1.00 -5.64
CA LEU A 13 2.89 -2.18 -6.28
C LEU A 13 3.63 -3.44 -5.87
N ALA A 14 2.90 -4.54 -5.75
CA ALA A 14 3.48 -5.82 -5.37
C ALA A 14 2.44 -6.94 -5.41
N ALA A 15 2.01 -7.28 -6.62
CA ALA A 15 1.01 -8.34 -6.80
C ALA A 15 -0.36 -7.88 -6.32
N GLN A 16 -1.14 -7.31 -7.24
CA GLN A 16 -2.48 -6.83 -6.90
C GLN A 16 -3.17 -7.77 -5.93
N PRO A 17 -3.82 -7.19 -4.91
CA PRO A 17 -4.54 -7.97 -3.89
C PRO A 17 -5.80 -8.64 -4.44
N PRO A 18 -6.13 -9.81 -3.89
CA PRO A 18 -7.31 -10.57 -4.32
C PRO A 18 -8.61 -9.89 -3.91
N TYR A 19 -8.64 -9.35 -2.69
CA TYR A 19 -9.82 -8.68 -2.18
C TYR A 19 -9.45 -7.70 -1.07
N LEU A 20 -8.43 -6.89 -1.32
CA LEU A 20 -7.97 -5.90 -0.34
C LEU A 20 -9.16 -5.22 0.33
N LYS A 21 -8.89 -4.55 1.44
CA LYS A 21 -9.94 -3.84 2.18
C LYS A 21 -10.67 -4.80 3.12
N SER A 22 -11.11 -4.27 4.26
CA SER A 22 -11.83 -5.07 5.24
C SER A 22 -12.45 -4.18 6.32
N ALA A 23 -11.77 -3.09 6.64
CA ALA A 23 -12.25 -2.16 7.65
C ALA A 23 -13.28 -1.19 7.07
N ASP A 24 -13.31 -1.11 5.74
CA ASP A 24 -14.25 -0.22 5.06
C ASP A 24 -13.71 1.21 5.01
N PRO A 25 -12.59 1.40 4.31
CA PRO A 25 -11.94 2.71 4.17
C PRO A 25 -12.75 3.65 3.30
N LEU A 26 -12.15 4.78 2.94
CA LEU A 26 -12.82 5.77 2.09
C LEU A 26 -13.16 5.19 0.73
N PRO A 27 -12.12 4.89 -0.07
CA PRO A 27 -12.28 4.32 -1.40
C PRO A 27 -12.80 2.88 -1.37
N MET A 28 -11.87 1.93 -1.34
CA MET A 28 -12.22 0.52 -1.31
C MET A 28 -12.55 0.00 -2.70
N LEU A 29 -13.69 0.44 -3.24
CA LEU A 29 -14.11 0.02 -4.57
C LEU A 29 -13.23 0.65 -5.65
N ARG A 30 -12.73 -0.17 -6.57
CA ARG A 30 -11.88 0.31 -7.65
C ARG A 30 -11.51 -0.82 -8.59
N PRO A 31 -11.03 -0.45 -9.79
CA PRO A 31 -10.62 -1.43 -10.81
C PRO A 31 -9.36 -2.19 -10.42
N PRO A 32 -9.04 -3.24 -11.18
CA PRO A 32 -7.86 -4.08 -10.93
C PRO A 32 -6.56 -3.33 -11.24
N ASP A 33 -6.68 -2.17 -11.87
CA ASP A 33 -5.51 -1.36 -12.22
C ASP A 33 -5.44 -0.12 -11.35
N LEU A 34 -5.97 -0.22 -10.14
CA LEU A 34 -5.97 0.91 -9.20
C LEU A 34 -4.59 1.58 -9.16
N LEU A 35 -3.61 0.87 -8.60
CA LEU A 35 -2.26 1.40 -8.51
C LEU A 35 -1.34 0.76 -9.55
N ALA A 36 -1.40 1.27 -10.77
CA ALA A 36 -0.58 0.75 -11.86
C ALA A 36 0.70 1.55 -12.01
N VAL A 37 0.65 2.59 -12.83
CA VAL A 37 1.80 3.45 -13.06
C VAL A 37 1.99 4.45 -11.92
N GLY A 38 1.01 4.51 -11.03
CA GLY A 38 1.09 5.42 -9.91
C GLY A 38 1.79 4.80 -8.70
N GLU A 39 2.50 3.71 -8.93
CA GLU A 39 3.22 3.03 -7.86
C GLU A 39 4.10 4.00 -7.09
N GLN A 40 4.92 3.46 -6.19
CA GLN A 40 5.82 4.28 -5.38
C GLN A 40 5.03 5.12 -4.38
N GLY A 41 5.06 4.70 -3.12
CA GLY A 41 4.34 5.43 -2.08
C GLY A 41 4.92 5.17 -0.70
N THR A 42 4.39 5.88 0.30
CA THR A 42 4.85 5.73 1.67
C THR A 42 3.71 5.32 2.60
N ILE A 43 3.84 4.17 3.24
CA ILE A 43 2.83 3.67 4.15
C ILE A 43 3.09 4.15 5.58
N THR A 44 2.07 4.74 6.20
CA THR A 44 2.19 5.23 7.57
C THR A 44 1.11 4.63 8.47
N GLY A 45 1.15 3.31 8.60
CA GLY A 45 0.18 2.63 9.44
C GLY A 45 0.83 1.90 10.60
N LEU A 46 0.01 1.39 11.51
CA LEU A 46 0.50 0.67 12.68
C LEU A 46 1.07 1.64 13.71
N ARG A 47 1.90 2.57 13.24
CA ARG A 47 2.51 3.55 14.12
C ARG A 47 1.45 4.47 14.73
N PRO A 48 0.58 5.01 13.87
CA PRO A 48 -0.49 5.92 14.29
C PRO A 48 -1.57 5.20 15.10
N GLY A 49 -1.91 3.98 14.67
CA GLY A 49 -2.93 3.22 15.37
C GLY A 49 -2.80 1.72 15.11
N GLY A 50 -3.65 1.22 14.21
CA GLY A 50 -3.61 -0.20 13.89
C GLY A 50 -4.06 -0.48 12.48
N TYR A 51 -4.01 0.54 11.62
CA TYR A 51 -4.42 0.39 10.24
C TYR A 51 -3.26 0.67 9.29
N TRP A 52 -3.50 0.50 7.99
CA TRP A 52 -2.46 0.73 6.98
C TRP A 52 -2.92 1.77 5.97
N VAL A 53 -2.13 2.83 5.83
CA VAL A 53 -2.45 3.90 4.89
C VAL A 53 -1.29 4.16 3.93
N VAL A 54 -1.56 3.96 2.64
CA VAL A 54 -0.53 4.17 1.62
C VAL A 54 -0.79 5.46 0.84
N LEU A 55 0.10 6.43 1.01
CA LEU A 55 -0.03 7.71 0.33
C LEU A 55 0.86 7.76 -0.91
N PHE A 56 0.26 7.54 -2.07
CA PHE A 56 1.00 7.56 -3.33
C PHE A 56 0.32 8.46 -4.35
N ASP A 57 0.94 8.61 -5.52
CA ASP A 57 0.39 9.44 -6.58
C ASP A 57 -1.13 9.34 -6.61
N ARG A 58 -1.64 8.14 -6.80
CA ARG A 58 -3.08 7.91 -6.85
C ARG A 58 -3.80 8.70 -5.76
N GLY A 59 -3.18 8.78 -4.59
CA GLY A 59 -3.77 9.50 -3.47
C GLY A 59 -3.49 8.85 -2.14
N SER A 60 -4.49 8.13 -1.61
CA SER A 60 -4.34 7.46 -0.32
C SER A 60 -5.48 6.46 -0.10
N PHE A 61 -5.12 5.20 0.13
CA PHE A 61 -6.10 4.15 0.35
C PHE A 61 -5.57 3.10 1.32
N LEU A 62 -6.48 2.47 2.05
CA LEU A 62 -6.10 1.45 3.02
C LEU A 62 -5.53 0.22 2.32
N LEU A 63 -4.75 -0.56 3.06
CA LEU A 63 -4.13 -1.77 2.51
C LEU A 63 -3.40 -2.55 3.60
N ASP A 64 -4.02 -3.64 4.06
CA ASP A 64 -3.43 -4.48 5.09
C ASP A 64 -1.98 -4.81 4.76
N THR A 65 -1.33 -5.55 5.65
CA THR A 65 0.06 -5.93 5.46
C THR A 65 0.20 -6.95 4.32
N GLN A 66 -0.94 -7.43 3.82
CA GLN A 66 -0.94 -8.40 2.74
C GLN A 66 0.39 -8.38 1.98
N PHE A 67 0.44 -7.57 0.92
CA PHE A 67 1.65 -7.46 0.11
C PHE A 67 1.68 -6.13 -0.65
N LEU A 68 0.69 -5.93 -1.50
CA LEU A 68 0.60 -4.70 -2.28
C LEU A 68 0.99 -3.49 -1.45
N SER A 69 1.88 -2.66 -2.00
CA SER A 69 2.36 -1.48 -1.30
C SER A 69 2.80 -1.81 0.12
N LYS A 70 3.92 -2.50 0.23
CA LYS A 70 4.46 -2.89 1.54
C LYS A 70 5.69 -3.77 1.37
N VAL A 71 6.78 -3.18 0.90
CA VAL A 71 8.02 -3.90 0.70
C VAL A 71 8.34 -4.79 1.91
N GLU A 72 7.87 -6.03 1.87
CA GLU A 72 8.10 -6.96 2.97
C GLU A 72 8.40 -8.37 2.43
N SER A 73 7.70 -8.73 1.35
CA SER A 73 7.89 -10.04 0.75
C SER A 73 9.32 -10.23 0.27
N GLY A 74 10.10 -9.14 0.29
CA GLY A 74 11.48 -9.21 -0.14
C GLY A 74 11.65 -8.83 -1.59
N ALA A 75 10.55 -8.50 -2.26
CA ALA A 75 10.57 -8.13 -3.66
C ALA A 75 9.18 -8.23 -4.28
N SER A 76 8.52 -9.36 -4.05
CA SER A 76 7.18 -9.57 -4.59
C SER A 76 7.22 -9.68 -6.12
N SER A 77 8.42 -9.93 -6.66
CA SER A 77 8.60 -10.04 -8.09
C SER A 77 9.81 -10.91 -8.42
N SER A 78 10.40 -10.69 -9.59
CA SER A 78 11.57 -11.45 -10.02
C SER A 78 12.75 -10.52 -10.29
N GLU A 79 12.48 -9.22 -10.34
CA GLU A 79 13.52 -8.23 -10.59
C GLU A 79 13.09 -6.85 -10.09
N GLY A 80 11.89 -6.44 -10.46
CA GLY A 80 11.38 -5.15 -10.04
C GLY A 80 10.38 -5.26 -8.90
N MET A 3 13.89 3.33 11.40
CA MET A 3 13.76 3.31 9.94
C MET A 3 15.02 2.78 9.28
N ASP A 4 15.07 2.84 7.95
CA ASP A 4 16.23 2.37 7.20
C ASP A 4 16.51 3.28 6.01
N PHE A 5 15.44 3.78 5.39
CA PHE A 5 15.58 4.67 4.24
C PHE A 5 15.51 6.13 4.67
N ALA A 6 14.29 6.68 4.62
CA ALA A 6 14.07 8.07 5.00
C ALA A 6 12.79 8.22 5.80
N ILE A 7 12.31 7.12 6.36
CA ILE A 7 11.08 7.14 7.15
C ILE A 7 10.85 5.79 7.82
N GLY A 8 11.28 4.71 7.16
CA GLY A 8 11.10 3.39 7.71
C GLY A 8 9.75 2.78 7.36
N ASP A 9 8.82 3.62 6.96
CA ASP A 9 7.48 3.18 6.59
C ASP A 9 7.24 3.35 5.09
N ARG A 10 7.83 2.48 4.29
CA ARG A 10 7.68 2.55 2.84
C ARG A 10 6.65 1.53 2.36
N VAL A 11 5.90 1.90 1.32
CA VAL A 11 4.87 1.03 0.77
C VAL A 11 4.98 0.97 -0.75
N ARG A 12 5.52 -0.14 -1.25
CA ARG A 12 5.69 -0.33 -2.68
C ARG A 12 4.69 -1.36 -3.22
N LEU A 13 4.01 -1.02 -4.32
CA LEU A 13 3.03 -1.90 -4.92
C LEU A 13 3.55 -3.34 -4.98
N ALA A 14 2.65 -4.28 -5.25
CA ALA A 14 3.02 -5.69 -5.33
C ALA A 14 1.80 -6.55 -5.64
N ALA A 15 1.28 -6.42 -6.85
CA ALA A 15 0.11 -7.20 -7.27
C ALA A 15 -1.18 -6.56 -6.76
N GLN A 16 -2.31 -7.00 -7.31
CA GLN A 16 -3.60 -6.46 -6.92
C GLN A 16 -4.43 -7.52 -6.19
N PRO A 17 -4.13 -7.69 -4.89
CA PRO A 17 -4.84 -8.66 -4.04
C PRO A 17 -6.28 -8.26 -3.78
N PRO A 18 -7.14 -9.27 -3.57
CA PRO A 18 -8.56 -9.05 -3.29
C PRO A 18 -8.80 -8.43 -1.91
N TYR A 19 -7.90 -8.71 -0.98
CA TYR A 19 -8.01 -8.18 0.37
C TYR A 19 -7.55 -6.73 0.43
N LEU A 20 -7.34 -6.13 -0.73
CA LEU A 20 -6.88 -4.75 -0.82
C LEU A 20 -7.88 -3.82 -0.13
N LYS A 21 -9.05 -4.34 0.20
CA LYS A 21 -10.09 -3.56 0.86
C LYS A 21 -10.98 -4.45 1.72
N SER A 22 -11.22 -4.02 2.95
CA SER A 22 -12.06 -4.78 3.87
C SER A 22 -13.53 -4.43 3.67
N ALA A 23 -13.80 -3.45 2.82
CA ALA A 23 -15.16 -3.03 2.54
C ALA A 23 -15.80 -2.38 3.77
N ASP A 24 -15.18 -1.31 4.25
CA ASP A 24 -15.68 -0.59 5.41
C ASP A 24 -14.83 0.64 5.71
N PRO A 25 -13.53 0.39 6.00
CA PRO A 25 -12.59 1.47 6.31
C PRO A 25 -12.25 2.32 5.10
N LEU A 26 -12.68 1.86 3.92
CA LEU A 26 -12.43 2.58 2.68
C LEU A 26 -12.94 1.79 1.48
N PRO A 27 -13.46 2.51 0.47
CA PRO A 27 -13.99 1.90 -0.75
C PRO A 27 -12.89 1.29 -1.62
N MET A 28 -12.37 2.09 -2.54
CA MET A 28 -11.31 1.65 -3.43
C MET A 28 -11.56 0.21 -3.90
N LEU A 29 -12.33 0.07 -4.97
CA LEU A 29 -12.63 -1.25 -5.52
C LEU A 29 -13.64 -1.14 -6.66
N ARG A 30 -13.20 -1.49 -7.86
CA ARG A 30 -14.05 -1.44 -9.04
C ARG A 30 -13.24 -1.63 -10.32
N PRO A 31 -12.28 -0.73 -10.55
CA PRO A 31 -11.41 -0.78 -11.74
C PRO A 31 -10.43 -1.94 -11.68
N PRO A 32 -10.07 -2.48 -12.86
CA PRO A 32 -9.13 -3.59 -12.98
C PRO A 32 -7.71 -3.19 -12.62
N ASP A 33 -7.48 -1.88 -12.50
CA ASP A 33 -6.15 -1.37 -12.17
C ASP A 33 -6.23 0.11 -11.78
N LEU A 34 -6.30 0.36 -10.49
CA LEU A 34 -6.38 1.73 -9.98
C LEU A 34 -4.99 2.30 -9.76
N LEU A 35 -4.29 1.78 -8.76
CA LEU A 35 -2.94 2.24 -8.44
C LEU A 35 -2.04 2.18 -9.67
N ALA A 36 -1.93 1.00 -10.27
CA ALA A 36 -1.12 0.81 -11.46
C ALA A 36 0.35 1.13 -11.16
N VAL A 37 0.67 2.42 -11.15
CA VAL A 37 2.04 2.86 -10.88
C VAL A 37 2.10 3.76 -9.65
N GLY A 38 1.84 3.18 -8.49
CA GLY A 38 1.86 3.94 -7.25
C GLY A 38 3.25 4.46 -6.92
N GLU A 39 4.23 4.12 -7.76
CA GLU A 39 5.60 4.56 -7.55
C GLU A 39 5.94 4.62 -6.06
N GLN A 40 5.32 3.74 -5.29
CA GLN A 40 5.54 3.69 -3.85
C GLN A 40 5.05 4.97 -3.18
N GLY A 41 4.83 4.90 -1.87
CA GLY A 41 4.36 6.06 -1.14
C GLY A 41 4.66 5.96 0.35
N THR A 42 4.35 7.03 1.08
CA THR A 42 4.60 7.06 2.52
C THR A 42 3.37 6.60 3.29
N ILE A 43 3.55 5.57 4.11
CA ILE A 43 2.45 5.03 4.91
C ILE A 43 2.57 5.46 6.37
N THR A 44 1.43 5.69 7.02
CA THR A 44 1.41 6.10 8.41
C THR A 44 0.22 5.50 9.15
N GLY A 45 0.14 4.18 9.18
CA GLY A 45 -0.95 3.50 9.84
C GLY A 45 -0.48 2.58 10.95
N LEU A 46 -1.42 1.98 11.66
CA LEU A 46 -1.10 1.07 12.75
C LEU A 46 -0.53 1.82 13.95
N ARG A 47 0.61 2.48 13.75
CA ARG A 47 1.24 3.24 14.82
C ARG A 47 0.21 3.82 15.77
N PRO A 48 -0.70 4.65 15.22
CA PRO A 48 -1.76 5.29 16.00
C PRO A 48 -2.81 4.30 16.48
N GLY A 49 -3.07 3.28 15.65
CA GLY A 49 -4.05 2.27 16.02
C GLY A 49 -3.74 0.92 15.40
N GLY A 50 -4.43 0.59 14.31
CA GLY A 50 -4.21 -0.68 13.65
C GLY A 50 -4.67 -0.67 12.20
N TYR A 51 -4.81 0.53 11.64
CA TYR A 51 -5.23 0.68 10.25
C TYR A 51 -4.11 1.25 9.39
N TRP A 52 -3.80 0.56 8.31
CA TRP A 52 -2.74 0.99 7.40
C TRP A 52 -3.25 2.07 6.46
N VAL A 53 -2.34 2.93 6.00
CA VAL A 53 -2.70 4.01 5.10
C VAL A 53 -1.55 4.35 4.15
N VAL A 54 -1.62 3.81 2.94
CA VAL A 54 -0.58 4.05 1.94
C VAL A 54 -0.88 5.31 1.13
N LEU A 55 0.00 6.30 1.26
CA LEU A 55 -0.17 7.56 0.54
C LEU A 55 0.69 7.59 -0.73
N PHE A 56 0.04 7.42 -1.88
CA PHE A 56 0.75 7.43 -3.15
C PHE A 56 0.09 8.40 -4.13
N ASP A 57 0.66 8.50 -5.33
CA ASP A 57 0.14 9.39 -6.36
C ASP A 57 -1.39 9.37 -6.35
N ARG A 58 -1.96 8.20 -6.58
CA ARG A 58 -3.41 8.04 -6.62
C ARG A 58 -4.05 8.74 -5.43
N GLY A 59 -3.33 8.81 -4.32
CA GLY A 59 -3.84 9.46 -3.12
C GLY A 59 -3.71 8.59 -1.89
N SER A 60 -4.70 8.69 -1.00
CA SER A 60 -4.69 7.90 0.23
C SER A 60 -5.69 6.76 0.16
N PHE A 61 -5.19 5.54 0.21
CA PHE A 61 -6.04 4.35 0.15
C PHE A 61 -5.64 3.34 1.22
N LEU A 62 -6.64 2.80 1.92
CA LEU A 62 -6.39 1.82 2.97
C LEU A 62 -5.37 0.77 2.51
N LEU A 63 -4.49 0.39 3.42
CA LEU A 63 -3.46 -0.61 3.10
C LEU A 63 -3.58 -1.81 4.04
N ASP A 64 -2.80 -2.86 3.74
CA ASP A 64 -2.82 -4.07 4.55
C ASP A 64 -1.43 -4.70 4.61
N THR A 65 -1.05 -5.17 5.79
CA THR A 65 0.26 -5.80 5.98
C THR A 65 0.33 -7.15 5.27
N GLN A 66 0.48 -7.10 3.94
CA GLN A 66 0.56 -8.33 3.15
C GLN A 66 1.68 -8.24 2.12
N PHE A 67 1.38 -7.62 0.99
CA PHE A 67 2.37 -7.46 -0.08
C PHE A 67 2.14 -6.16 -0.84
N LEU A 68 0.94 -6.01 -1.42
CA LEU A 68 0.60 -4.81 -2.18
C LEU A 68 0.85 -3.56 -1.35
N SER A 69 1.88 -2.80 -1.72
CA SER A 69 2.23 -1.57 -1.03
C SER A 69 2.46 -1.85 0.45
N LYS A 70 3.68 -2.26 0.79
CA LYS A 70 4.06 -2.55 2.17
C LYS A 70 5.47 -3.10 2.25
N VAL A 71 6.43 -2.30 1.80
CA VAL A 71 7.84 -2.71 1.82
C VAL A 71 8.13 -3.58 3.05
N GLU A 72 8.05 -4.90 2.86
CA GLU A 72 8.31 -5.83 3.95
C GLU A 72 9.22 -6.97 3.48
N SER A 73 8.96 -7.46 2.27
CA SER A 73 9.76 -8.55 1.71
C SER A 73 11.18 -8.08 1.38
N GLY A 74 11.43 -6.80 1.62
CA GLY A 74 12.75 -6.24 1.34
C GLY A 74 12.90 -5.79 -0.09
N ALA A 75 11.92 -6.13 -0.92
CA ALA A 75 11.94 -5.75 -2.33
C ALA A 75 10.96 -6.60 -3.14
N SER A 76 9.68 -6.34 -2.97
CA SER A 76 8.64 -7.07 -3.69
C SER A 76 8.41 -6.49 -5.08
N SER A 77 8.98 -7.13 -6.09
CA SER A 77 8.83 -6.67 -7.47
C SER A 77 7.56 -7.22 -8.09
N SER A 78 7.04 -6.49 -9.08
CA SER A 78 5.81 -6.90 -9.77
C SER A 78 6.10 -7.29 -11.21
N GLU A 79 7.37 -7.23 -11.59
CA GLU A 79 7.78 -7.58 -12.94
C GLU A 79 8.58 -8.88 -12.95
N GLY A 80 8.59 -9.56 -14.10
CA GLY A 80 9.32 -10.80 -14.21
C GLY A 80 8.61 -11.96 -13.54
N MET A 3 8.36 6.50 14.17
CA MET A 3 8.60 5.37 13.27
C MET A 3 9.58 4.38 13.90
N ASP A 4 10.24 3.60 13.07
CA ASP A 4 11.19 2.61 13.54
C ASP A 4 12.23 2.28 12.46
N PHE A 5 12.32 3.15 11.46
CA PHE A 5 13.25 2.96 10.35
C PHE A 5 14.13 4.19 10.16
N ALA A 6 13.62 5.15 9.40
CA ALA A 6 14.35 6.38 9.14
C ALA A 6 13.77 7.13 7.94
N ILE A 7 12.45 7.08 7.81
CA ILE A 7 11.77 7.76 6.71
C ILE A 7 10.25 7.65 6.85
N GLY A 8 9.67 6.66 6.19
CA GLY A 8 8.23 6.46 6.27
C GLY A 8 7.78 5.17 5.60
N ASP A 9 8.70 4.22 5.49
CA ASP A 9 8.40 2.94 4.86
C ASP A 9 7.86 3.14 3.45
N ARG A 10 8.65 2.74 2.46
CA ARG A 10 8.25 2.87 1.06
C ARG A 10 7.19 1.85 0.70
N VAL A 11 6.08 2.32 0.13
CA VAL A 11 4.99 1.43 -0.27
C VAL A 11 4.86 1.37 -1.78
N ARG A 12 5.02 0.18 -2.34
CA ARG A 12 4.92 -0.01 -3.78
C ARG A 12 4.09 -1.24 -4.12
N LEU A 13 3.81 -1.44 -5.40
CA LEU A 13 3.03 -2.58 -5.85
C LEU A 13 3.63 -3.89 -5.36
N ALA A 14 2.81 -4.93 -5.26
CA ALA A 14 3.26 -6.23 -4.81
C ALA A 14 2.12 -7.23 -4.76
N ALA A 15 1.88 -7.92 -5.87
CA ALA A 15 0.81 -8.91 -5.96
C ALA A 15 -0.54 -8.28 -5.63
N GLN A 16 -1.41 -8.20 -6.62
CA GLN A 16 -2.74 -7.63 -6.44
C GLN A 16 -3.35 -8.10 -5.12
N PRO A 17 -4.06 -7.18 -4.44
CA PRO A 17 -4.71 -7.47 -3.15
C PRO A 17 -5.90 -8.42 -3.32
N PRO A 18 -6.12 -9.28 -2.31
CA PRO A 18 -7.22 -10.24 -2.33
C PRO A 18 -8.59 -9.57 -2.17
N TYR A 19 -8.71 -8.72 -1.16
CA TYR A 19 -9.96 -8.01 -0.89
C TYR A 19 -9.84 -7.16 0.37
N LEU A 20 -8.64 -6.67 0.64
CA LEU A 20 -8.40 -5.84 1.82
C LEU A 20 -9.55 -4.86 2.04
N LYS A 21 -9.91 -4.66 3.30
CA LYS A 21 -10.99 -3.75 3.66
C LYS A 21 -11.52 -4.04 5.05
N SER A 22 -11.04 -3.29 6.03
CA SER A 22 -11.46 -3.48 7.41
C SER A 22 -12.98 -3.56 7.51
N ALA A 23 -13.67 -2.70 6.76
CA ALA A 23 -15.12 -2.67 6.77
C ALA A 23 -15.66 -1.95 5.53
N ASP A 24 -15.74 -0.63 5.62
CA ASP A 24 -16.24 0.18 4.51
C ASP A 24 -16.01 1.66 4.78
N PRO A 25 -14.75 2.02 5.12
CA PRO A 25 -14.37 3.41 5.41
C PRO A 25 -14.37 4.28 4.15
N LEU A 26 -13.22 4.35 3.49
CA LEU A 26 -13.10 5.14 2.27
C LEU A 26 -11.74 4.91 1.61
N PRO A 27 -11.48 3.66 1.24
CA PRO A 27 -10.21 3.28 0.58
C PRO A 27 -10.11 3.83 -0.84
N MET A 28 -10.55 3.03 -1.80
CA MET A 28 -10.50 3.44 -3.21
C MET A 28 -11.68 2.86 -3.98
N LEU A 29 -12.62 2.27 -3.25
CA LEU A 29 -13.81 1.68 -3.87
C LEU A 29 -13.51 0.28 -4.38
N ARG A 30 -12.27 0.05 -4.79
CA ARG A 30 -11.86 -1.26 -5.30
C ARG A 30 -12.22 -1.41 -6.77
N PRO A 31 -11.70 -0.50 -7.62
CA PRO A 31 -11.97 -0.53 -9.05
C PRO A 31 -11.30 -1.70 -9.75
N PRO A 32 -11.65 -1.91 -11.03
CA PRO A 32 -11.09 -3.00 -11.84
C PRO A 32 -9.62 -2.78 -12.18
N ASP A 33 -9.13 -1.59 -11.87
CA ASP A 33 -7.73 -1.25 -12.15
C ASP A 33 -7.22 -0.22 -11.15
N LEU A 34 -6.73 -0.69 -10.01
CA LEU A 34 -6.21 0.20 -8.97
C LEU A 34 -4.73 0.48 -9.19
N LEU A 35 -4.05 0.92 -8.14
CA LEU A 35 -2.62 1.22 -8.20
C LEU A 35 -1.87 0.10 -8.93
N ALA A 36 -0.75 0.47 -9.54
CA ALA A 36 0.08 -0.51 -10.26
C ALA A 36 1.25 0.17 -10.94
N VAL A 37 1.74 -0.44 -12.02
CA VAL A 37 2.87 0.11 -12.77
C VAL A 37 4.09 0.28 -11.86
N GLY A 38 4.03 -0.32 -10.68
CA GLY A 38 5.14 -0.22 -9.74
C GLY A 38 5.15 1.10 -9.01
N GLU A 39 4.03 1.81 -9.05
CA GLU A 39 3.91 3.09 -8.37
C GLU A 39 4.63 3.06 -7.03
N GLN A 40 4.99 4.25 -6.52
CA GLN A 40 5.67 4.36 -5.24
C GLN A 40 5.03 5.43 -4.37
N GLY A 41 5.01 5.19 -3.06
CA GLY A 41 4.42 6.15 -2.14
C GLY A 41 4.89 5.94 -0.71
N THR A 42 4.47 6.83 0.17
CA THR A 42 4.85 6.74 1.59
C THR A 42 3.69 6.25 2.44
N ILE A 43 3.95 5.25 3.26
CA ILE A 43 2.93 4.69 4.14
C ILE A 43 3.08 5.21 5.57
N THR A 44 1.97 5.66 6.15
CA THR A 44 1.98 6.16 7.51
C THR A 44 0.80 5.61 8.32
N GLY A 45 0.75 4.29 8.44
CA GLY A 45 -0.32 3.65 9.18
C GLY A 45 0.19 2.74 10.28
N LEU A 46 -0.71 2.21 11.09
CA LEU A 46 -0.34 1.33 12.19
C LEU A 46 0.33 2.09 13.30
N ARG A 47 1.48 2.70 12.99
CA ARG A 47 2.23 3.47 13.97
C ARG A 47 1.29 4.14 14.97
N PRO A 48 0.36 4.95 14.45
CA PRO A 48 -0.62 5.66 15.28
C PRO A 48 -1.64 4.73 15.92
N GLY A 49 -1.93 3.62 15.24
CA GLY A 49 -2.90 2.66 15.75
C GLY A 49 -2.78 1.32 15.07
N GLY A 50 -3.60 1.09 14.05
CA GLY A 50 -3.58 -0.17 13.33
C GLY A 50 -4.23 -0.08 11.97
N TYR A 51 -4.00 1.02 11.28
CA TYR A 51 -4.58 1.24 9.95
C TYR A 51 -3.52 1.67 8.95
N TRP A 52 -3.15 0.75 8.06
CA TRP A 52 -2.13 1.04 7.05
C TRP A 52 -2.61 2.15 6.10
N VAL A 53 -1.88 3.25 6.08
CA VAL A 53 -2.22 4.38 5.21
C VAL A 53 -1.16 4.59 4.15
N VAL A 54 -1.47 4.19 2.91
CA VAL A 54 -0.54 4.35 1.80
C VAL A 54 -0.90 5.56 0.95
N LEU A 55 0.06 6.46 0.79
CA LEU A 55 -0.15 7.67 0.00
C LEU A 55 0.61 7.60 -1.31
N PHE A 56 -0.11 7.75 -2.42
CA PHE A 56 0.51 7.71 -3.74
C PHE A 56 -0.23 8.61 -4.73
N ASP A 57 0.28 8.70 -5.94
CA ASP A 57 -0.34 9.52 -6.97
C ASP A 57 -1.87 9.53 -6.82
N ARG A 58 -2.47 8.35 -6.91
CA ARG A 58 -3.91 8.22 -6.80
C ARG A 58 -4.43 9.05 -5.62
N GLY A 59 -3.69 9.04 -4.53
CA GLY A 59 -4.10 9.79 -3.35
C GLY A 59 -3.65 9.14 -2.06
N SER A 60 -4.59 8.50 -1.37
CA SER A 60 -4.29 7.83 -0.11
C SER A 60 -5.44 6.90 0.30
N PHE A 61 -5.24 5.60 0.11
CA PHE A 61 -6.24 4.61 0.45
C PHE A 61 -5.71 3.63 1.49
N LEU A 62 -6.61 2.92 2.15
CA LEU A 62 -6.24 1.94 3.17
C LEU A 62 -5.86 0.61 2.53
N LEU A 63 -4.98 -0.14 3.19
CA LEU A 63 -4.54 -1.43 2.69
C LEU A 63 -4.03 -2.32 3.83
N ASP A 64 -3.67 -3.54 3.50
CA ASP A 64 -3.16 -4.49 4.50
C ASP A 64 -1.70 -4.84 4.21
N THR A 65 -1.06 -5.46 5.20
CA THR A 65 0.34 -5.85 5.06
C THR A 65 0.50 -6.92 3.99
N GLN A 66 -0.61 -7.49 3.55
CA GLN A 66 -0.58 -8.53 2.53
C GLN A 66 0.68 -8.42 1.67
N PHE A 67 0.58 -7.65 0.57
CA PHE A 67 1.71 -7.47 -0.33
C PHE A 67 1.62 -6.11 -1.03
N LEU A 68 0.60 -5.96 -1.87
CA LEU A 68 0.41 -4.70 -2.60
C LEU A 68 0.49 -3.50 -1.67
N SER A 69 1.26 -2.51 -2.07
CA SER A 69 1.43 -1.29 -1.27
C SER A 69 2.11 -1.61 0.05
N LYS A 70 3.33 -2.15 -0.03
CA LYS A 70 4.09 -2.50 1.16
C LYS A 70 5.37 -3.23 0.78
N VAL A 71 6.42 -2.47 0.52
CA VAL A 71 7.71 -3.06 0.14
C VAL A 71 7.98 -4.34 0.92
N GLU A 72 7.71 -5.48 0.28
CA GLU A 72 7.92 -6.78 0.92
C GLU A 72 9.35 -7.26 0.71
N SER A 73 9.88 -7.01 -0.49
CA SER A 73 11.24 -7.42 -0.82
C SER A 73 12.04 -6.26 -1.41
N GLY A 74 11.45 -5.06 -1.34
CA GLY A 74 12.12 -3.89 -1.86
C GLY A 74 11.82 -3.65 -3.33
N ALA A 75 10.59 -3.20 -3.60
CA ALA A 75 10.17 -2.93 -4.98
C ALA A 75 9.70 -4.20 -5.66
N SER A 76 10.15 -5.35 -5.15
CA SER A 76 9.78 -6.64 -5.73
C SER A 76 10.14 -6.70 -7.20
N SER A 77 11.15 -7.51 -7.52
CA SER A 77 11.60 -7.66 -8.90
C SER A 77 12.21 -9.04 -9.12
N SER A 78 12.11 -9.53 -10.36
CA SER A 78 12.65 -10.84 -10.70
C SER A 78 13.79 -10.72 -11.72
N GLU A 79 13.97 -9.50 -12.23
CA GLU A 79 15.03 -9.24 -13.21
C GLU A 79 15.77 -7.96 -12.88
N GLY A 80 15.14 -6.82 -13.14
CA GLY A 80 15.77 -5.54 -12.87
C GLY A 80 15.23 -4.89 -11.60
#